data_5CYH
# 
_entry.id   5CYH 
# 
_audit_conform.dict_name       mmcif_pdbx.dic 
_audit_conform.dict_version    5.387 
_audit_conform.dict_location   http://mmcif.pdb.org/dictionaries/ascii/mmcif_pdbx.dic 
# 
loop_
_database_2.database_id 
_database_2.database_code 
_database_2.pdbx_database_accession 
_database_2.pdbx_DOI 
PDB   5CYH         pdb_00005cyh 10.2210/pdb5cyh/pdb 
WWPDB D_1000179693 ?            ?                   
# 
loop_
_pdbx_audit_revision_history.ordinal 
_pdbx_audit_revision_history.data_content_type 
_pdbx_audit_revision_history.major_revision 
_pdbx_audit_revision_history.minor_revision 
_pdbx_audit_revision_history.revision_date 
1 'Structure model' 1 0 1996-07-11 
2 'Structure model' 1 1 2008-03-25 
3 'Structure model' 1 2 2011-07-13 
4 'Structure model' 1 3 2017-11-29 
5 'Structure model' 1 4 2024-03-06 
# 
_pdbx_audit_revision_details.ordinal             1 
_pdbx_audit_revision_details.revision_ordinal    1 
_pdbx_audit_revision_details.data_content_type   'Structure model' 
_pdbx_audit_revision_details.provider            repository 
_pdbx_audit_revision_details.type                'Initial release' 
_pdbx_audit_revision_details.description         ? 
_pdbx_audit_revision_details.details             ? 
# 
loop_
_pdbx_audit_revision_group.ordinal 
_pdbx_audit_revision_group.revision_ordinal 
_pdbx_audit_revision_group.data_content_type 
_pdbx_audit_revision_group.group 
1 2 'Structure model' 'Version format compliance' 
2 3 'Structure model' 'Version format compliance' 
3 4 'Structure model' 'Derived calculations'      
4 4 'Structure model' Other                       
5 5 'Structure model' 'Data collection'           
6 5 'Structure model' 'Database references'       
7 5 'Structure model' 'Derived calculations'      
# 
loop_
_pdbx_audit_revision_category.ordinal 
_pdbx_audit_revision_category.revision_ordinal 
_pdbx_audit_revision_category.data_content_type 
_pdbx_audit_revision_category.category 
1 4 'Structure model' pdbx_database_status 
2 4 'Structure model' struct_conf          
3 4 'Structure model' struct_conf_type     
4 5 'Structure model' chem_comp_atom       
5 5 'Structure model' chem_comp_bond       
6 5 'Structure model' database_2           
7 5 'Structure model' struct_conn          
8 5 'Structure model' struct_site          
# 
loop_
_pdbx_audit_revision_item.ordinal 
_pdbx_audit_revision_item.revision_ordinal 
_pdbx_audit_revision_item.data_content_type 
_pdbx_audit_revision_item.item 
1 4 'Structure model' '_pdbx_database_status.process_site'  
2 5 'Structure model' '_database_2.pdbx_DOI'                
3 5 'Structure model' '_database_2.pdbx_database_accession' 
4 5 'Structure model' '_struct_conn.pdbx_leaving_atom_flag' 
5 5 'Structure model' '_struct_site.pdbx_auth_asym_id'      
6 5 'Structure model' '_struct_site.pdbx_auth_comp_id'      
7 5 'Structure model' '_struct_site.pdbx_auth_seq_id'       
# 
_pdbx_database_status.status_code                     REL 
_pdbx_database_status.entry_id                        5CYH 
_pdbx_database_status.recvd_initial_deposition_date   1996-02-27 
_pdbx_database_status.deposit_site                    ? 
_pdbx_database_status.process_site                    BNL 
_pdbx_database_status.SG_entry                        . 
_pdbx_database_status.status_code_sf                  ? 
_pdbx_database_status.status_code_mr                  ? 
_pdbx_database_status.pdb_format_compatible           Y 
_pdbx_database_status.status_code_cs                  ? 
_pdbx_database_status.methods_development_category    ? 
_pdbx_database_status.status_code_nmr_data            ? 
# 
loop_
_audit_author.name 
_audit_author.pdbx_ordinal 
'Zhao, Y.' 1 
'Ke, H.'   2 
# 
_citation.id                        primary 
_citation.title                     'Mechanistic implication of crystal structures of the cyclophilin-dipeptide complexes.' 
_citation.journal_abbrev            Biochemistry 
_citation.journal_volume            35 
_citation.page_first                7362 
_citation.page_last                 7368 
_citation.year                      1996 
_citation.journal_id_ASTM           BICHAW 
_citation.country                   US 
_citation.journal_id_ISSN           0006-2960 
_citation.journal_id_CSD            0033 
_citation.book_publisher            ? 
_citation.pdbx_database_id_PubMed   8652512 
_citation.pdbx_database_id_DOI      10.1021/bi960278x 
# 
loop_
_citation_author.citation_id 
_citation_author.name 
_citation_author.ordinal 
_citation_author.identifier_ORCID 
primary 'Zhao, Y.' 1 ? 
primary 'Ke, H.'   2 ? 
# 
loop_
_entity.id 
_entity.type 
_entity.src_method 
_entity.pdbx_description 
_entity.formula_weight 
_entity.pdbx_number_of_molecules 
_entity.pdbx_ec 
_entity.pdbx_mutation 
_entity.pdbx_fragment 
_entity.details 
1 polymer     man 'CYCLOPHILIN A' 17905.307 1  ? ? ? ? 
2 non-polymer syn GLYCINE         75.067    1  ? ? ? ? 
3 non-polymer syn PROLINE         115.130   1  ? ? ? ? 
4 water       nat water           18.015    48 ? ? ? ? 
# 
_entity_poly.entity_id                      1 
_entity_poly.type                           'polypeptide(L)' 
_entity_poly.nstd_linkage                   no 
_entity_poly.nstd_monomer                   no 
_entity_poly.pdbx_seq_one_letter_code       
;VNPTVFFDIAVDGEPLGRVSFELFADKVPKTAENFRALSTGEKGFGYKGSCFHRIIPGFMCQGGDFTRHNGTGGKSIYGE
KFEDENFILKHTGPGILSMANAGPNTNGSQFFICTAKTEWLDGKHVVFGKVKEGMNIVEAMERFGSRNGKTSKKITIADC
GQLE
;
_entity_poly.pdbx_seq_one_letter_code_can   
;VNPTVFFDIAVDGEPLGRVSFELFADKVPKTAENFRALSTGEKGFGYKGSCFHRIIPGFMCQGGDFTRHNGTGGKSIYGE
KFEDENFILKHTGPGILSMANAGPNTNGSQFFICTAKTEWLDGKHVVFGKVKEGMNIVEAMERFGSRNGKTSKKITIADC
GQLE
;
_entity_poly.pdbx_strand_id                 A 
_entity_poly.pdbx_target_identifier         ? 
# 
loop_
_pdbx_entity_nonpoly.entity_id 
_pdbx_entity_nonpoly.name 
_pdbx_entity_nonpoly.comp_id 
2 GLYCINE GLY 
3 PROLINE PRO 
4 water   HOH 
# 
loop_
_entity_poly_seq.entity_id 
_entity_poly_seq.num 
_entity_poly_seq.mon_id 
_entity_poly_seq.hetero 
1 1   VAL n 
1 2   ASN n 
1 3   PRO n 
1 4   THR n 
1 5   VAL n 
1 6   PHE n 
1 7   PHE n 
1 8   ASP n 
1 9   ILE n 
1 10  ALA n 
1 11  VAL n 
1 12  ASP n 
1 13  GLY n 
1 14  GLU n 
1 15  PRO n 
1 16  LEU n 
1 17  GLY n 
1 18  ARG n 
1 19  VAL n 
1 20  SER n 
1 21  PHE n 
1 22  GLU n 
1 23  LEU n 
1 24  PHE n 
1 25  ALA n 
1 26  ASP n 
1 27  LYS n 
1 28  VAL n 
1 29  PRO n 
1 30  LYS n 
1 31  THR n 
1 32  ALA n 
1 33  GLU n 
1 34  ASN n 
1 35  PHE n 
1 36  ARG n 
1 37  ALA n 
1 38  LEU n 
1 39  SER n 
1 40  THR n 
1 41  GLY n 
1 42  GLU n 
1 43  LYS n 
1 44  GLY n 
1 45  PHE n 
1 46  GLY n 
1 47  TYR n 
1 48  LYS n 
1 49  GLY n 
1 50  SER n 
1 51  CYS n 
1 52  PHE n 
1 53  HIS n 
1 54  ARG n 
1 55  ILE n 
1 56  ILE n 
1 57  PRO n 
1 58  GLY n 
1 59  PHE n 
1 60  MET n 
1 61  CYS n 
1 62  GLN n 
1 63  GLY n 
1 64  GLY n 
1 65  ASP n 
1 66  PHE n 
1 67  THR n 
1 68  ARG n 
1 69  HIS n 
1 70  ASN n 
1 71  GLY n 
1 72  THR n 
1 73  GLY n 
1 74  GLY n 
1 75  LYS n 
1 76  SER n 
1 77  ILE n 
1 78  TYR n 
1 79  GLY n 
1 80  GLU n 
1 81  LYS n 
1 82  PHE n 
1 83  GLU n 
1 84  ASP n 
1 85  GLU n 
1 86  ASN n 
1 87  PHE n 
1 88  ILE n 
1 89  LEU n 
1 90  LYS n 
1 91  HIS n 
1 92  THR n 
1 93  GLY n 
1 94  PRO n 
1 95  GLY n 
1 96  ILE n 
1 97  LEU n 
1 98  SER n 
1 99  MET n 
1 100 ALA n 
1 101 ASN n 
1 102 ALA n 
1 103 GLY n 
1 104 PRO n 
1 105 ASN n 
1 106 THR n 
1 107 ASN n 
1 108 GLY n 
1 109 SER n 
1 110 GLN n 
1 111 PHE n 
1 112 PHE n 
1 113 ILE n 
1 114 CYS n 
1 115 THR n 
1 116 ALA n 
1 117 LYS n 
1 118 THR n 
1 119 GLU n 
1 120 TRP n 
1 121 LEU n 
1 122 ASP n 
1 123 GLY n 
1 124 LYS n 
1 125 HIS n 
1 126 VAL n 
1 127 VAL n 
1 128 PHE n 
1 129 GLY n 
1 130 LYS n 
1 131 VAL n 
1 132 LYS n 
1 133 GLU n 
1 134 GLY n 
1 135 MET n 
1 136 ASN n 
1 137 ILE n 
1 138 VAL n 
1 139 GLU n 
1 140 ALA n 
1 141 MET n 
1 142 GLU n 
1 143 ARG n 
1 144 PHE n 
1 145 GLY n 
1 146 SER n 
1 147 ARG n 
1 148 ASN n 
1 149 GLY n 
1 150 LYS n 
1 151 THR n 
1 152 SER n 
1 153 LYS n 
1 154 LYS n 
1 155 ILE n 
1 156 THR n 
1 157 ILE n 
1 158 ALA n 
1 159 ASP n 
1 160 CYS n 
1 161 GLY n 
1 162 GLN n 
1 163 LEU n 
1 164 GLU n 
# 
_entity_src_gen.entity_id                          1 
_entity_src_gen.pdbx_src_id                        1 
_entity_src_gen.pdbx_alt_source_flag               sample 
_entity_src_gen.pdbx_seq_type                      ? 
_entity_src_gen.pdbx_beg_seq_num                   ? 
_entity_src_gen.pdbx_end_seq_num                   ? 
_entity_src_gen.gene_src_common_name               human 
_entity_src_gen.gene_src_genus                     Homo 
_entity_src_gen.pdbx_gene_src_gene                 CYCLOPHILIN 
_entity_src_gen.gene_src_species                   ? 
_entity_src_gen.gene_src_strain                    ? 
_entity_src_gen.gene_src_tissue                    ? 
_entity_src_gen.gene_src_tissue_fraction           ? 
_entity_src_gen.gene_src_details                   ? 
_entity_src_gen.pdbx_gene_src_fragment             ? 
_entity_src_gen.pdbx_gene_src_scientific_name      'Homo sapiens' 
_entity_src_gen.pdbx_gene_src_ncbi_taxonomy_id     9606 
_entity_src_gen.pdbx_gene_src_variant              ? 
_entity_src_gen.pdbx_gene_src_cell_line            XA90 
_entity_src_gen.pdbx_gene_src_atcc                 ? 
_entity_src_gen.pdbx_gene_src_organ                ? 
_entity_src_gen.pdbx_gene_src_organelle            ? 
_entity_src_gen.pdbx_gene_src_cell                 ? 
_entity_src_gen.pdbx_gene_src_cellular_location    ? 
_entity_src_gen.host_org_common_name               ? 
_entity_src_gen.pdbx_host_org_scientific_name      'Escherichia coli' 
_entity_src_gen.pdbx_host_org_ncbi_taxonomy_id     562 
_entity_src_gen.host_org_genus                     Escherichia 
_entity_src_gen.pdbx_host_org_gene                 CYCLOPHILIN 
_entity_src_gen.pdbx_host_org_organ                ? 
_entity_src_gen.host_org_species                   ? 
_entity_src_gen.pdbx_host_org_tissue               ? 
_entity_src_gen.pdbx_host_org_tissue_fraction      ? 
_entity_src_gen.pdbx_host_org_strain               ? 
_entity_src_gen.pdbx_host_org_variant              ? 
_entity_src_gen.pdbx_host_org_cell_line            ? 
_entity_src_gen.pdbx_host_org_atcc                 ? 
_entity_src_gen.pdbx_host_org_culture_collection   ? 
_entity_src_gen.pdbx_host_org_cell                 ? 
_entity_src_gen.pdbx_host_org_organelle            ? 
_entity_src_gen.pdbx_host_org_cellular_location    ? 
_entity_src_gen.pdbx_host_org_vector_type          ? 
_entity_src_gen.pdbx_host_org_vector               ? 
_entity_src_gen.host_org_details                   ? 
_entity_src_gen.expression_system_id               ? 
_entity_src_gen.plasmid_name                       PHN1+ 
_entity_src_gen.plasmid_details                    ? 
_entity_src_gen.pdbx_description                   ? 
# 
loop_
_chem_comp.id 
_chem_comp.type 
_chem_comp.mon_nstd_flag 
_chem_comp.name 
_chem_comp.pdbx_synonyms 
_chem_comp.formula 
_chem_comp.formula_weight 
ALA 'L-peptide linking' y ALANINE         ? 'C3 H7 N O2'     89.093  
ARG 'L-peptide linking' y ARGININE        ? 'C6 H15 N4 O2 1' 175.209 
ASN 'L-peptide linking' y ASPARAGINE      ? 'C4 H8 N2 O3'    132.118 
ASP 'L-peptide linking' y 'ASPARTIC ACID' ? 'C4 H7 N O4'     133.103 
CYS 'L-peptide linking' y CYSTEINE        ? 'C3 H7 N O2 S'   121.158 
GLN 'L-peptide linking' y GLUTAMINE       ? 'C5 H10 N2 O3'   146.144 
GLU 'L-peptide linking' y 'GLUTAMIC ACID' ? 'C5 H9 N O4'     147.129 
GLY 'peptide linking'   y GLYCINE         ? 'C2 H5 N O2'     75.067  
HIS 'L-peptide linking' y HISTIDINE       ? 'C6 H10 N3 O2 1' 156.162 
HOH non-polymer         . WATER           ? 'H2 O'           18.015  
ILE 'L-peptide linking' y ISOLEUCINE      ? 'C6 H13 N O2'    131.173 
LEU 'L-peptide linking' y LEUCINE         ? 'C6 H13 N O2'    131.173 
LYS 'L-peptide linking' y LYSINE          ? 'C6 H15 N2 O2 1' 147.195 
MET 'L-peptide linking' y METHIONINE      ? 'C5 H11 N O2 S'  149.211 
PHE 'L-peptide linking' y PHENYLALANINE   ? 'C9 H11 N O2'    165.189 
PRO 'L-peptide linking' y PROLINE         ? 'C5 H9 N O2'     115.130 
SER 'L-peptide linking' y SERINE          ? 'C3 H7 N O3'     105.093 
THR 'L-peptide linking' y THREONINE       ? 'C4 H9 N O3'     119.119 
TRP 'L-peptide linking' y TRYPTOPHAN      ? 'C11 H12 N2 O2'  204.225 
TYR 'L-peptide linking' y TYROSINE        ? 'C9 H11 N O3'    181.189 
VAL 'L-peptide linking' y VALINE          ? 'C5 H11 N O2'    117.146 
# 
loop_
_pdbx_poly_seq_scheme.asym_id 
_pdbx_poly_seq_scheme.entity_id 
_pdbx_poly_seq_scheme.seq_id 
_pdbx_poly_seq_scheme.mon_id 
_pdbx_poly_seq_scheme.ndb_seq_num 
_pdbx_poly_seq_scheme.pdb_seq_num 
_pdbx_poly_seq_scheme.auth_seq_num 
_pdbx_poly_seq_scheme.pdb_mon_id 
_pdbx_poly_seq_scheme.auth_mon_id 
_pdbx_poly_seq_scheme.pdb_strand_id 
_pdbx_poly_seq_scheme.pdb_ins_code 
_pdbx_poly_seq_scheme.hetero 
A 1 1   VAL 1   2   2   VAL VAL A . n 
A 1 2   ASN 2   3   3   ASN ASN A . n 
A 1 3   PRO 3   4   4   PRO PRO A . n 
A 1 4   THR 4   5   5   THR THR A . n 
A 1 5   VAL 5   6   6   VAL VAL A . n 
A 1 6   PHE 6   7   7   PHE PHE A . n 
A 1 7   PHE 7   8   8   PHE PHE A . n 
A 1 8   ASP 8   9   9   ASP ASP A . n 
A 1 9   ILE 9   10  10  ILE ILE A . n 
A 1 10  ALA 10  11  11  ALA ALA A . n 
A 1 11  VAL 11  12  12  VAL VAL A . n 
A 1 12  ASP 12  13  13  ASP ASP A . n 
A 1 13  GLY 13  14  14  GLY GLY A . n 
A 1 14  GLU 14  15  15  GLU GLU A . n 
A 1 15  PRO 15  16  16  PRO PRO A . n 
A 1 16  LEU 16  17  17  LEU LEU A . n 
A 1 17  GLY 17  18  18  GLY GLY A . n 
A 1 18  ARG 18  19  19  ARG ARG A . n 
A 1 19  VAL 19  20  20  VAL VAL A . n 
A 1 20  SER 20  21  21  SER SER A . n 
A 1 21  PHE 21  22  22  PHE PHE A . n 
A 1 22  GLU 22  23  23  GLU GLU A . n 
A 1 23  LEU 23  24  24  LEU LEU A . n 
A 1 24  PHE 24  25  25  PHE PHE A . n 
A 1 25  ALA 25  26  26  ALA ALA A . n 
A 1 26  ASP 26  27  27  ASP ASP A . n 
A 1 27  LYS 27  28  28  LYS LYS A . n 
A 1 28  VAL 28  29  29  VAL VAL A . n 
A 1 29  PRO 29  30  30  PRO PRO A . n 
A 1 30  LYS 30  31  31  LYS LYS A . n 
A 1 31  THR 31  32  32  THR THR A . n 
A 1 32  ALA 32  33  33  ALA ALA A . n 
A 1 33  GLU 33  34  34  GLU GLU A . n 
A 1 34  ASN 34  35  35  ASN ASN A . n 
A 1 35  PHE 35  36  36  PHE PHE A . n 
A 1 36  ARG 36  37  37  ARG ARG A . n 
A 1 37  ALA 37  38  38  ALA ALA A . n 
A 1 38  LEU 38  39  39  LEU LEU A . n 
A 1 39  SER 39  40  40  SER SER A . n 
A 1 40  THR 40  41  41  THR THR A . n 
A 1 41  GLY 41  42  42  GLY GLY A . n 
A 1 42  GLU 42  43  43  GLU GLU A . n 
A 1 43  LYS 43  44  44  LYS LYS A . n 
A 1 44  GLY 44  45  45  GLY GLY A . n 
A 1 45  PHE 45  46  46  PHE PHE A . n 
A 1 46  GLY 46  47  47  GLY GLY A . n 
A 1 47  TYR 47  48  48  TYR TYR A . n 
A 1 48  LYS 48  49  49  LYS LYS A . n 
A 1 49  GLY 49  50  50  GLY GLY A . n 
A 1 50  SER 50  51  51  SER SER A . n 
A 1 51  CYS 51  52  52  CYS CYS A . n 
A 1 52  PHE 52  53  53  PHE PHE A . n 
A 1 53  HIS 53  54  54  HIS HIS A . n 
A 1 54  ARG 54  55  55  ARG ARG A . n 
A 1 55  ILE 55  56  56  ILE ILE A . n 
A 1 56  ILE 56  57  57  ILE ILE A . n 
A 1 57  PRO 57  58  58  PRO PRO A . n 
A 1 58  GLY 58  59  59  GLY GLY A . n 
A 1 59  PHE 59  60  60  PHE PHE A . n 
A 1 60  MET 60  61  61  MET MET A . n 
A 1 61  CYS 61  62  62  CYS CYS A . n 
A 1 62  GLN 62  63  63  GLN GLN A . n 
A 1 63  GLY 63  64  64  GLY GLY A . n 
A 1 64  GLY 64  65  65  GLY GLY A . n 
A 1 65  ASP 65  66  66  ASP ASP A . n 
A 1 66  PHE 66  67  67  PHE PHE A . n 
A 1 67  THR 67  68  68  THR THR A . n 
A 1 68  ARG 68  69  69  ARG ARG A . n 
A 1 69  HIS 69  70  70  HIS HIS A . n 
A 1 70  ASN 70  71  71  ASN ASN A . n 
A 1 71  GLY 71  72  72  GLY GLY A . n 
A 1 72  THR 72  73  73  THR THR A . n 
A 1 73  GLY 73  74  74  GLY GLY A . n 
A 1 74  GLY 74  75  75  GLY GLY A . n 
A 1 75  LYS 75  76  76  LYS LYS A . n 
A 1 76  SER 76  77  77  SER SER A . n 
A 1 77  ILE 77  78  78  ILE ILE A . n 
A 1 78  TYR 78  79  79  TYR TYR A . n 
A 1 79  GLY 79  80  80  GLY GLY A . n 
A 1 80  GLU 80  81  81  GLU GLU A . n 
A 1 81  LYS 81  82  82  LYS LYS A . n 
A 1 82  PHE 82  83  83  PHE PHE A . n 
A 1 83  GLU 83  84  84  GLU GLU A . n 
A 1 84  ASP 84  85  85  ASP ASP A . n 
A 1 85  GLU 85  86  86  GLU GLU A . n 
A 1 86  ASN 86  87  87  ASN ASN A . n 
A 1 87  PHE 87  88  88  PHE PHE A . n 
A 1 88  ILE 88  89  89  ILE ILE A . n 
A 1 89  LEU 89  90  90  LEU LEU A . n 
A 1 90  LYS 90  91  91  LYS LYS A . n 
A 1 91  HIS 91  92  92  HIS HIS A . n 
A 1 92  THR 92  93  93  THR THR A . n 
A 1 93  GLY 93  94  94  GLY GLY A . n 
A 1 94  PRO 94  95  95  PRO PRO A . n 
A 1 95  GLY 95  96  96  GLY GLY A . n 
A 1 96  ILE 96  97  97  ILE ILE A . n 
A 1 97  LEU 97  98  98  LEU LEU A . n 
A 1 98  SER 98  99  99  SER SER A . n 
A 1 99  MET 99  100 100 MET MET A . n 
A 1 100 ALA 100 101 101 ALA ALA A . n 
A 1 101 ASN 101 102 102 ASN ASN A . n 
A 1 102 ALA 102 103 103 ALA ALA A . n 
A 1 103 GLY 103 104 104 GLY GLY A . n 
A 1 104 PRO 104 105 105 PRO PRO A . n 
A 1 105 ASN 105 106 106 ASN ASN A . n 
A 1 106 THR 106 107 107 THR THR A . n 
A 1 107 ASN 107 108 108 ASN ASN A . n 
A 1 108 GLY 108 109 109 GLY GLY A . n 
A 1 109 SER 109 110 110 SER SER A . n 
A 1 110 GLN 110 111 111 GLN GLN A . n 
A 1 111 PHE 111 112 112 PHE PHE A . n 
A 1 112 PHE 112 113 113 PHE PHE A . n 
A 1 113 ILE 113 114 114 ILE ILE A . n 
A 1 114 CYS 114 115 115 CYS CYS A . n 
A 1 115 THR 115 116 116 THR THR A . n 
A 1 116 ALA 116 117 117 ALA ALA A . n 
A 1 117 LYS 117 118 118 LYS LYS A . n 
A 1 118 THR 118 119 119 THR THR A . n 
A 1 119 GLU 119 120 120 GLU GLU A . n 
A 1 120 TRP 120 121 121 TRP TRP A . n 
A 1 121 LEU 121 122 122 LEU LEU A . n 
A 1 122 ASP 122 123 123 ASP ASP A . n 
A 1 123 GLY 123 124 124 GLY GLY A . n 
A 1 124 LYS 124 125 125 LYS LYS A . n 
A 1 125 HIS 125 126 126 HIS HIS A . n 
A 1 126 VAL 126 127 127 VAL VAL A . n 
A 1 127 VAL 127 128 128 VAL VAL A . n 
A 1 128 PHE 128 129 129 PHE PHE A . n 
A 1 129 GLY 129 130 130 GLY GLY A . n 
A 1 130 LYS 130 131 131 LYS LYS A . n 
A 1 131 VAL 131 132 132 VAL VAL A . n 
A 1 132 LYS 132 133 133 LYS LYS A . n 
A 1 133 GLU 133 134 134 GLU GLU A . n 
A 1 134 GLY 134 135 135 GLY GLY A . n 
A 1 135 MET 135 136 136 MET MET A . n 
A 1 136 ASN 136 137 137 ASN ASN A . n 
A 1 137 ILE 137 138 138 ILE ILE A . n 
A 1 138 VAL 138 139 139 VAL VAL A . n 
A 1 139 GLU 139 140 140 GLU GLU A . n 
A 1 140 ALA 140 141 141 ALA ALA A . n 
A 1 141 MET 141 142 142 MET MET A . n 
A 1 142 GLU 142 143 143 GLU GLU A . n 
A 1 143 ARG 143 144 144 ARG ARG A . n 
A 1 144 PHE 144 145 145 PHE PHE A . n 
A 1 145 GLY 145 146 146 GLY GLY A . n 
A 1 146 SER 146 147 147 SER SER A . n 
A 1 147 ARG 147 148 148 ARG ARG A . n 
A 1 148 ASN 148 149 149 ASN ASN A . n 
A 1 149 GLY 149 150 150 GLY GLY A . n 
A 1 150 LYS 150 151 151 LYS LYS A . n 
A 1 151 THR 151 152 152 THR THR A . n 
A 1 152 SER 152 153 153 SER SER A . n 
A 1 153 LYS 153 154 154 LYS LYS A . n 
A 1 154 LYS 154 155 155 LYS LYS A . n 
A 1 155 ILE 155 156 156 ILE ILE A . n 
A 1 156 THR 156 157 157 THR THR A . n 
A 1 157 ILE 157 158 158 ILE ILE A . n 
A 1 158 ALA 158 159 159 ALA ALA A . n 
A 1 159 ASP 159 160 160 ASP ASP A . n 
A 1 160 CYS 160 161 161 CYS CYS A . n 
A 1 161 GLY 161 162 162 GLY GLY A . n 
A 1 162 GLN 162 163 163 GLN GLN A . n 
A 1 163 LEU 163 164 164 LEU LEU A . n 
A 1 164 GLU 164 165 165 GLU GLU A . n 
# 
loop_
_pdbx_nonpoly_scheme.asym_id 
_pdbx_nonpoly_scheme.entity_id 
_pdbx_nonpoly_scheme.mon_id 
_pdbx_nonpoly_scheme.ndb_seq_num 
_pdbx_nonpoly_scheme.pdb_seq_num 
_pdbx_nonpoly_scheme.auth_seq_num 
_pdbx_nonpoly_scheme.pdb_mon_id 
_pdbx_nonpoly_scheme.auth_mon_id 
_pdbx_nonpoly_scheme.pdb_strand_id 
_pdbx_nonpoly_scheme.pdb_ins_code 
B 2 GLY 1  201 201 GLY GLY A . 
C 3 PRO 1  202 202 PRO PRO A . 
D 4 HOH 1  203 166 HOH HOH A . 
D 4 HOH 2  204 167 HOH HOH A . 
D 4 HOH 3  205 168 HOH HOH A . 
D 4 HOH 4  206 169 HOH HOH A . 
D 4 HOH 5  207 170 HOH HOH A . 
D 4 HOH 6  208 171 HOH HOH A . 
D 4 HOH 7  209 172 HOH HOH A . 
D 4 HOH 8  210 173 HOH HOH A . 
D 4 HOH 9  211 174 HOH HOH A . 
D 4 HOH 10 212 175 HOH HOH A . 
D 4 HOH 11 213 176 HOH HOH A . 
D 4 HOH 12 214 177 HOH HOH A . 
D 4 HOH 13 215 178 HOH HOH A . 
D 4 HOH 14 216 179 HOH HOH A . 
D 4 HOH 15 217 180 HOH HOH A . 
D 4 HOH 16 218 181 HOH HOH A . 
D 4 HOH 17 219 182 HOH HOH A . 
D 4 HOH 18 220 183 HOH HOH A . 
D 4 HOH 19 221 184 HOH HOH A . 
D 4 HOH 20 222 185 HOH HOH A . 
D 4 HOH 21 223 186 HOH HOH A . 
D 4 HOH 22 224 187 HOH HOH A . 
D 4 HOH 23 225 188 HOH HOH A . 
D 4 HOH 24 226 189 HOH HOH A . 
D 4 HOH 25 227 190 HOH HOH A . 
D 4 HOH 26 228 191 HOH HOH A . 
D 4 HOH 27 229 192 HOH HOH A . 
D 4 HOH 28 230 193 HOH HOH A . 
D 4 HOH 29 231 194 HOH HOH A . 
D 4 HOH 30 232 195 HOH HOH A . 
D 4 HOH 31 233 196 HOH HOH A . 
D 4 HOH 32 234 197 HOH HOH A . 
D 4 HOH 33 235 198 HOH HOH A . 
D 4 HOH 34 236 199 HOH HOH A . 
D 4 HOH 35 237 200 HOH HOH A . 
D 4 HOH 36 238 201 HOH HOH A . 
D 4 HOH 37 239 202 HOH HOH A . 
D 4 HOH 38 240 203 HOH HOH A . 
D 4 HOH 39 241 204 HOH HOH A . 
D 4 HOH 40 242 205 HOH HOH A . 
D 4 HOH 41 243 206 HOH HOH A . 
D 4 HOH 42 244 207 HOH HOH A . 
D 4 HOH 43 245 208 HOH HOH A . 
D 4 HOH 44 246 209 HOH HOH A . 
D 4 HOH 45 247 210 HOH HOH A . 
D 4 HOH 46 248 211 HOH HOH A . 
D 4 HOH 47 249 18  HOH HOH A . 
D 4 HOH 48 250 45  HOH HOH A . 
# 
loop_
_software.name 
_software.classification 
_software.version 
_software.citation_id 
_software.pdbx_ordinal 
X-PLOR refinement       . ? 1 
RIGAKU 'data reduction' . ? 2 
RIGAKU 'data scaling'   . ? 3 
# 
_cell.entry_id           5CYH 
_cell.length_a           40.800 
_cell.length_b           52.400 
_cell.length_c           90.100 
_cell.angle_alpha        90.00 
_cell.angle_beta         90.00 
_cell.angle_gamma        90.00 
_cell.Z_PDB              4 
_cell.pdbx_unique_axis   ? 
_cell.length_a_esd       ? 
_cell.length_b_esd       ? 
_cell.length_c_esd       ? 
_cell.angle_alpha_esd    ? 
_cell.angle_beta_esd     ? 
_cell.angle_gamma_esd    ? 
# 
_symmetry.entry_id                         5CYH 
_symmetry.space_group_name_H-M             'P 21 21 21' 
_symmetry.pdbx_full_space_group_name_H-M   ? 
_symmetry.cell_setting                     ? 
_symmetry.Int_Tables_number                19 
_symmetry.space_group_name_Hall            ? 
# 
_exptl.entry_id          5CYH 
_exptl.method            'X-RAY DIFFRACTION' 
_exptl.crystals_number   ? 
# 
_exptl_crystal.id                    1 
_exptl_crystal.density_meas          ? 
_exptl_crystal.density_Matthews      2.66 
_exptl_crystal.density_percent_sol   53.81 
_exptl_crystal.description           ? 
_exptl_crystal.F_000                 ? 
_exptl_crystal.preparation           ? 
# 
_diffrn.id                     1 
_diffrn.ambient_temp           ? 
_diffrn.ambient_temp_details   ? 
_diffrn.crystal_id             1 
# 
_diffrn_detector.diffrn_id              1 
_diffrn_detector.detector               'IMAGE PLATE' 
_diffrn_detector.type                   RIGAKU 
_diffrn_detector.pdbx_collection_date   ? 
_diffrn_detector.details                ? 
# 
_diffrn_radiation.diffrn_id                        1 
_diffrn_radiation.wavelength_id                    1 
_diffrn_radiation.pdbx_monochromatic_or_laue_m_l   M 
_diffrn_radiation.monochromator                    ? 
_diffrn_radiation.pdbx_diffrn_protocol             ? 
_diffrn_radiation.pdbx_scattering_type             x-ray 
# 
_diffrn_radiation_wavelength.id           1 
_diffrn_radiation_wavelength.wavelength   1.5418 
_diffrn_radiation_wavelength.wt           1.0 
# 
_diffrn_source.diffrn_id                   1 
_diffrn_source.source                      ? 
_diffrn_source.type                        ? 
_diffrn_source.pdbx_synchrotron_site       ? 
_diffrn_source.pdbx_synchrotron_beamline   ? 
_diffrn_source.pdbx_wavelength             1.5418 
_diffrn_source.pdbx_wavelength_list        ? 
# 
_reflns.entry_id                     5CYH 
_reflns.observed_criterion_sigma_I   ? 
_reflns.observed_criterion_sigma_F   ? 
_reflns.d_resolution_low             ? 
_reflns.d_resolution_high            2.1 
_reflns.number_obs                   8424 
_reflns.number_all                   ? 
_reflns.percent_possible_obs         75 
_reflns.pdbx_Rmerge_I_obs            0.0620000 
_reflns.pdbx_Rsym_value              ? 
_reflns.pdbx_netI_over_sigmaI        ? 
_reflns.B_iso_Wilson_estimate        ? 
_reflns.pdbx_redundancy              4.0 
_reflns.R_free_details               ? 
_reflns.limit_h_max                  ? 
_reflns.limit_h_min                  ? 
_reflns.limit_k_max                  ? 
_reflns.limit_k_min                  ? 
_reflns.limit_l_max                  ? 
_reflns.limit_l_min                  ? 
_reflns.observed_criterion_F_max     ? 
_reflns.observed_criterion_F_min     ? 
_reflns.pdbx_chi_squared             ? 
_reflns.pdbx_scaling_rejects         ? 
_reflns.pdbx_diffrn_id               1 
_reflns.pdbx_ordinal                 1 
# 
_refine.entry_id                                 5CYH 
_refine.ls_number_reflns_obs                     8732 
_refine.ls_number_reflns_all                     ? 
_refine.pdbx_ls_sigma_I                          ? 
_refine.pdbx_ls_sigma_F                          2. 
_refine.pdbx_data_cutoff_high_absF               ? 
_refine.pdbx_data_cutoff_low_absF                ? 
_refine.pdbx_data_cutoff_high_rms_absF           ? 
_refine.ls_d_res_low                             8. 
_refine.ls_d_res_high                            2.1 
_refine.ls_percent_reflns_obs                    ? 
_refine.ls_R_factor_obs                          0.1900000 
_refine.ls_R_factor_all                          ? 
_refine.ls_R_factor_R_work                       0.1900000 
_refine.ls_R_factor_R_free                       ? 
_refine.ls_R_factor_R_free_error                 ? 
_refine.ls_R_factor_R_free_error_details         ? 
_refine.ls_percent_reflns_R_free                 ? 
_refine.ls_number_reflns_R_free                  ? 
_refine.ls_number_parameters                     ? 
_refine.ls_number_restraints                     ? 
_refine.occupancy_min                            ? 
_refine.occupancy_max                            ? 
_refine.B_iso_mean                               27.2 
_refine.aniso_B[1][1]                            ? 
_refine.aniso_B[2][2]                            ? 
_refine.aniso_B[3][3]                            ? 
_refine.aniso_B[1][2]                            ? 
_refine.aniso_B[1][3]                            ? 
_refine.aniso_B[2][3]                            ? 
_refine.solvent_model_details                    ? 
_refine.solvent_model_param_ksol                 ? 
_refine.solvent_model_param_bsol                 ? 
_refine.pdbx_ls_cross_valid_method               ? 
_refine.details                                  ? 
_refine.pdbx_starting_model                      ? 
_refine.pdbx_method_to_determine_struct          ? 
_refine.pdbx_isotropic_thermal_model             ? 
_refine.pdbx_stereochemistry_target_values       ? 
_refine.pdbx_stereochem_target_val_spec_case     ? 
_refine.pdbx_R_Free_selection_details            ? 
_refine.pdbx_overall_ESU_R                       ? 
_refine.pdbx_overall_ESU_R_Free                  ? 
_refine.overall_SU_ML                            ? 
_refine.overall_SU_B                             ? 
_refine.ls_redundancy_reflns_obs                 ? 
_refine.pdbx_overall_phase_error                 ? 
_refine.B_iso_min                                ? 
_refine.B_iso_max                                ? 
_refine.correlation_coeff_Fo_to_Fc               ? 
_refine.correlation_coeff_Fo_to_Fc_free          ? 
_refine.pdbx_solvent_vdw_probe_radii             ? 
_refine.pdbx_solvent_ion_probe_radii             ? 
_refine.pdbx_solvent_shrinkage_radii             ? 
_refine.overall_SU_R_Cruickshank_DPI             ? 
_refine.overall_SU_R_free                        ? 
_refine.ls_wR_factor_R_free                      ? 
_refine.ls_wR_factor_R_work                      ? 
_refine.overall_FOM_free_R_set                   ? 
_refine.overall_FOM_work_R_set                   ? 
_refine.pdbx_refine_id                           'X-RAY DIFFRACTION' 
_refine.pdbx_diffrn_id                           1 
_refine.pdbx_TLS_residual_ADP_flag               ? 
_refine.pdbx_overall_SU_R_free_Cruickshank_DPI   ? 
_refine.pdbx_overall_SU_R_Blow_DPI               ? 
_refine.pdbx_overall_SU_R_free_Blow_DPI          ? 
# 
_refine_hist.pdbx_refine_id                   'X-RAY DIFFRACTION' 
_refine_hist.cycle_id                         LAST 
_refine_hist.pdbx_number_atoms_protein        1544 
_refine_hist.pdbx_number_atoms_nucleic_acid   0 
_refine_hist.pdbx_number_atoms_ligand         15 
_refine_hist.number_atoms_solvent             144 
_refine_hist.number_atoms_total               1703 
_refine_hist.d_res_high                       2.1 
_refine_hist.d_res_low                        8. 
# 
loop_
_refine_ls_restr.type 
_refine_ls_restr.dev_ideal 
_refine_ls_restr.dev_ideal_target 
_refine_ls_restr.weight 
_refine_ls_restr.number 
_refine_ls_restr.pdbx_refine_id 
_refine_ls_restr.pdbx_restraint_function 
x_bond_d                0.015 ? ? ? 'X-RAY DIFFRACTION' ? 
x_bond_d_na             ?     ? ? ? 'X-RAY DIFFRACTION' ? 
x_bond_d_prot           ?     ? ? ? 'X-RAY DIFFRACTION' ? 
x_angle_d               ?     ? ? ? 'X-RAY DIFFRACTION' ? 
x_angle_d_na            ?     ? ? ? 'X-RAY DIFFRACTION' ? 
x_angle_d_prot          ?     ? ? ? 'X-RAY DIFFRACTION' ? 
x_angle_deg             3.00  ? ? ? 'X-RAY DIFFRACTION' ? 
x_angle_deg_na          ?     ? ? ? 'X-RAY DIFFRACTION' ? 
x_angle_deg_prot        ?     ? ? ? 'X-RAY DIFFRACTION' ? 
x_dihedral_angle_d      ?     ? ? ? 'X-RAY DIFFRACTION' ? 
x_dihedral_angle_d_na   ?     ? ? ? 'X-RAY DIFFRACTION' ? 
x_dihedral_angle_d_prot ?     ? ? ? 'X-RAY DIFFRACTION' ? 
x_improper_angle_d      ?     ? ? ? 'X-RAY DIFFRACTION' ? 
x_improper_angle_d_na   ?     ? ? ? 'X-RAY DIFFRACTION' ? 
x_improper_angle_d_prot ?     ? ? ? 'X-RAY DIFFRACTION' ? 
x_mcbond_it             ?     ? ? ? 'X-RAY DIFFRACTION' ? 
x_mcangle_it            ?     ? ? ? 'X-RAY DIFFRACTION' ? 
x_scbond_it             ?     ? ? ? 'X-RAY DIFFRACTION' ? 
x_scangle_it            ?     ? ? ? 'X-RAY DIFFRACTION' ? 
# 
_struct.entry_id                  5CYH 
_struct.title                     'CYCLOPHILIN A COMPLEXED WITH DIPEPTIDE GLY-PRO' 
_struct.pdbx_model_details        ? 
_struct.pdbx_CASP_flag            ? 
_struct.pdbx_model_type_details   ? 
# 
_struct_keywords.entry_id        5CYH 
_struct_keywords.pdbx_keywords   ISOMERASE 
_struct_keywords.text            
'CYCLOPHILIN, COMPLEX, BINDING PROTEIN FOR CYCLOSPORIN A, (ISOMERASE-DIPEPTIDE) COMPLEX, ISOMERASE' 
# 
loop_
_struct_asym.id 
_struct_asym.pdbx_blank_PDB_chainid_flag 
_struct_asym.pdbx_modified 
_struct_asym.entity_id 
_struct_asym.details 
A N N 1 ? 
B N N 2 ? 
C N N 3 ? 
D N N 4 ? 
# 
_struct_ref.id                         1 
_struct_ref.db_name                    UNP 
_struct_ref.db_code                    CYPH_HUMAN 
_struct_ref.entity_id                  1 
_struct_ref.pdbx_db_accession          P05092 
_struct_ref.pdbx_align_begin           1 
_struct_ref.pdbx_seq_one_letter_code   
;VNPTVFFDIAVDGEPLGRVSFELFADKVPKTAENFRALSTGEKGFGYKGSCFHRIIPGFMCQGGDFTRHNGTGGKSIYGE
KFEDENFILKHTGPGILSMANAGPNTNGSQFFICTAKTEWLDGKHVVFGKVKEGMNIVEAMERFGSRNGKTSKKITIADC
GQLE
;
_struct_ref.pdbx_db_isoform            ? 
# 
_struct_ref_seq.align_id                      1 
_struct_ref_seq.ref_id                        1 
_struct_ref_seq.pdbx_PDB_id_code              5CYH 
_struct_ref_seq.pdbx_strand_id                A 
_struct_ref_seq.seq_align_beg                 1 
_struct_ref_seq.pdbx_seq_align_beg_ins_code   ? 
_struct_ref_seq.seq_align_end                 164 
_struct_ref_seq.pdbx_seq_align_end_ins_code   ? 
_struct_ref_seq.pdbx_db_accession             P05092 
_struct_ref_seq.db_align_beg                  1 
_struct_ref_seq.pdbx_db_align_beg_ins_code    ? 
_struct_ref_seq.db_align_end                  164 
_struct_ref_seq.pdbx_db_align_end_ins_code    ? 
_struct_ref_seq.pdbx_auth_seq_align_beg       2 
_struct_ref_seq.pdbx_auth_seq_align_end       165 
# 
_pdbx_struct_assembly.id                   1 
_pdbx_struct_assembly.details              author_and_software_defined_assembly 
_pdbx_struct_assembly.method_details       PISA 
_pdbx_struct_assembly.oligomeric_details   monomeric 
_pdbx_struct_assembly.oligomeric_count     1 
# 
_pdbx_struct_assembly_gen.assembly_id       1 
_pdbx_struct_assembly_gen.oper_expression   1 
_pdbx_struct_assembly_gen.asym_id_list      A,B,C,D 
# 
_pdbx_struct_oper_list.id                   1 
_pdbx_struct_oper_list.type                 'identity operation' 
_pdbx_struct_oper_list.name                 1_555 
_pdbx_struct_oper_list.symmetry_operation   x,y,z 
_pdbx_struct_oper_list.matrix[1][1]         1.0000000000 
_pdbx_struct_oper_list.matrix[1][2]         0.0000000000 
_pdbx_struct_oper_list.matrix[1][3]         0.0000000000 
_pdbx_struct_oper_list.vector[1]            0.0000000000 
_pdbx_struct_oper_list.matrix[2][1]         0.0000000000 
_pdbx_struct_oper_list.matrix[2][2]         1.0000000000 
_pdbx_struct_oper_list.matrix[2][3]         0.0000000000 
_pdbx_struct_oper_list.vector[2]            0.0000000000 
_pdbx_struct_oper_list.matrix[3][1]         0.0000000000 
_pdbx_struct_oper_list.matrix[3][2]         0.0000000000 
_pdbx_struct_oper_list.matrix[3][3]         1.0000000000 
_pdbx_struct_oper_list.vector[3]            0.0000000000 
# 
_struct_biol.id        1 
_struct_biol.details   ? 
# 
loop_
_struct_conf.conf_type_id 
_struct_conf.id 
_struct_conf.pdbx_PDB_helix_id 
_struct_conf.beg_label_comp_id 
_struct_conf.beg_label_asym_id 
_struct_conf.beg_label_seq_id 
_struct_conf.pdbx_beg_PDB_ins_code 
_struct_conf.end_label_comp_id 
_struct_conf.end_label_asym_id 
_struct_conf.end_label_seq_id 
_struct_conf.pdbx_end_PDB_ins_code 
_struct_conf.beg_auth_comp_id 
_struct_conf.beg_auth_asym_id 
_struct_conf.beg_auth_seq_id 
_struct_conf.end_auth_comp_id 
_struct_conf.end_auth_asym_id 
_struct_conf.end_auth_seq_id 
_struct_conf.pdbx_PDB_helix_class 
_struct_conf.details 
_struct_conf.pdbx_PDB_helix_length 
HELX_P HELX_P1 H1 PHE A 24  ? VAL A 28  ? PHE A 25  VAL A 29  5 ? 5  
HELX_P HELX_P2 H2 PRO A 29  ? THR A 40  ? PRO A 30  THR A 41  1 ? 12 
HELX_P HELX_P3 H3 THR A 118 ? ASP A 122 ? THR A 119 ASP A 123 5 ? 5  
HELX_P HELX_P4 H4 GLY A 134 ? MET A 141 ? GLY A 135 MET A 142 1 ? 8  
HELX_P HELX_P5 H5 GLU A 142 ? GLY A 145 ? GLU A 143 GLY A 146 5 ? 4  
# 
_struct_conf_type.id          HELX_P 
_struct_conf_type.criteria    ? 
_struct_conf_type.reference   ? 
# 
_struct_conn.id                            covale1 
_struct_conn.conn_type_id                  covale 
_struct_conn.pdbx_leaving_atom_flag        both 
_struct_conn.pdbx_PDB_id                   ? 
_struct_conn.ptnr1_label_asym_id           B 
_struct_conn.ptnr1_label_comp_id           GLY 
_struct_conn.ptnr1_label_seq_id            . 
_struct_conn.ptnr1_label_atom_id           C 
_struct_conn.pdbx_ptnr1_label_alt_id       ? 
_struct_conn.pdbx_ptnr1_PDB_ins_code       ? 
_struct_conn.pdbx_ptnr1_standard_comp_id   ? 
_struct_conn.ptnr1_symmetry                1_555 
_struct_conn.ptnr2_label_asym_id           C 
_struct_conn.ptnr2_label_comp_id           PRO 
_struct_conn.ptnr2_label_seq_id            . 
_struct_conn.ptnr2_label_atom_id           N 
_struct_conn.pdbx_ptnr2_label_alt_id       ? 
_struct_conn.pdbx_ptnr2_PDB_ins_code       ? 
_struct_conn.ptnr1_auth_asym_id            A 
_struct_conn.ptnr1_auth_comp_id            GLY 
_struct_conn.ptnr1_auth_seq_id             201 
_struct_conn.ptnr2_auth_asym_id            A 
_struct_conn.ptnr2_auth_comp_id            PRO 
_struct_conn.ptnr2_auth_seq_id             202 
_struct_conn.ptnr2_symmetry                1_555 
_struct_conn.pdbx_ptnr3_label_atom_id      ? 
_struct_conn.pdbx_ptnr3_label_seq_id       ? 
_struct_conn.pdbx_ptnr3_label_comp_id      ? 
_struct_conn.pdbx_ptnr3_label_asym_id      ? 
_struct_conn.pdbx_ptnr3_label_alt_id       ? 
_struct_conn.pdbx_ptnr3_PDB_ins_code       ? 
_struct_conn.details                       ? 
_struct_conn.pdbx_dist_value               1.321 
_struct_conn.pdbx_value_order              ? 
_struct_conn.pdbx_role                     ? 
# 
_struct_conn_type.id          covale 
_struct_conn_type.criteria    ? 
_struct_conn_type.reference   ? 
# 
_struct_sheet.id               A 
_struct_sheet.type             ? 
_struct_sheet.number_strands   8 
_struct_sheet.details          ? 
# 
loop_
_struct_sheet_order.sheet_id 
_struct_sheet_order.range_id_1 
_struct_sheet_order.range_id_2 
_struct_sheet_order.offset 
_struct_sheet_order.sense 
A 1 2 ? anti-parallel 
A 2 3 ? anti-parallel 
A 3 4 ? anti-parallel 
A 4 5 ? anti-parallel 
A 5 6 ? anti-parallel 
A 6 7 ? anti-parallel 
A 7 8 ? anti-parallel 
# 
loop_
_struct_sheet_range.sheet_id 
_struct_sheet_range.id 
_struct_sheet_range.beg_label_comp_id 
_struct_sheet_range.beg_label_asym_id 
_struct_sheet_range.beg_label_seq_id 
_struct_sheet_range.pdbx_beg_PDB_ins_code 
_struct_sheet_range.end_label_comp_id 
_struct_sheet_range.end_label_asym_id 
_struct_sheet_range.end_label_seq_id 
_struct_sheet_range.pdbx_end_PDB_ins_code 
_struct_sheet_range.beg_auth_comp_id 
_struct_sheet_range.beg_auth_asym_id 
_struct_sheet_range.beg_auth_seq_id 
_struct_sheet_range.end_auth_comp_id 
_struct_sheet_range.end_auth_asym_id 
_struct_sheet_range.end_auth_seq_id 
A 1 ILE A 155 ? GLN A 162 ? ILE A 156 GLN A 163 
A 2 THR A 4   ? VAL A 11  ? THR A 5   VAL A 12  
A 3 GLU A 14  ? LEU A 23  ? GLU A 15  LEU A 24  
A 4 VAL A 127 ? GLU A 133 ? VAL A 128 GLU A 134 
A 5 ILE A 96  ? MET A 99  ? ILE A 97  MET A 100 
A 6 PHE A 111 ? CYS A 114 ? PHE A 112 CYS A 115 
A 7 MET A 60  ? GLY A 63  ? MET A 61  GLY A 64  
A 8 PHE A 52  ? ILE A 56  ? PHE A 53  ILE A 57  
# 
loop_
_pdbx_struct_sheet_hbond.sheet_id 
_pdbx_struct_sheet_hbond.range_id_1 
_pdbx_struct_sheet_hbond.range_id_2 
_pdbx_struct_sheet_hbond.range_1_label_atom_id 
_pdbx_struct_sheet_hbond.range_1_label_comp_id 
_pdbx_struct_sheet_hbond.range_1_label_asym_id 
_pdbx_struct_sheet_hbond.range_1_label_seq_id 
_pdbx_struct_sheet_hbond.range_1_PDB_ins_code 
_pdbx_struct_sheet_hbond.range_1_auth_atom_id 
_pdbx_struct_sheet_hbond.range_1_auth_comp_id 
_pdbx_struct_sheet_hbond.range_1_auth_asym_id 
_pdbx_struct_sheet_hbond.range_1_auth_seq_id 
_pdbx_struct_sheet_hbond.range_2_label_atom_id 
_pdbx_struct_sheet_hbond.range_2_label_comp_id 
_pdbx_struct_sheet_hbond.range_2_label_asym_id 
_pdbx_struct_sheet_hbond.range_2_label_seq_id 
_pdbx_struct_sheet_hbond.range_2_PDB_ins_code 
_pdbx_struct_sheet_hbond.range_2_auth_atom_id 
_pdbx_struct_sheet_hbond.range_2_auth_comp_id 
_pdbx_struct_sheet_hbond.range_2_auth_asym_id 
_pdbx_struct_sheet_hbond.range_2_auth_seq_id 
A 1 2 O THR A 156 ? O THR A 157 N ALA A 10  ? N ALA A 11  
A 2 3 O VAL A 5   ? O VAL A 6   N PHE A 21  ? N PHE A 22  
A 3 4 O SER A 20  ? O SER A 21  N GLU A 133 ? N GLU A 134 
A 4 5 O PHE A 128 ? O PHE A 129 N LEU A 97  ? N LEU A 98  
A 5 6 O SER A 98  ? O SER A 99  N PHE A 112 ? N PHE A 113 
A 6 7 O PHE A 111 ? O PHE A 112 N GLY A 63  ? N GLY A 64  
A 7 8 O MET A 60  ? O MET A 61  N ILE A 56  ? N ILE A 57  
# 
loop_
_struct_site.id 
_struct_site.pdbx_evidence_code 
_struct_site.pdbx_auth_asym_id 
_struct_site.pdbx_auth_comp_id 
_struct_site.pdbx_auth_seq_id 
_struct_site.pdbx_auth_ins_code 
_struct_site.pdbx_num_residues 
_struct_site.details 
AC1 Software A GLY 201 ? 5 'BINDING SITE FOR RESIDUE GLY A 201' 
AC2 Software A PRO 202 ? 6 'BINDING SITE FOR RESIDUE PRO A 202' 
# 
loop_
_struct_site_gen.id 
_struct_site_gen.site_id 
_struct_site_gen.pdbx_num_res 
_struct_site_gen.label_comp_id 
_struct_site_gen.label_asym_id 
_struct_site_gen.label_seq_id 
_struct_site_gen.pdbx_auth_ins_code 
_struct_site_gen.auth_comp_id 
_struct_site_gen.auth_asym_id 
_struct_site_gen.auth_seq_id 
_struct_site_gen.label_atom_id 
_struct_site_gen.label_alt_id 
_struct_site_gen.symmetry 
_struct_site_gen.details 
1  AC1 5 ALA A 100 ? ALA A 101 . ? 1_555 ? 
2  AC1 5 ASN A 101 ? ASN A 102 . ? 1_555 ? 
3  AC1 5 HIS A 125 ? HIS A 126 . ? 1_555 ? 
4  AC1 5 PRO C .   ? PRO A 202 . ? 1_555 ? 
5  AC1 5 HOH D .   ? HOH A 248 . ? 1_555 ? 
6  AC2 6 ARG A 54  ? ARG A 55  . ? 1_555 ? 
7  AC2 6 PHE A 59  ? PHE A 60  . ? 1_555 ? 
8  AC2 6 GLN A 62  ? GLN A 63  . ? 1_555 ? 
9  AC2 6 PHE A 112 ? PHE A 113 . ? 1_555 ? 
10 AC2 6 GLY B .   ? GLY A 201 . ? 1_555 ? 
11 AC2 6 HOH D .   ? HOH A 249 . ? 1_555 ? 
# 
loop_
_pdbx_validate_rmsd_bond.id 
_pdbx_validate_rmsd_bond.PDB_model_num 
_pdbx_validate_rmsd_bond.auth_atom_id_1 
_pdbx_validate_rmsd_bond.auth_asym_id_1 
_pdbx_validate_rmsd_bond.auth_comp_id_1 
_pdbx_validate_rmsd_bond.auth_seq_id_1 
_pdbx_validate_rmsd_bond.PDB_ins_code_1 
_pdbx_validate_rmsd_bond.label_alt_id_1 
_pdbx_validate_rmsd_bond.auth_atom_id_2 
_pdbx_validate_rmsd_bond.auth_asym_id_2 
_pdbx_validate_rmsd_bond.auth_comp_id_2 
_pdbx_validate_rmsd_bond.auth_seq_id_2 
_pdbx_validate_rmsd_bond.PDB_ins_code_2 
_pdbx_validate_rmsd_bond.label_alt_id_2 
_pdbx_validate_rmsd_bond.bond_value 
_pdbx_validate_rmsd_bond.bond_target_value 
_pdbx_validate_rmsd_bond.bond_deviation 
_pdbx_validate_rmsd_bond.bond_standard_deviation 
_pdbx_validate_rmsd_bond.linker_flag 
1 1 NE2 A HIS 54  ? ? CD2 A HIS 54  ? ? 1.305 1.373 -0.068 0.011 N 
2 1 NE2 A HIS 70  ? ? CD2 A HIS 70  ? ? 1.297 1.373 -0.076 0.011 N 
3 1 NE2 A HIS 126 ? ? CD2 A HIS 126 ? ? 1.304 1.373 -0.069 0.011 N 
# 
loop_
_pdbx_validate_rmsd_angle.id 
_pdbx_validate_rmsd_angle.PDB_model_num 
_pdbx_validate_rmsd_angle.auth_atom_id_1 
_pdbx_validate_rmsd_angle.auth_asym_id_1 
_pdbx_validate_rmsd_angle.auth_comp_id_1 
_pdbx_validate_rmsd_angle.auth_seq_id_1 
_pdbx_validate_rmsd_angle.PDB_ins_code_1 
_pdbx_validate_rmsd_angle.label_alt_id_1 
_pdbx_validate_rmsd_angle.auth_atom_id_2 
_pdbx_validate_rmsd_angle.auth_asym_id_2 
_pdbx_validate_rmsd_angle.auth_comp_id_2 
_pdbx_validate_rmsd_angle.auth_seq_id_2 
_pdbx_validate_rmsd_angle.PDB_ins_code_2 
_pdbx_validate_rmsd_angle.label_alt_id_2 
_pdbx_validate_rmsd_angle.auth_atom_id_3 
_pdbx_validate_rmsd_angle.auth_asym_id_3 
_pdbx_validate_rmsd_angle.auth_comp_id_3 
_pdbx_validate_rmsd_angle.auth_seq_id_3 
_pdbx_validate_rmsd_angle.PDB_ins_code_3 
_pdbx_validate_rmsd_angle.label_alt_id_3 
_pdbx_validate_rmsd_angle.angle_value 
_pdbx_validate_rmsd_angle.angle_target_value 
_pdbx_validate_rmsd_angle.angle_deviation 
_pdbx_validate_rmsd_angle.angle_standard_deviation 
_pdbx_validate_rmsd_angle.linker_flag 
1 1 CD1 A TRP 121 ? ? CG  A TRP 121 ? ? CD2 A TRP 121 ? ? 112.12 106.30 5.82  0.80 N 
2 1 CE2 A TRP 121 ? ? CD2 A TRP 121 ? ? CG  A TRP 121 ? ? 101.70 107.30 -5.60 0.80 N 
# 
loop_
_pdbx_validate_torsion.id 
_pdbx_validate_torsion.PDB_model_num 
_pdbx_validate_torsion.auth_comp_id 
_pdbx_validate_torsion.auth_asym_id 
_pdbx_validate_torsion.auth_seq_id 
_pdbx_validate_torsion.PDB_ins_code 
_pdbx_validate_torsion.label_alt_id 
_pdbx_validate_torsion.phi 
_pdbx_validate_torsion.psi 
1 1 LEU A 17 ? ? -108.18 -64.44 
2 1 PHE A 60 ? ? -140.65 -73.42 
3 1 HIS A 70 ? ? 59.65   19.37  
# 
loop_
_pdbx_validate_planes.id 
_pdbx_validate_planes.PDB_model_num 
_pdbx_validate_planes.auth_comp_id 
_pdbx_validate_planes.auth_asym_id 
_pdbx_validate_planes.auth_seq_id 
_pdbx_validate_planes.PDB_ins_code 
_pdbx_validate_planes.label_alt_id 
_pdbx_validate_planes.rmsd 
_pdbx_validate_planes.type 
1 1 HIS A 70  ? ? 0.102 'SIDE CHAIN' 
2 1 PHE A 112 ? ? 0.087 'SIDE CHAIN' 
# 
_pdbx_entry_details.entry_id                 5CYH 
_pdbx_entry_details.nonpolymer_details       'THE RESIDUES 201 AND 202 REPRESENT A DIPEPTIDE BOUND TO CYCLOPHILIN A' 
_pdbx_entry_details.compound_details         ? 
_pdbx_entry_details.source_details           ? 
_pdbx_entry_details.sequence_details         ? 
_pdbx_entry_details.has_ligand_of_interest   ? 
# 
loop_
_chem_comp_atom.comp_id 
_chem_comp_atom.atom_id 
_chem_comp_atom.type_symbol 
_chem_comp_atom.pdbx_aromatic_flag 
_chem_comp_atom.pdbx_stereo_config 
_chem_comp_atom.pdbx_ordinal 
ALA N    N N N 1   
ALA CA   C N S 2   
ALA C    C N N 3   
ALA O    O N N 4   
ALA CB   C N N 5   
ALA OXT  O N N 6   
ALA H    H N N 7   
ALA H2   H N N 8   
ALA HA   H N N 9   
ALA HB1  H N N 10  
ALA HB2  H N N 11  
ALA HB3  H N N 12  
ALA HXT  H N N 13  
ARG N    N N N 14  
ARG CA   C N S 15  
ARG C    C N N 16  
ARG O    O N N 17  
ARG CB   C N N 18  
ARG CG   C N N 19  
ARG CD   C N N 20  
ARG NE   N N N 21  
ARG CZ   C N N 22  
ARG NH1  N N N 23  
ARG NH2  N N N 24  
ARG OXT  O N N 25  
ARG H    H N N 26  
ARG H2   H N N 27  
ARG HA   H N N 28  
ARG HB2  H N N 29  
ARG HB3  H N N 30  
ARG HG2  H N N 31  
ARG HG3  H N N 32  
ARG HD2  H N N 33  
ARG HD3  H N N 34  
ARG HE   H N N 35  
ARG HH11 H N N 36  
ARG HH12 H N N 37  
ARG HH21 H N N 38  
ARG HH22 H N N 39  
ARG HXT  H N N 40  
ASN N    N N N 41  
ASN CA   C N S 42  
ASN C    C N N 43  
ASN O    O N N 44  
ASN CB   C N N 45  
ASN CG   C N N 46  
ASN OD1  O N N 47  
ASN ND2  N N N 48  
ASN OXT  O N N 49  
ASN H    H N N 50  
ASN H2   H N N 51  
ASN HA   H N N 52  
ASN HB2  H N N 53  
ASN HB3  H N N 54  
ASN HD21 H N N 55  
ASN HD22 H N N 56  
ASN HXT  H N N 57  
ASP N    N N N 58  
ASP CA   C N S 59  
ASP C    C N N 60  
ASP O    O N N 61  
ASP CB   C N N 62  
ASP CG   C N N 63  
ASP OD1  O N N 64  
ASP OD2  O N N 65  
ASP OXT  O N N 66  
ASP H    H N N 67  
ASP H2   H N N 68  
ASP HA   H N N 69  
ASP HB2  H N N 70  
ASP HB3  H N N 71  
ASP HD2  H N N 72  
ASP HXT  H N N 73  
CYS N    N N N 74  
CYS CA   C N R 75  
CYS C    C N N 76  
CYS O    O N N 77  
CYS CB   C N N 78  
CYS SG   S N N 79  
CYS OXT  O N N 80  
CYS H    H N N 81  
CYS H2   H N N 82  
CYS HA   H N N 83  
CYS HB2  H N N 84  
CYS HB3  H N N 85  
CYS HG   H N N 86  
CYS HXT  H N N 87  
GLN N    N N N 88  
GLN CA   C N S 89  
GLN C    C N N 90  
GLN O    O N N 91  
GLN CB   C N N 92  
GLN CG   C N N 93  
GLN CD   C N N 94  
GLN OE1  O N N 95  
GLN NE2  N N N 96  
GLN OXT  O N N 97  
GLN H    H N N 98  
GLN H2   H N N 99  
GLN HA   H N N 100 
GLN HB2  H N N 101 
GLN HB3  H N N 102 
GLN HG2  H N N 103 
GLN HG3  H N N 104 
GLN HE21 H N N 105 
GLN HE22 H N N 106 
GLN HXT  H N N 107 
GLU N    N N N 108 
GLU CA   C N S 109 
GLU C    C N N 110 
GLU O    O N N 111 
GLU CB   C N N 112 
GLU CG   C N N 113 
GLU CD   C N N 114 
GLU OE1  O N N 115 
GLU OE2  O N N 116 
GLU OXT  O N N 117 
GLU H    H N N 118 
GLU H2   H N N 119 
GLU HA   H N N 120 
GLU HB2  H N N 121 
GLU HB3  H N N 122 
GLU HG2  H N N 123 
GLU HG3  H N N 124 
GLU HE2  H N N 125 
GLU HXT  H N N 126 
GLY N    N N N 127 
GLY CA   C N N 128 
GLY C    C N N 129 
GLY O    O N N 130 
GLY OXT  O N N 131 
GLY H    H N N 132 
GLY H2   H N N 133 
GLY HA2  H N N 134 
GLY HA3  H N N 135 
GLY HXT  H N N 136 
HIS N    N N N 137 
HIS CA   C N S 138 
HIS C    C N N 139 
HIS O    O N N 140 
HIS CB   C N N 141 
HIS CG   C Y N 142 
HIS ND1  N Y N 143 
HIS CD2  C Y N 144 
HIS CE1  C Y N 145 
HIS NE2  N Y N 146 
HIS OXT  O N N 147 
HIS H    H N N 148 
HIS H2   H N N 149 
HIS HA   H N N 150 
HIS HB2  H N N 151 
HIS HB3  H N N 152 
HIS HD1  H N N 153 
HIS HD2  H N N 154 
HIS HE1  H N N 155 
HIS HE2  H N N 156 
HIS HXT  H N N 157 
HOH O    O N N 158 
HOH H1   H N N 159 
HOH H2   H N N 160 
ILE N    N N N 161 
ILE CA   C N S 162 
ILE C    C N N 163 
ILE O    O N N 164 
ILE CB   C N S 165 
ILE CG1  C N N 166 
ILE CG2  C N N 167 
ILE CD1  C N N 168 
ILE OXT  O N N 169 
ILE H    H N N 170 
ILE H2   H N N 171 
ILE HA   H N N 172 
ILE HB   H N N 173 
ILE HG12 H N N 174 
ILE HG13 H N N 175 
ILE HG21 H N N 176 
ILE HG22 H N N 177 
ILE HG23 H N N 178 
ILE HD11 H N N 179 
ILE HD12 H N N 180 
ILE HD13 H N N 181 
ILE HXT  H N N 182 
LEU N    N N N 183 
LEU CA   C N S 184 
LEU C    C N N 185 
LEU O    O N N 186 
LEU CB   C N N 187 
LEU CG   C N N 188 
LEU CD1  C N N 189 
LEU CD2  C N N 190 
LEU OXT  O N N 191 
LEU H    H N N 192 
LEU H2   H N N 193 
LEU HA   H N N 194 
LEU HB2  H N N 195 
LEU HB3  H N N 196 
LEU HG   H N N 197 
LEU HD11 H N N 198 
LEU HD12 H N N 199 
LEU HD13 H N N 200 
LEU HD21 H N N 201 
LEU HD22 H N N 202 
LEU HD23 H N N 203 
LEU HXT  H N N 204 
LYS N    N N N 205 
LYS CA   C N S 206 
LYS C    C N N 207 
LYS O    O N N 208 
LYS CB   C N N 209 
LYS CG   C N N 210 
LYS CD   C N N 211 
LYS CE   C N N 212 
LYS NZ   N N N 213 
LYS OXT  O N N 214 
LYS H    H N N 215 
LYS H2   H N N 216 
LYS HA   H N N 217 
LYS HB2  H N N 218 
LYS HB3  H N N 219 
LYS HG2  H N N 220 
LYS HG3  H N N 221 
LYS HD2  H N N 222 
LYS HD3  H N N 223 
LYS HE2  H N N 224 
LYS HE3  H N N 225 
LYS HZ1  H N N 226 
LYS HZ2  H N N 227 
LYS HZ3  H N N 228 
LYS HXT  H N N 229 
MET N    N N N 230 
MET CA   C N S 231 
MET C    C N N 232 
MET O    O N N 233 
MET CB   C N N 234 
MET CG   C N N 235 
MET SD   S N N 236 
MET CE   C N N 237 
MET OXT  O N N 238 
MET H    H N N 239 
MET H2   H N N 240 
MET HA   H N N 241 
MET HB2  H N N 242 
MET HB3  H N N 243 
MET HG2  H N N 244 
MET HG3  H N N 245 
MET HE1  H N N 246 
MET HE2  H N N 247 
MET HE3  H N N 248 
MET HXT  H N N 249 
PHE N    N N N 250 
PHE CA   C N S 251 
PHE C    C N N 252 
PHE O    O N N 253 
PHE CB   C N N 254 
PHE CG   C Y N 255 
PHE CD1  C Y N 256 
PHE CD2  C Y N 257 
PHE CE1  C Y N 258 
PHE CE2  C Y N 259 
PHE CZ   C Y N 260 
PHE OXT  O N N 261 
PHE H    H N N 262 
PHE H2   H N N 263 
PHE HA   H N N 264 
PHE HB2  H N N 265 
PHE HB3  H N N 266 
PHE HD1  H N N 267 
PHE HD2  H N N 268 
PHE HE1  H N N 269 
PHE HE2  H N N 270 
PHE HZ   H N N 271 
PHE HXT  H N N 272 
PRO N    N N N 273 
PRO CA   C N S 274 
PRO C    C N N 275 
PRO O    O N N 276 
PRO CB   C N N 277 
PRO CG   C N N 278 
PRO CD   C N N 279 
PRO OXT  O N N 280 
PRO H    H N N 281 
PRO HA   H N N 282 
PRO HB2  H N N 283 
PRO HB3  H N N 284 
PRO HG2  H N N 285 
PRO HG3  H N N 286 
PRO HD2  H N N 287 
PRO HD3  H N N 288 
PRO HXT  H N N 289 
SER N    N N N 290 
SER CA   C N S 291 
SER C    C N N 292 
SER O    O N N 293 
SER CB   C N N 294 
SER OG   O N N 295 
SER OXT  O N N 296 
SER H    H N N 297 
SER H2   H N N 298 
SER HA   H N N 299 
SER HB2  H N N 300 
SER HB3  H N N 301 
SER HG   H N N 302 
SER HXT  H N N 303 
THR N    N N N 304 
THR CA   C N S 305 
THR C    C N N 306 
THR O    O N N 307 
THR CB   C N R 308 
THR OG1  O N N 309 
THR CG2  C N N 310 
THR OXT  O N N 311 
THR H    H N N 312 
THR H2   H N N 313 
THR HA   H N N 314 
THR HB   H N N 315 
THR HG1  H N N 316 
THR HG21 H N N 317 
THR HG22 H N N 318 
THR HG23 H N N 319 
THR HXT  H N N 320 
TRP N    N N N 321 
TRP CA   C N S 322 
TRP C    C N N 323 
TRP O    O N N 324 
TRP CB   C N N 325 
TRP CG   C Y N 326 
TRP CD1  C Y N 327 
TRP CD2  C Y N 328 
TRP NE1  N Y N 329 
TRP CE2  C Y N 330 
TRP CE3  C Y N 331 
TRP CZ2  C Y N 332 
TRP CZ3  C Y N 333 
TRP CH2  C Y N 334 
TRP OXT  O N N 335 
TRP H    H N N 336 
TRP H2   H N N 337 
TRP HA   H N N 338 
TRP HB2  H N N 339 
TRP HB3  H N N 340 
TRP HD1  H N N 341 
TRP HE1  H N N 342 
TRP HE3  H N N 343 
TRP HZ2  H N N 344 
TRP HZ3  H N N 345 
TRP HH2  H N N 346 
TRP HXT  H N N 347 
TYR N    N N N 348 
TYR CA   C N S 349 
TYR C    C N N 350 
TYR O    O N N 351 
TYR CB   C N N 352 
TYR CG   C Y N 353 
TYR CD1  C Y N 354 
TYR CD2  C Y N 355 
TYR CE1  C Y N 356 
TYR CE2  C Y N 357 
TYR CZ   C Y N 358 
TYR OH   O N N 359 
TYR OXT  O N N 360 
TYR H    H N N 361 
TYR H2   H N N 362 
TYR HA   H N N 363 
TYR HB2  H N N 364 
TYR HB3  H N N 365 
TYR HD1  H N N 366 
TYR HD2  H N N 367 
TYR HE1  H N N 368 
TYR HE2  H N N 369 
TYR HH   H N N 370 
TYR HXT  H N N 371 
VAL N    N N N 372 
VAL CA   C N S 373 
VAL C    C N N 374 
VAL O    O N N 375 
VAL CB   C N N 376 
VAL CG1  C N N 377 
VAL CG2  C N N 378 
VAL OXT  O N N 379 
VAL H    H N N 380 
VAL H2   H N N 381 
VAL HA   H N N 382 
VAL HB   H N N 383 
VAL HG11 H N N 384 
VAL HG12 H N N 385 
VAL HG13 H N N 386 
VAL HG21 H N N 387 
VAL HG22 H N N 388 
VAL HG23 H N N 389 
VAL HXT  H N N 390 
# 
loop_
_chem_comp_bond.comp_id 
_chem_comp_bond.atom_id_1 
_chem_comp_bond.atom_id_2 
_chem_comp_bond.value_order 
_chem_comp_bond.pdbx_aromatic_flag 
_chem_comp_bond.pdbx_stereo_config 
_chem_comp_bond.pdbx_ordinal 
ALA N   CA   sing N N 1   
ALA N   H    sing N N 2   
ALA N   H2   sing N N 3   
ALA CA  C    sing N N 4   
ALA CA  CB   sing N N 5   
ALA CA  HA   sing N N 6   
ALA C   O    doub N N 7   
ALA C   OXT  sing N N 8   
ALA CB  HB1  sing N N 9   
ALA CB  HB2  sing N N 10  
ALA CB  HB3  sing N N 11  
ALA OXT HXT  sing N N 12  
ARG N   CA   sing N N 13  
ARG N   H    sing N N 14  
ARG N   H2   sing N N 15  
ARG CA  C    sing N N 16  
ARG CA  CB   sing N N 17  
ARG CA  HA   sing N N 18  
ARG C   O    doub N N 19  
ARG C   OXT  sing N N 20  
ARG CB  CG   sing N N 21  
ARG CB  HB2  sing N N 22  
ARG CB  HB3  sing N N 23  
ARG CG  CD   sing N N 24  
ARG CG  HG2  sing N N 25  
ARG CG  HG3  sing N N 26  
ARG CD  NE   sing N N 27  
ARG CD  HD2  sing N N 28  
ARG CD  HD3  sing N N 29  
ARG NE  CZ   sing N N 30  
ARG NE  HE   sing N N 31  
ARG CZ  NH1  sing N N 32  
ARG CZ  NH2  doub N N 33  
ARG NH1 HH11 sing N N 34  
ARG NH1 HH12 sing N N 35  
ARG NH2 HH21 sing N N 36  
ARG NH2 HH22 sing N N 37  
ARG OXT HXT  sing N N 38  
ASN N   CA   sing N N 39  
ASN N   H    sing N N 40  
ASN N   H2   sing N N 41  
ASN CA  C    sing N N 42  
ASN CA  CB   sing N N 43  
ASN CA  HA   sing N N 44  
ASN C   O    doub N N 45  
ASN C   OXT  sing N N 46  
ASN CB  CG   sing N N 47  
ASN CB  HB2  sing N N 48  
ASN CB  HB3  sing N N 49  
ASN CG  OD1  doub N N 50  
ASN CG  ND2  sing N N 51  
ASN ND2 HD21 sing N N 52  
ASN ND2 HD22 sing N N 53  
ASN OXT HXT  sing N N 54  
ASP N   CA   sing N N 55  
ASP N   H    sing N N 56  
ASP N   H2   sing N N 57  
ASP CA  C    sing N N 58  
ASP CA  CB   sing N N 59  
ASP CA  HA   sing N N 60  
ASP C   O    doub N N 61  
ASP C   OXT  sing N N 62  
ASP CB  CG   sing N N 63  
ASP CB  HB2  sing N N 64  
ASP CB  HB3  sing N N 65  
ASP CG  OD1  doub N N 66  
ASP CG  OD2  sing N N 67  
ASP OD2 HD2  sing N N 68  
ASP OXT HXT  sing N N 69  
CYS N   CA   sing N N 70  
CYS N   H    sing N N 71  
CYS N   H2   sing N N 72  
CYS CA  C    sing N N 73  
CYS CA  CB   sing N N 74  
CYS CA  HA   sing N N 75  
CYS C   O    doub N N 76  
CYS C   OXT  sing N N 77  
CYS CB  SG   sing N N 78  
CYS CB  HB2  sing N N 79  
CYS CB  HB3  sing N N 80  
CYS SG  HG   sing N N 81  
CYS OXT HXT  sing N N 82  
GLN N   CA   sing N N 83  
GLN N   H    sing N N 84  
GLN N   H2   sing N N 85  
GLN CA  C    sing N N 86  
GLN CA  CB   sing N N 87  
GLN CA  HA   sing N N 88  
GLN C   O    doub N N 89  
GLN C   OXT  sing N N 90  
GLN CB  CG   sing N N 91  
GLN CB  HB2  sing N N 92  
GLN CB  HB3  sing N N 93  
GLN CG  CD   sing N N 94  
GLN CG  HG2  sing N N 95  
GLN CG  HG3  sing N N 96  
GLN CD  OE1  doub N N 97  
GLN CD  NE2  sing N N 98  
GLN NE2 HE21 sing N N 99  
GLN NE2 HE22 sing N N 100 
GLN OXT HXT  sing N N 101 
GLU N   CA   sing N N 102 
GLU N   H    sing N N 103 
GLU N   H2   sing N N 104 
GLU CA  C    sing N N 105 
GLU CA  CB   sing N N 106 
GLU CA  HA   sing N N 107 
GLU C   O    doub N N 108 
GLU C   OXT  sing N N 109 
GLU CB  CG   sing N N 110 
GLU CB  HB2  sing N N 111 
GLU CB  HB3  sing N N 112 
GLU CG  CD   sing N N 113 
GLU CG  HG2  sing N N 114 
GLU CG  HG3  sing N N 115 
GLU CD  OE1  doub N N 116 
GLU CD  OE2  sing N N 117 
GLU OE2 HE2  sing N N 118 
GLU OXT HXT  sing N N 119 
GLY N   CA   sing N N 120 
GLY N   H    sing N N 121 
GLY N   H2   sing N N 122 
GLY CA  C    sing N N 123 
GLY CA  HA2  sing N N 124 
GLY CA  HA3  sing N N 125 
GLY C   O    doub N N 126 
GLY C   OXT  sing N N 127 
GLY OXT HXT  sing N N 128 
HIS N   CA   sing N N 129 
HIS N   H    sing N N 130 
HIS N   H2   sing N N 131 
HIS CA  C    sing N N 132 
HIS CA  CB   sing N N 133 
HIS CA  HA   sing N N 134 
HIS C   O    doub N N 135 
HIS C   OXT  sing N N 136 
HIS CB  CG   sing N N 137 
HIS CB  HB2  sing N N 138 
HIS CB  HB3  sing N N 139 
HIS CG  ND1  sing Y N 140 
HIS CG  CD2  doub Y N 141 
HIS ND1 CE1  doub Y N 142 
HIS ND1 HD1  sing N N 143 
HIS CD2 NE2  sing Y N 144 
HIS CD2 HD2  sing N N 145 
HIS CE1 NE2  sing Y N 146 
HIS CE1 HE1  sing N N 147 
HIS NE2 HE2  sing N N 148 
HIS OXT HXT  sing N N 149 
HOH O   H1   sing N N 150 
HOH O   H2   sing N N 151 
ILE N   CA   sing N N 152 
ILE N   H    sing N N 153 
ILE N   H2   sing N N 154 
ILE CA  C    sing N N 155 
ILE CA  CB   sing N N 156 
ILE CA  HA   sing N N 157 
ILE C   O    doub N N 158 
ILE C   OXT  sing N N 159 
ILE CB  CG1  sing N N 160 
ILE CB  CG2  sing N N 161 
ILE CB  HB   sing N N 162 
ILE CG1 CD1  sing N N 163 
ILE CG1 HG12 sing N N 164 
ILE CG1 HG13 sing N N 165 
ILE CG2 HG21 sing N N 166 
ILE CG2 HG22 sing N N 167 
ILE CG2 HG23 sing N N 168 
ILE CD1 HD11 sing N N 169 
ILE CD1 HD12 sing N N 170 
ILE CD1 HD13 sing N N 171 
ILE OXT HXT  sing N N 172 
LEU N   CA   sing N N 173 
LEU N   H    sing N N 174 
LEU N   H2   sing N N 175 
LEU CA  C    sing N N 176 
LEU CA  CB   sing N N 177 
LEU CA  HA   sing N N 178 
LEU C   O    doub N N 179 
LEU C   OXT  sing N N 180 
LEU CB  CG   sing N N 181 
LEU CB  HB2  sing N N 182 
LEU CB  HB3  sing N N 183 
LEU CG  CD1  sing N N 184 
LEU CG  CD2  sing N N 185 
LEU CG  HG   sing N N 186 
LEU CD1 HD11 sing N N 187 
LEU CD1 HD12 sing N N 188 
LEU CD1 HD13 sing N N 189 
LEU CD2 HD21 sing N N 190 
LEU CD2 HD22 sing N N 191 
LEU CD2 HD23 sing N N 192 
LEU OXT HXT  sing N N 193 
LYS N   CA   sing N N 194 
LYS N   H    sing N N 195 
LYS N   H2   sing N N 196 
LYS CA  C    sing N N 197 
LYS CA  CB   sing N N 198 
LYS CA  HA   sing N N 199 
LYS C   O    doub N N 200 
LYS C   OXT  sing N N 201 
LYS CB  CG   sing N N 202 
LYS CB  HB2  sing N N 203 
LYS CB  HB3  sing N N 204 
LYS CG  CD   sing N N 205 
LYS CG  HG2  sing N N 206 
LYS CG  HG3  sing N N 207 
LYS CD  CE   sing N N 208 
LYS CD  HD2  sing N N 209 
LYS CD  HD3  sing N N 210 
LYS CE  NZ   sing N N 211 
LYS CE  HE2  sing N N 212 
LYS CE  HE3  sing N N 213 
LYS NZ  HZ1  sing N N 214 
LYS NZ  HZ2  sing N N 215 
LYS NZ  HZ3  sing N N 216 
LYS OXT HXT  sing N N 217 
MET N   CA   sing N N 218 
MET N   H    sing N N 219 
MET N   H2   sing N N 220 
MET CA  C    sing N N 221 
MET CA  CB   sing N N 222 
MET CA  HA   sing N N 223 
MET C   O    doub N N 224 
MET C   OXT  sing N N 225 
MET CB  CG   sing N N 226 
MET CB  HB2  sing N N 227 
MET CB  HB3  sing N N 228 
MET CG  SD   sing N N 229 
MET CG  HG2  sing N N 230 
MET CG  HG3  sing N N 231 
MET SD  CE   sing N N 232 
MET CE  HE1  sing N N 233 
MET CE  HE2  sing N N 234 
MET CE  HE3  sing N N 235 
MET OXT HXT  sing N N 236 
PHE N   CA   sing N N 237 
PHE N   H    sing N N 238 
PHE N   H2   sing N N 239 
PHE CA  C    sing N N 240 
PHE CA  CB   sing N N 241 
PHE CA  HA   sing N N 242 
PHE C   O    doub N N 243 
PHE C   OXT  sing N N 244 
PHE CB  CG   sing N N 245 
PHE CB  HB2  sing N N 246 
PHE CB  HB3  sing N N 247 
PHE CG  CD1  doub Y N 248 
PHE CG  CD2  sing Y N 249 
PHE CD1 CE1  sing Y N 250 
PHE CD1 HD1  sing N N 251 
PHE CD2 CE2  doub Y N 252 
PHE CD2 HD2  sing N N 253 
PHE CE1 CZ   doub Y N 254 
PHE CE1 HE1  sing N N 255 
PHE CE2 CZ   sing Y N 256 
PHE CE2 HE2  sing N N 257 
PHE CZ  HZ   sing N N 258 
PHE OXT HXT  sing N N 259 
PRO N   CA   sing N N 260 
PRO N   CD   sing N N 261 
PRO N   H    sing N N 262 
PRO CA  C    sing N N 263 
PRO CA  CB   sing N N 264 
PRO CA  HA   sing N N 265 
PRO C   O    doub N N 266 
PRO C   OXT  sing N N 267 
PRO CB  CG   sing N N 268 
PRO CB  HB2  sing N N 269 
PRO CB  HB3  sing N N 270 
PRO CG  CD   sing N N 271 
PRO CG  HG2  sing N N 272 
PRO CG  HG3  sing N N 273 
PRO CD  HD2  sing N N 274 
PRO CD  HD3  sing N N 275 
PRO OXT HXT  sing N N 276 
SER N   CA   sing N N 277 
SER N   H    sing N N 278 
SER N   H2   sing N N 279 
SER CA  C    sing N N 280 
SER CA  CB   sing N N 281 
SER CA  HA   sing N N 282 
SER C   O    doub N N 283 
SER C   OXT  sing N N 284 
SER CB  OG   sing N N 285 
SER CB  HB2  sing N N 286 
SER CB  HB3  sing N N 287 
SER OG  HG   sing N N 288 
SER OXT HXT  sing N N 289 
THR N   CA   sing N N 290 
THR N   H    sing N N 291 
THR N   H2   sing N N 292 
THR CA  C    sing N N 293 
THR CA  CB   sing N N 294 
THR CA  HA   sing N N 295 
THR C   O    doub N N 296 
THR C   OXT  sing N N 297 
THR CB  OG1  sing N N 298 
THR CB  CG2  sing N N 299 
THR CB  HB   sing N N 300 
THR OG1 HG1  sing N N 301 
THR CG2 HG21 sing N N 302 
THR CG2 HG22 sing N N 303 
THR CG2 HG23 sing N N 304 
THR OXT HXT  sing N N 305 
TRP N   CA   sing N N 306 
TRP N   H    sing N N 307 
TRP N   H2   sing N N 308 
TRP CA  C    sing N N 309 
TRP CA  CB   sing N N 310 
TRP CA  HA   sing N N 311 
TRP C   O    doub N N 312 
TRP C   OXT  sing N N 313 
TRP CB  CG   sing N N 314 
TRP CB  HB2  sing N N 315 
TRP CB  HB3  sing N N 316 
TRP CG  CD1  doub Y N 317 
TRP CG  CD2  sing Y N 318 
TRP CD1 NE1  sing Y N 319 
TRP CD1 HD1  sing N N 320 
TRP CD2 CE2  doub Y N 321 
TRP CD2 CE3  sing Y N 322 
TRP NE1 CE2  sing Y N 323 
TRP NE1 HE1  sing N N 324 
TRP CE2 CZ2  sing Y N 325 
TRP CE3 CZ3  doub Y N 326 
TRP CE3 HE3  sing N N 327 
TRP CZ2 CH2  doub Y N 328 
TRP CZ2 HZ2  sing N N 329 
TRP CZ3 CH2  sing Y N 330 
TRP CZ3 HZ3  sing N N 331 
TRP CH2 HH2  sing N N 332 
TRP OXT HXT  sing N N 333 
TYR N   CA   sing N N 334 
TYR N   H    sing N N 335 
TYR N   H2   sing N N 336 
TYR CA  C    sing N N 337 
TYR CA  CB   sing N N 338 
TYR CA  HA   sing N N 339 
TYR C   O    doub N N 340 
TYR C   OXT  sing N N 341 
TYR CB  CG   sing N N 342 
TYR CB  HB2  sing N N 343 
TYR CB  HB3  sing N N 344 
TYR CG  CD1  doub Y N 345 
TYR CG  CD2  sing Y N 346 
TYR CD1 CE1  sing Y N 347 
TYR CD1 HD1  sing N N 348 
TYR CD2 CE2  doub Y N 349 
TYR CD2 HD2  sing N N 350 
TYR CE1 CZ   doub Y N 351 
TYR CE1 HE1  sing N N 352 
TYR CE2 CZ   sing Y N 353 
TYR CE2 HE2  sing N N 354 
TYR CZ  OH   sing N N 355 
TYR OH  HH   sing N N 356 
TYR OXT HXT  sing N N 357 
VAL N   CA   sing N N 358 
VAL N   H    sing N N 359 
VAL N   H2   sing N N 360 
VAL CA  C    sing N N 361 
VAL CA  CB   sing N N 362 
VAL CA  HA   sing N N 363 
VAL C   O    doub N N 364 
VAL C   OXT  sing N N 365 
VAL CB  CG1  sing N N 366 
VAL CB  CG2  sing N N 367 
VAL CB  HB   sing N N 368 
VAL CG1 HG11 sing N N 369 
VAL CG1 HG12 sing N N 370 
VAL CG1 HG13 sing N N 371 
VAL CG2 HG21 sing N N 372 
VAL CG2 HG22 sing N N 373 
VAL CG2 HG23 sing N N 374 
VAL OXT HXT  sing N N 375 
# 
_atom_sites.entry_id                    5CYH 
_atom_sites.fract_transf_matrix[1][1]   -0.01224589 
_atom_sites.fract_transf_matrix[1][2]   0.01994095 
_atom_sites.fract_transf_matrix[1][3]   0.00728949 
_atom_sites.fract_transf_matrix[2][1]   0.01276377 
_atom_sites.fract_transf_matrix[2][2]   0.00275043 
_atom_sites.fract_transf_matrix[2][3]   0.01391834 
_atom_sites.fract_transf_matrix[3][1]   0.00611000 
_atom_sites.fract_transf_matrix[3][2]   0.00625209 
_atom_sites.fract_transf_matrix[3][3]   -0.00683865 
_atom_sites.fract_transf_vector[1]      0.393448 
_atom_sites.fract_transf_vector[2]      0.307564 
_atom_sites.fract_transf_vector[3]      0.157612 
# 
loop_
_atom_type.symbol 
C 
H 
N 
O 
S 
# 
loop_
_atom_site.group_PDB 
_atom_site.id 
_atom_site.type_symbol 
_atom_site.label_atom_id 
_atom_site.label_alt_id 
_atom_site.label_comp_id 
_atom_site.label_asym_id 
_atom_site.label_entity_id 
_atom_site.label_seq_id 
_atom_site.pdbx_PDB_ins_code 
_atom_site.Cartn_x 
_atom_site.Cartn_y 
_atom_site.Cartn_z 
_atom_site.occupancy 
_atom_site.B_iso_or_equiv 
_atom_site.pdbx_formal_charge 
_atom_site.auth_seq_id 
_atom_site.auth_comp_id 
_atom_site.auth_asym_id 
_atom_site.auth_atom_id 
_atom_site.pdbx_PDB_model_num 
ATOM   1    N N    . VAL A 1 1   ? 19.295  -5.854  0.763   1.00 58.15 ? 2   VAL A N    1 
ATOM   2    C CA   . VAL A 1 1   ? 19.132  -7.311  0.786   1.00 58.11 ? 2   VAL A CA   1 
ATOM   3    C C    . VAL A 1 1   ? 17.628  -7.617  0.759   1.00 54.85 ? 2   VAL A C    1 
ATOM   4    O O    . VAL A 1 1   ? 17.255  -8.518  0.016   1.00 55.77 ? 2   VAL A O    1 
ATOM   5    C CB   . VAL A 1 1   ? 19.803  -7.954  2.060   1.00 60.63 ? 2   VAL A CB   1 
ATOM   6    C CG1  . VAL A 1 1   ? 19.736  -9.503  1.977   1.00 60.73 ? 2   VAL A CG1  1 
ATOM   7    C CG2  . VAL A 1 1   ? 21.284  -7.512  2.150   1.00 61.64 ? 2   VAL A CG2  1 
ATOM   8    H H1   . VAL A 1 1   ? 18.729  -5.433  -0.012  1.00 0.00  ? 2   VAL A H1   1 
ATOM   9    H H2   . VAL A 1 1   ? 18.879  -5.393  1.602   1.00 0.00  ? 2   VAL A H2   1 
ATOM   10   H H3   . VAL A 1 1   ? 20.266  -5.525  0.669   1.00 0.00  ? 2   VAL A H3   1 
ATOM   11   N N    . ASN A 1 2   ? 16.737  -6.965  1.515   1.00 48.01 ? 3   ASN A N    1 
ATOM   12   C CA   . ASN A 1 2   ? 15.315  -7.069  1.213   1.00 40.77 ? 3   ASN A CA   1 
ATOM   13   C C    . ASN A 1 2   ? 15.098  -5.883  0.281   1.00 37.12 ? 3   ASN A C    1 
ATOM   14   O O    . ASN A 1 2   ? 15.750  -4.865  0.546   1.00 37.50 ? 3   ASN A O    1 
ATOM   15   C CB   . ASN A 1 2   ? 14.486  -6.887  2.455   1.00 39.06 ? 3   ASN A CB   1 
ATOM   16   C CG   . ASN A 1 2   ? 13.972  -8.210  2.965   1.00 36.94 ? 3   ASN A CG   1 
ATOM   17   O OD1  . ASN A 1 2   ? 13.962  -9.227  2.271   1.00 36.05 ? 3   ASN A OD1  1 
ATOM   18   N ND2  . ASN A 1 2   ? 13.527  -8.243  4.205   1.00 37.25 ? 3   ASN A ND2  1 
ATOM   19   H H    . ASN A 1 2   ? 16.976  -6.303  2.196   1.00 0.00  ? 3   ASN A H    1 
ATOM   20   H HD21 . ASN A 1 2   ? 13.243  -9.108  4.566   1.00 0.00  ? 3   ASN A HD21 1 
ATOM   21   H HD22 . ASN A 1 2   ? 13.537  -7.400  4.719   1.00 0.00  ? 3   ASN A HD22 1 
ATOM   22   N N    . PRO A 1 3   ? 14.302  -5.867  -0.794  1.00 33.33 ? 4   PRO A N    1 
ATOM   23   C CA   . PRO A 1 3   ? 14.190  -4.733  -1.694  1.00 31.42 ? 4   PRO A CA   1 
ATOM   24   C C    . PRO A 1 3   ? 13.652  -3.511  -1.012  1.00 30.36 ? 4   PRO A C    1 
ATOM   25   O O    . PRO A 1 3   ? 12.866  -3.659  -0.079  1.00 33.86 ? 4   PRO A O    1 
ATOM   26   C CB   . PRO A 1 3   ? 13.290  -5.207  -2.815  1.00 30.28 ? 4   PRO A CB   1 
ATOM   27   C CG   . PRO A 1 3   ? 12.444  -6.250  -2.145  1.00 31.39 ? 4   PRO A CG   1 
ATOM   28   C CD   . PRO A 1 3   ? 13.482  -6.970  -1.277  1.00 32.06 ? 4   PRO A CD   1 
ATOM   29   N N    . THR A 1 4   ? 14.001  -2.313  -1.405  1.00 29.53 ? 5   THR A N    1 
ATOM   30   C CA   . THR A 1 4   ? 13.354  -1.157  -0.855  1.00 29.47 ? 5   THR A CA   1 
ATOM   31   C C    . THR A 1 4   ? 12.696  -0.414  -1.997  1.00 28.47 ? 5   THR A C    1 
ATOM   32   O O    . THR A 1 4   ? 13.306  -0.315  -3.054  1.00 28.45 ? 5   THR A O    1 
ATOM   33   C CB   . THR A 1 4   ? 14.400  -0.303  -0.160  1.00 32.40 ? 5   THR A CB   1 
ATOM   34   O OG1  . THR A 1 4   ? 14.895  -1.106  0.909   1.00 34.55 ? 5   THR A OG1  1 
ATOM   35   C CG2  . THR A 1 4   ? 13.860  1.004   0.388   1.00 32.91 ? 5   THR A CG2  1 
ATOM   36   H H    . THR A 1 4   ? 14.723  -2.209  -2.056  1.00 0.00  ? 5   THR A H    1 
ATOM   37   H HG1  . THR A 1 4   ? 15.578  -1.682  0.506   1.00 0.00  ? 5   THR A HG1  1 
ATOM   38   N N    . VAL A 1 5   ? 11.481  0.110   -1.878  1.00 25.31 ? 6   VAL A N    1 
ATOM   39   C CA   . VAL A 1 5   ? 10.885  0.869   -2.938  1.00 23.84 ? 6   VAL A CA   1 
ATOM   40   C C    . VAL A 1 5   ? 10.455  2.208   -2.369  1.00 23.50 ? 6   VAL A C    1 
ATOM   41   O O    . VAL A 1 5   ? 10.416  2.385   -1.149  1.00 23.24 ? 6   VAL A O    1 
ATOM   42   C CB   . VAL A 1 5   ? 9.673   0.092   -3.554  1.00 25.59 ? 6   VAL A CB   1 
ATOM   43   C CG1  . VAL A 1 5   ? 10.158  -1.231  -4.166  1.00 23.92 ? 6   VAL A CG1  1 
ATOM   44   C CG2  . VAL A 1 5   ? 8.613   -0.167  -2.507  1.00 28.36 ? 6   VAL A CG2  1 
ATOM   45   H H    . VAL A 1 5   ? 10.995  0.013   -1.028  1.00 0.00  ? 6   VAL A H    1 
ATOM   46   N N    . PHE A 1 6   ? 10.155  3.207   -3.184  1.00 20.88 ? 7   PHE A N    1 
ATOM   47   C CA   . PHE A 1 6   ? 9.761   4.486   -2.664  1.00 19.72 ? 7   PHE A CA   1 
ATOM   48   C C    . PHE A 1 6   ? 8.563   4.896   -3.465  1.00 19.74 ? 7   PHE A C    1 
ATOM   49   O O    . PHE A 1 6   ? 8.413   4.470   -4.614  1.00 18.59 ? 7   PHE A O    1 
ATOM   50   C CB   . PHE A 1 6   ? 10.859  5.577   -2.849  1.00 22.43 ? 7   PHE A CB   1 
ATOM   51   C CG   . PHE A 1 6   ? 11.182  5.988   -4.299  1.00 21.36 ? 7   PHE A CG   1 
ATOM   52   C CD1  . PHE A 1 6   ? 12.045  5.206   -5.069  1.00 21.95 ? 7   PHE A CD1  1 
ATOM   53   C CD2  . PHE A 1 6   ? 10.507  7.058   -4.903  1.00 20.73 ? 7   PHE A CD2  1 
ATOM   54   C CE1  . PHE A 1 6   ? 12.193  5.446   -6.444  1.00 22.74 ? 7   PHE A CE1  1 
ATOM   55   C CE2  . PHE A 1 6   ? 10.642  7.283   -6.272  1.00 22.44 ? 7   PHE A CE2  1 
ATOM   56   C CZ   . PHE A 1 6   ? 11.478  6.477   -7.052  1.00 20.27 ? 7   PHE A CZ   1 
ATOM   57   H H    . PHE A 1 6   ? 10.153  3.071   -4.158  1.00 0.00  ? 7   PHE A H    1 
ATOM   58   N N    . PHE A 1 7   ? 7.776   5.759   -2.861  1.00 19.61 ? 8   PHE A N    1 
ATOM   59   C CA   . PHE A 1 7   ? 6.715   6.439   -3.536  1.00 23.53 ? 8   PHE A CA   1 
ATOM   60   C C    . PHE A 1 7   ? 7.025   7.915   -3.253  1.00 26.15 ? 8   PHE A C    1 
ATOM   61   O O    . PHE A 1 7   ? 7.408   8.290   -2.124  1.00 26.53 ? 8   PHE A O    1 
ATOM   62   C CB   . PHE A 1 7   ? 5.312   6.196   -2.955  1.00 22.79 ? 8   PHE A CB   1 
ATOM   63   C CG   . PHE A 1 7   ? 4.684   4.800   -3.022  1.00 26.00 ? 8   PHE A CG   1 
ATOM   64   C CD1  . PHE A 1 7   ? 5.224   3.764   -3.810  1.00 25.70 ? 8   PHE A CD1  1 
ATOM   65   C CD2  . PHE A 1 7   ? 3.480   4.586   -2.334  1.00 23.68 ? 8   PHE A CD2  1 
ATOM   66   C CE1  . PHE A 1 7   ? 4.545   2.552   -3.941  1.00 26.22 ? 8   PHE A CE1  1 
ATOM   67   C CE2  . PHE A 1 7   ? 2.817   3.369   -2.482  1.00 24.19 ? 8   PHE A CE2  1 
ATOM   68   C CZ   . PHE A 1 7   ? 3.339   2.357   -3.281  1.00 23.19 ? 8   PHE A CZ   1 
ATOM   69   H H    . PHE A 1 7   ? 7.958   6.015   -1.930  1.00 0.00  ? 8   PHE A H    1 
ATOM   70   N N    . ASP A 1 8   ? 6.790   8.774   -4.241  1.00 24.53 ? 9   ASP A N    1 
ATOM   71   C CA   . ASP A 1 8   ? 6.884   10.175  -4.028  1.00 22.36 ? 9   ASP A CA   1 
ATOM   72   C C    . ASP A 1 8   ? 5.437   10.550  -4.071  1.00 21.76 ? 9   ASP A C    1 
ATOM   73   O O    . ASP A 1 8   ? 4.758   10.186  -5.040  1.00 24.41 ? 9   ASP A O    1 
ATOM   74   C CB   . ASP A 1 8   ? 7.665   10.829  -5.149  1.00 27.22 ? 9   ASP A CB   1 
ATOM   75   C CG   . ASP A 1 8   ? 9.150   10.848  -4.874  1.00 28.68 ? 9   ASP A CG   1 
ATOM   76   O OD1  . ASP A 1 8   ? 9.581   10.904  -3.733  1.00 27.35 ? 9   ASP A OD1  1 
ATOM   77   O OD2  . ASP A 1 8   ? 9.940   10.864  -5.793  1.00 32.58 ? 9   ASP A OD2  1 
ATOM   78   H H    . ASP A 1 8   ? 6.344   8.481   -5.046  1.00 0.00  ? 9   ASP A H    1 
ATOM   79   N N    . ILE A 1 9   ? 4.967   11.245  -3.036  1.00 21.39 ? 10  ILE A N    1 
ATOM   80   C CA   . ILE A 1 9   ? 3.590   11.647  -2.816  1.00 22.31 ? 10  ILE A CA   1 
ATOM   81   C C    . ILE A 1 9   ? 3.397   13.122  -3.160  1.00 25.45 ? 10  ILE A C    1 
ATOM   82   O O    . ILE A 1 9   ? 4.255   13.960  -2.852  1.00 27.29 ? 10  ILE A O    1 
ATOM   83   C CB   . ILE A 1 9   ? 3.202   11.403  -1.310  1.00 22.29 ? 10  ILE A CB   1 
ATOM   84   C CG1  . ILE A 1 9   ? 3.491   9.960   -0.903  1.00 20.07 ? 10  ILE A CG1  1 
ATOM   85   C CG2  . ILE A 1 9   ? 1.732   11.752  -1.099  1.00 22.95 ? 10  ILE A CG2  1 
ATOM   86   C CD1  . ILE A 1 9   ? 2.604   8.913   -1.581  1.00 20.17 ? 10  ILE A CD1  1 
ATOM   87   H H    . ILE A 1 9   ? 5.619   11.480  -2.346  1.00 0.00  ? 10  ILE A H    1 
ATOM   88   N N    . ALA A 1 10  ? 2.246   13.443  -3.751  1.00 27.31 ? 11  ALA A N    1 
ATOM   89   C CA   . ALA A 1 10  ? 1.855   14.770  -4.171  1.00 26.23 ? 11  ALA A CA   1 
ATOM   90   C C    . ALA A 1 10  ? 0.401   14.925  -3.715  1.00 29.22 ? 11  ALA A C    1 
ATOM   91   O O    . ALA A 1 10  ? -0.361  13.947  -3.762  1.00 30.38 ? 11  ALA A O    1 
ATOM   92   C CB   . ALA A 1 10  ? 1.952   14.846  -5.688  1.00 25.17 ? 11  ALA A CB   1 
ATOM   93   H H    . ALA A 1 10  ? 1.579   12.731  -3.884  1.00 0.00  ? 11  ALA A H    1 
ATOM   94   N N    . VAL A 1 11  ? -0.032  16.102  -3.265  1.00 29.04 ? 12  VAL A N    1 
ATOM   95   C CA   . VAL A 1 11  ? -1.373  16.409  -2.792  1.00 29.02 ? 12  VAL A CA   1 
ATOM   96   C C    . VAL A 1 11  ? -1.871  17.438  -3.812  1.00 32.40 ? 12  VAL A C    1 
ATOM   97   O O    . VAL A 1 11  ? -1.315  18.535  -3.867  1.00 31.21 ? 12  VAL A O    1 
ATOM   98   C CB   . VAL A 1 11  ? -1.262  17.028  -1.394  1.00 28.00 ? 12  VAL A CB   1 
ATOM   99   C CG1  . VAL A 1 11  ? -2.623  17.366  -0.853  1.00 25.46 ? 12  VAL A CG1  1 
ATOM   100  C CG2  . VAL A 1 11  ? -0.577  16.053  -0.463  1.00 28.14 ? 12  VAL A CG2  1 
ATOM   101  H H    . VAL A 1 11  ? 0.587   16.864  -3.278  1.00 0.00  ? 12  VAL A H    1 
ATOM   102  N N    . ASP A 1 12  ? -2.862  17.132  -4.646  1.00 33.72 ? 13  ASP A N    1 
ATOM   103  C CA   . ASP A 1 12  ? -3.334  17.982  -5.733  1.00 35.28 ? 13  ASP A CA   1 
ATOM   104  C C    . ASP A 1 12  ? -2.233  18.480  -6.664  1.00 37.05 ? 13  ASP A C    1 
ATOM   105  O O    . ASP A 1 12  ? -2.345  19.484  -7.386  1.00 40.61 ? 13  ASP A O    1 
ATOM   106  C CB   . ASP A 1 12  ? -4.058  19.189  -5.202  1.00 34.44 ? 13  ASP A CB   1 
ATOM   107  C CG   . ASP A 1 12  ? -5.420  18.931  -4.628  1.00 35.06 ? 13  ASP A CG   1 
ATOM   108  O OD1  . ASP A 1 12  ? -6.009  17.857  -4.737  1.00 34.86 ? 13  ASP A OD1  1 
ATOM   109  O OD2  . ASP A 1 12  ? -5.938  19.854  -4.012  1.00 38.16 ? 13  ASP A OD2  1 
ATOM   110  H H    . ASP A 1 12  ? -3.335  16.291  -4.515  1.00 0.00  ? 13  ASP A H    1 
ATOM   111  N N    . GLY A 1 13  ? -1.144  17.731  -6.757  1.00 36.01 ? 14  GLY A N    1 
ATOM   112  C CA   . GLY A 1 13  ? -0.018  18.160  -7.561  1.00 36.89 ? 14  GLY A CA   1 
ATOM   113  C C    . GLY A 1 13  ? 1.147   18.667  -6.719  1.00 36.39 ? 14  GLY A C    1 
ATOM   114  O O    . GLY A 1 13  ? 2.286   18.427  -7.088  1.00 40.27 ? 14  GLY A O    1 
ATOM   115  H H    . GLY A 1 13  ? -1.153  16.850  -6.330  1.00 0.00  ? 14  GLY A H    1 
ATOM   116  N N    . GLU A 1 14  ? 0.942   19.305  -5.580  1.00 37.12 ? 15  GLU A N    1 
ATOM   117  C CA   . GLU A 1 14  ? 2.033   19.822  -4.764  1.00 38.28 ? 15  GLU A CA   1 
ATOM   118  C C    . GLU A 1 14  ? 2.816   18.688  -4.154  1.00 35.71 ? 15  GLU A C    1 
ATOM   119  O O    . GLU A 1 14  ? 2.223   17.821  -3.507  1.00 36.78 ? 15  GLU A O    1 
ATOM   120  C CB   . GLU A 1 14  ? 1.513   20.668  -3.627  1.00 44.70 ? 15  GLU A CB   1 
ATOM   121  C CG   . GLU A 1 14  ? 0.533   21.756  -4.040  1.00 53.69 ? 15  GLU A CG   1 
ATOM   122  C CD   . GLU A 1 14  ? 1.180   22.986  -4.665  1.00 59.81 ? 15  GLU A CD   1 
ATOM   123  O OE1  . GLU A 1 14  ? 2.208   22.889  -5.372  1.00 62.01 ? 15  GLU A OE1  1 
ATOM   124  O OE2  . GLU A 1 14  ? 0.628   24.064  -4.415  1.00 63.85 ? 15  GLU A OE2  1 
ATOM   125  H H    . GLU A 1 14  ? 0.024   19.471  -5.270  1.00 0.00  ? 15  GLU A H    1 
ATOM   126  N N    . PRO A 1 15  ? 4.125   18.573  -4.319  1.00 35.98 ? 16  PRO A N    1 
ATOM   127  C CA   . PRO A 1 15  ? 4.904   17.538  -3.685  1.00 34.03 ? 16  PRO A CA   1 
ATOM   128  C C    . PRO A 1 15  ? 4.806   17.617  -2.172  1.00 32.49 ? 16  PRO A C    1 
ATOM   129  O O    . PRO A 1 15  ? 4.731   18.699  -1.591  1.00 32.96 ? 16  PRO A O    1 
ATOM   130  C CB   . PRO A 1 15  ? 6.305   17.735  -4.261  1.00 34.08 ? 16  PRO A CB   1 
ATOM   131  C CG   . PRO A 1 15  ? 6.324   19.158  -4.677  1.00 34.21 ? 16  PRO A CG   1 
ATOM   132  C CD   . PRO A 1 15  ? 4.940   19.345  -5.245  1.00 35.52 ? 16  PRO A CD   1 
ATOM   133  N N    . LEU A 1 16  ? 4.695   16.417  -1.589  1.00 30.48 ? 17  LEU A N    1 
ATOM   134  C CA   . LEU A 1 16  ? 4.629   16.229  -0.162  1.00 25.38 ? 17  LEU A CA   1 
ATOM   135  C C    . LEU A 1 16  ? 5.954   15.628  0.214   1.00 22.61 ? 17  LEU A C    1 
ATOM   136  O O    . LEU A 1 16  ? 6.714   16.251  0.931   1.00 23.79 ? 17  LEU A O    1 
ATOM   137  C CB   . LEU A 1 16  ? 3.510   15.265  0.241   1.00 24.27 ? 17  LEU A CB   1 
ATOM   138  C CG   . LEU A 1 16  ? 3.267   15.143  1.726   1.00 23.83 ? 17  LEU A CG   1 
ATOM   139  C CD1  . LEU A 1 16  ? 2.903   16.480  2.280   1.00 23.47 ? 17  LEU A CD1  1 
ATOM   140  C CD2  . LEU A 1 16  ? 2.131   14.213  1.993   1.00 25.61 ? 17  LEU A CD2  1 
ATOM   141  H H    . LEU A 1 16  ? 4.632   15.641  -2.173  1.00 0.00  ? 17  LEU A H    1 
ATOM   142  N N    . GLY A 1 17  ? 6.328   14.446  -0.207  1.00 19.53 ? 18  GLY A N    1 
ATOM   143  C CA   . GLY A 1 17  ? 7.569   13.914  0.248   1.00 17.49 ? 18  GLY A CA   1 
ATOM   144  C C    . GLY A 1 17  ? 7.600   12.490  -0.177  1.00 20.94 ? 18  GLY A C    1 
ATOM   145  O O    . GLY A 1 17  ? 6.678   12.028  -0.853  1.00 24.31 ? 18  GLY A O    1 
ATOM   146  H H    . GLY A 1 17  ? 5.757   13.883  -0.776  1.00 0.00  ? 18  GLY A H    1 
ATOM   147  N N    . ARG A 1 18  ? 8.647   11.810  0.239   1.00 23.15 ? 19  ARG A N    1 
ATOM   148  C CA   . ARG A 1 18  ? 8.943   10.461  -0.147  1.00 24.04 ? 19  ARG A CA   1 
ATOM   149  C C    . ARG A 1 18  ? 8.773   9.473   1.018   1.00 25.93 ? 19  ARG A C    1 
ATOM   150  O O    . ARG A 1 18  ? 9.304   9.742   2.115   1.00 26.93 ? 19  ARG A O    1 
ATOM   151  C CB   . ARG A 1 18  ? 10.363  10.484  -0.656  1.00 22.88 ? 19  ARG A CB   1 
ATOM   152  C CG   . ARG A 1 18  ? 10.865  9.106   -0.903  1.00 25.19 ? 19  ARG A CG   1 
ATOM   153  C CD   . ARG A 1 18  ? 12.148  9.179   -1.586  1.00 26.89 ? 19  ARG A CD   1 
ATOM   154  N NE   . ARG A 1 18  ? 11.850  9.538   -2.939  1.00 32.33 ? 19  ARG A NE   1 
ATOM   155  C CZ   . ARG A 1 18  ? 12.763  9.521   -3.911  1.00 34.41 ? 19  ARG A CZ   1 
ATOM   156  N NH1  . ARG A 1 18  ? 14.021  9.133   -3.655  1.00 34.22 ? 19  ARG A NH1  1 
ATOM   157  N NH2  . ARG A 1 18  ? 12.371  9.899   -5.133  1.00 35.28 ? 19  ARG A NH2  1 
ATOM   158  H H    . ARG A 1 18  ? 9.241   12.230  0.895   1.00 0.00  ? 19  ARG A H    1 
ATOM   159  H HE   . ARG A 1 18  ? 10.914  9.737   -3.148  1.00 0.00  ? 19  ARG A HE   1 
ATOM   160  H HH11 . ARG A 1 18  ? 14.311  8.940   -2.700  1.00 0.00  ? 19  ARG A HH11 1 
ATOM   161  H HH12 . ARG A 1 18  ? 14.734  9.116   -4.350  1.00 0.00  ? 19  ARG A HH12 1 
ATOM   162  H HH21 . ARG A 1 18  ? 11.395  10.139  -5.260  1.00 0.00  ? 19  ARG A HH21 1 
ATOM   163  H HH22 . ARG A 1 18  ? 12.917  9.904   -5.966  1.00 0.00  ? 19  ARG A HH22 1 
ATOM   164  N N    . VAL A 1 19  ? 8.154   8.305   0.759   1.00 25.43 ? 20  VAL A N    1 
ATOM   165  C CA   . VAL A 1 19  ? 7.991   7.220   1.726   1.00 22.62 ? 20  VAL A CA   1 
ATOM   166  C C    . VAL A 1 19  ? 8.813   6.081   1.123   1.00 24.58 ? 20  VAL A C    1 
ATOM   167  O O    . VAL A 1 19  ? 8.661   5.824   -0.083  1.00 24.18 ? 20  VAL A O    1 
ATOM   168  C CB   . VAL A 1 19  ? 6.505   6.727   1.855   1.00 18.79 ? 20  VAL A CB   1 
ATOM   169  C CG1  . VAL A 1 19  ? 6.354   5.857   3.067   1.00 17.04 ? 20  VAL A CG1  1 
ATOM   170  C CG2  . VAL A 1 19  ? 5.570   7.834   2.150   1.00 17.33 ? 20  VAL A CG2  1 
ATOM   171  H H    . VAL A 1 19  ? 7.847   8.144   -0.162  1.00 0.00  ? 20  VAL A H    1 
ATOM   172  N N    . SER A 1 20  ? 9.699   5.384   1.830   1.00 24.21 ? 21  SER A N    1 
ATOM   173  C CA   . SER A 1 20  ? 10.296  4.201   1.252   1.00 26.39 ? 21  SER A CA   1 
ATOM   174  C C    . SER A 1 20  ? 9.827   3.000   2.081   1.00 25.40 ? 21  SER A C    1 
ATOM   175  O O    . SER A 1 20  ? 9.587   3.135   3.289   1.00 24.13 ? 21  SER A O    1 
ATOM   176  C CB   . SER A 1 20  ? 11.830  4.334   1.263   1.00 28.96 ? 21  SER A CB   1 
ATOM   177  O OG   . SER A 1 20  ? 12.353  4.517   2.576   1.00 29.87 ? 21  SER A OG   1 
ATOM   178  H H    . SER A 1 20  ? 9.883   5.595   2.770   1.00 0.00  ? 21  SER A H    1 
ATOM   179  H HG   . SER A 1 20  ? 13.307  4.716   2.535   1.00 0.00  ? 21  SER A HG   1 
ATOM   180  N N    . PHE A 1 21  ? 9.691   1.799   1.519   1.00 25.25 ? 22  PHE A N    1 
ATOM   181  C CA   . PHE A 1 21  ? 9.135   0.660   2.225   1.00 24.54 ? 22  PHE A CA   1 
ATOM   182  C C    . PHE A 1 21  ? 10.089  -0.473  2.016   1.00 26.67 ? 22  PHE A C    1 
ATOM   183  O O    . PHE A 1 21  ? 10.576  -0.683  0.901   1.00 25.37 ? 22  PHE A O    1 
ATOM   184  C CB   . PHE A 1 21  ? 7.810   0.164   1.668   1.00 22.18 ? 22  PHE A CB   1 
ATOM   185  C CG   . PHE A 1 21  ? 6.751   1.224   1.465   1.00 22.50 ? 22  PHE A CG   1 
ATOM   186  C CD1  . PHE A 1 21  ? 5.918   1.600   2.515   1.00 24.57 ? 22  PHE A CD1  1 
ATOM   187  C CD2  . PHE A 1 21  ? 6.593   1.824   0.217   1.00 22.68 ? 22  PHE A CD2  1 
ATOM   188  C CE1  . PHE A 1 21  ? 4.936   2.586   2.323   1.00 25.51 ? 22  PHE A CE1  1 
ATOM   189  C CE2  . PHE A 1 21  ? 5.624   2.812   0.045   1.00 23.25 ? 22  PHE A CE2  1 
ATOM   190  C CZ   . PHE A 1 21  ? 4.790   3.205   1.087   1.00 23.25 ? 22  PHE A CZ   1 
ATOM   191  H H    . PHE A 1 21  ? 10.014  1.654   0.607   1.00 0.00  ? 22  PHE A H    1 
ATOM   192  N N    . GLU A 1 22  ? 10.364  -1.209  3.091   1.00 29.69 ? 23  GLU A N    1 
ATOM   193  C CA   . GLU A 1 22  ? 11.142  -2.422  2.988   1.00 29.61 ? 23  GLU A CA   1 
ATOM   194  C C    . GLU A 1 22  ? 10.150  -3.545  2.820   1.00 27.04 ? 23  GLU A C    1 
ATOM   195  O O    . GLU A 1 22  ? 9.193   -3.591  3.599   1.00 26.68 ? 23  GLU A O    1 
ATOM   196  C CB   . GLU A 1 22  ? 11.893  -2.648  4.224   1.00 32.86 ? 23  GLU A CB   1 
ATOM   197  C CG   . GLU A 1 22  ? 12.837  -3.814  4.000   1.00 36.77 ? 23  GLU A CG   1 
ATOM   198  C CD   . GLU A 1 22  ? 13.522  -4.187  5.291   1.00 39.51 ? 23  GLU A CD   1 
ATOM   199  O OE1  . GLU A 1 22  ? 13.883  -3.287  6.059   1.00 41.22 ? 23  GLU A OE1  1 
ATOM   200  O OE2  . GLU A 1 22  ? 13.640  -5.366  5.560   1.00 41.86 ? 23  GLU A OE2  1 
ATOM   201  H H    . GLU A 1 22  ? 9.944   -0.981  3.937   1.00 0.00  ? 23  GLU A H    1 
ATOM   202  N N    . LEU A 1 23  ? 10.398  -4.430  1.873   1.00 24.47 ? 24  LEU A N    1 
ATOM   203  C CA   . LEU A 1 23  ? 9.496   -5.492  1.538   1.00 26.16 ? 24  LEU A CA   1 
ATOM   204  C C    . LEU A 1 23  ? 10.106  -6.794  1.981   1.00 27.43 ? 24  LEU A C    1 
ATOM   205  O O    . LEU A 1 23  ? 11.201  -7.121  1.530   1.00 30.01 ? 24  LEU A O    1 
ATOM   206  C CB   . LEU A 1 23  ? 9.242   -5.548  0.025   1.00 24.19 ? 24  LEU A CB   1 
ATOM   207  C CG   . LEU A 1 23  ? 8.636   -4.334  -0.670  1.00 25.59 ? 24  LEU A CG   1 
ATOM   208  C CD1  . LEU A 1 23  ? 8.412   -4.637  -2.149  1.00 22.40 ? 24  LEU A CD1  1 
ATOM   209  C CD2  . LEU A 1 23  ? 7.357   -3.948  0.033   1.00 24.45 ? 24  LEU A CD2  1 
ATOM   210  H H    . LEU A 1 23  ? 11.257  -4.383  1.395   1.00 0.00  ? 24  LEU A H    1 
ATOM   211  N N    . PHE A 1 24  ? 9.394   -7.576  2.799   1.00 28.53 ? 25  PHE A N    1 
ATOM   212  C CA   . PHE A 1 24  ? 9.888   -8.813  3.370   1.00 27.65 ? 25  PHE A CA   1 
ATOM   213  C C    . PHE A 1 24  ? 9.769   -9.969  2.390   1.00 29.38 ? 25  PHE A C    1 
ATOM   214  O O    . PHE A 1 24  ? 9.023   -10.933 2.584   1.00 30.33 ? 25  PHE A O    1 
ATOM   215  C CB   . PHE A 1 24  ? 9.109   -9.127  4.622   1.00 27.30 ? 25  PHE A CB   1 
ATOM   216  C CG   . PHE A 1 24  ? 9.057   -8.012  5.639   1.00 28.12 ? 25  PHE A CG   1 
ATOM   217  C CD1  . PHE A 1 24  ? 10.212  -7.371  6.067   1.00 30.35 ? 25  PHE A CD1  1 
ATOM   218  C CD2  . PHE A 1 24  ? 7.829   -7.606  6.146   1.00 29.81 ? 25  PHE A CD2  1 
ATOM   219  C CE1  . PHE A 1 24  ? 10.121  -6.305  6.978   1.00 30.81 ? 25  PHE A CE1  1 
ATOM   220  C CE2  . PHE A 1 24  ? 7.747   -6.552  7.074   1.00 30.09 ? 25  PHE A CE2  1 
ATOM   221  C CZ   . PHE A 1 24  ? 8.894   -5.897  7.487   1.00 29.34 ? 25  PHE A CZ   1 
ATOM   222  H H    . PHE A 1 24  ? 8.459   -7.328  2.965   1.00 0.00  ? 25  PHE A H    1 
ATOM   223  N N    . ALA A 1 25  ? 10.549  -9.924  1.321   1.00 31.30 ? 26  ALA A N    1 
ATOM   224  C CA   . ALA A 1 25  ? 10.546  -10.961 0.292   1.00 32.17 ? 26  ALA A CA   1 
ATOM   225  C C    . ALA A 1 25  ? 11.060  -12.259 0.861   1.00 34.02 ? 26  ALA A C    1 
ATOM   226  O O    . ALA A 1 25  ? 10.790  -13.327 0.329   1.00 35.18 ? 26  ALA A O    1 
ATOM   227  C CB   . ALA A 1 25  ? 11.443  -10.588 -0.878  1.00 30.06 ? 26  ALA A CB   1 
ATOM   228  H H    . ALA A 1 25  ? 11.178  -9.172  1.252   1.00 0.00  ? 26  ALA A H    1 
ATOM   229  N N    . ASP A 1 26  ? 11.794  -12.179 1.962   1.00 37.11 ? 27  ASP A N    1 
ATOM   230  C CA   . ASP A 1 26  ? 12.271  -13.337 2.670   1.00 39.44 ? 27  ASP A CA   1 
ATOM   231  C C    . ASP A 1 26  ? 11.132  -14.094 3.312   1.00 39.32 ? 27  ASP A C    1 
ATOM   232  O O    . ASP A 1 26  ? 11.240  -15.314 3.420   1.00 43.10 ? 27  ASP A O    1 
ATOM   233  C CB   . ASP A 1 26  ? 13.262  -12.933 3.758   1.00 41.70 ? 27  ASP A CB   1 
ATOM   234  C CG   . ASP A 1 26  ? 12.777  -12.039 4.887   1.00 44.32 ? 27  ASP A CG   1 
ATOM   235  O OD1  . ASP A 1 26  ? 11.785  -11.305 4.793   1.00 45.94 ? 27  ASP A OD1  1 
ATOM   236  O OD2  . ASP A 1 26  ? 13.376  -12.071 5.952   1.00 48.00 ? 27  ASP A OD2  1 
ATOM   237  H H    . ASP A 1 26  ? 12.087  -11.303 2.289   1.00 0.00  ? 27  ASP A H    1 
ATOM   238  N N    . LYS A 1 27  ? 10.061  -13.436 3.776   1.00 38.45 ? 28  LYS A N    1 
ATOM   239  C CA   . LYS A 1 27  ? 8.914   -14.135 4.363   1.00 35.70 ? 28  LYS A CA   1 
ATOM   240  C C    . LYS A 1 27  ? 7.662   -14.215 3.503   1.00 32.85 ? 28  LYS A C    1 
ATOM   241  O O    . LYS A 1 27  ? 6.911   -15.180 3.644   1.00 32.79 ? 28  LYS A O    1 
ATOM   242  C CB   . LYS A 1 27  ? 8.543   -13.508 5.698   1.00 35.34 ? 28  LYS A CB   1 
ATOM   243  C CG   . LYS A 1 27  ? 9.597   -13.953 6.687   1.00 38.48 ? 28  LYS A CG   1 
ATOM   244  C CD   . LYS A 1 27  ? 9.524   -13.143 7.959   1.00 43.49 ? 28  LYS A CD   1 
ATOM   245  C CE   . LYS A 1 27  ? 10.909  -12.581 8.286   1.00 46.45 ? 28  LYS A CE   1 
ATOM   246  N NZ   . LYS A 1 27  ? 11.302  -11.489 7.399   1.00 49.98 ? 28  LYS A NZ   1 
ATOM   247  H H    . LYS A 1 27  ? 10.066  -12.461 3.675   1.00 0.00  ? 28  LYS A H    1 
ATOM   248  H HZ1  . LYS A 1 27  ? 11.125  -11.752 6.404   1.00 0.00  ? 28  LYS A HZ1  1 
ATOM   249  H HZ2  . LYS A 1 27  ? 10.878  -10.568 7.580   1.00 0.00  ? 28  LYS A HZ2  1 
ATOM   250  H HZ3  . LYS A 1 27  ? 12.348  -11.417 7.350   1.00 0.00  ? 28  LYS A HZ3  1 
ATOM   251  N N    . VAL A 1 28  ? 7.381   -13.263 2.618   1.00 28.99 ? 29  VAL A N    1 
ATOM   252  C CA   . VAL A 1 28  ? 6.199   -13.294 1.774   1.00 26.77 ? 29  VAL A CA   1 
ATOM   253  C C    . VAL A 1 28  ? 6.673   -12.919 0.379   1.00 27.66 ? 29  VAL A C    1 
ATOM   254  O O    . VAL A 1 28  ? 6.420   -11.830 -0.140  1.00 28.36 ? 29  VAL A O    1 
ATOM   255  C CB   . VAL A 1 28  ? 5.104   -12.281 2.195   1.00 24.84 ? 29  VAL A CB   1 
ATOM   256  C CG1  . VAL A 1 28  ? 3.992   -13.058 2.831   1.00 26.43 ? 29  VAL A CG1  1 
ATOM   257  C CG2  . VAL A 1 28  ? 5.631   -11.219 3.139   1.00 24.54 ? 29  VAL A CG2  1 
ATOM   258  H H    . VAL A 1 28  ? 8.013   -12.529 2.486   1.00 0.00  ? 29  VAL A H    1 
ATOM   259  N N    . PRO A 1 29  ? 7.445   -13.753 -0.284  1.00 28.36 ? 30  PRO A N    1 
ATOM   260  C CA   . PRO A 1 29  ? 8.022   -13.438 -1.569  1.00 28.10 ? 30  PRO A CA   1 
ATOM   261  C C    . PRO A 1 29  ? 7.052   -13.192 -2.724  1.00 30.11 ? 30  PRO A C    1 
ATOM   262  O O    . PRO A 1 29  ? 7.329   -12.259 -3.493  1.00 33.38 ? 30  PRO A O    1 
ATOM   263  C CB   . PRO A 1 29  ? 8.958   -14.588 -1.780  1.00 28.15 ? 30  PRO A CB   1 
ATOM   264  C CG   . PRO A 1 29  ? 8.364   -15.748 -1.061  1.00 28.07 ? 30  PRO A CG   1 
ATOM   265  C CD   . PRO A 1 29  ? 7.807   -15.085 0.172   1.00 27.83 ? 30  PRO A CD   1 
ATOM   266  N N    . LYS A 1 30  ? 5.947   -13.934 -2.912  1.00 28.22 ? 31  LYS A N    1 
ATOM   267  C CA   . LYS A 1 30  ? 5.016   -13.756 -4.033  1.00 27.86 ? 31  LYS A CA   1 
ATOM   268  C C    . LYS A 1 30  ? 4.285   -12.414 -3.971  1.00 27.16 ? 31  LYS A C    1 
ATOM   269  O O    . LYS A 1 30  ? 4.087   -11.691 -4.966  1.00 24.71 ? 31  LYS A O    1 
ATOM   270  C CB   . LYS A 1 30  ? 3.971   -14.884 -4.039  1.00 28.31 ? 31  LYS A CB   1 
ATOM   271  C CG   . LYS A 1 30  ? 3.376   -15.267 -5.398  1.00 30.62 ? 31  LYS A CG   1 
ATOM   272  C CD   . LYS A 1 30  ? 2.082   -16.083 -5.299  1.00 32.53 ? 31  LYS A CD   1 
ATOM   273  C CE   . LYS A 1 30  ? 1.530   -16.487 -6.682  1.00 34.96 ? 31  LYS A CE   1 
ATOM   274  N NZ   . LYS A 1 30  ? 0.241   -17.168 -6.624  1.00 39.55 ? 31  LYS A NZ   1 
ATOM   275  H H    . LYS A 1 30  ? 5.708   -14.593 -2.221  1.00 0.00  ? 31  LYS A H    1 
ATOM   276  H HZ1  . LYS A 1 30  ? 0.257   -17.962 -5.940  1.00 0.00  ? 31  LYS A HZ1  1 
ATOM   277  H HZ2  . LYS A 1 30  ? -0.532  -16.596 -6.209  1.00 0.00  ? 31  LYS A HZ2  1 
ATOM   278  H HZ3  . LYS A 1 30  ? -0.101  -17.530 -7.531  1.00 0.00  ? 31  LYS A HZ3  1 
ATOM   279  N N    . THR A 1 31  ? 3.899   -12.100 -2.734  1.00 27.66 ? 32  THR A N    1 
ATOM   280  C CA   . THR A 1 31  ? 3.211   -10.879 -2.360  1.00 26.10 ? 32  THR A CA   1 
ATOM   281  C C    . THR A 1 31  ? 4.199   -9.706  -2.503  1.00 28.11 ? 32  THR A C    1 
ATOM   282  O O    . THR A 1 31  ? 3.874   -8.622  -3.018  1.00 27.92 ? 32  THR A O    1 
ATOM   283  C CB   . THR A 1 31  ? 2.703   -11.021 -0.868  1.00 24.92 ? 32  THR A CB   1 
ATOM   284  O OG1  . THR A 1 31  ? 1.890   -12.166 -0.812  1.00 25.60 ? 32  THR A OG1  1 
ATOM   285  C CG2  . THR A 1 31  ? 1.859   -9.882  -0.384  1.00 19.87 ? 32  THR A CG2  1 
ATOM   286  H H    . THR A 1 31  ? 4.020   -12.783 -2.035  1.00 0.00  ? 32  THR A H    1 
ATOM   287  H HG1  . THR A 1 31  ? 2.409   -12.962 -0.624  1.00 0.00  ? 32  THR A HG1  1 
ATOM   288  N N    . ALA A 1 32  ? 5.430   -9.868  -2.003  1.00 27.56 ? 33  ALA A N    1 
ATOM   289  C CA   . ALA A 1 32  ? 6.382   -8.786  -2.063  1.00 26.98 ? 33  ALA A CA   1 
ATOM   290  C C    . ALA A 1 32  ? 6.891   -8.557  -3.485  1.00 27.66 ? 33  ALA A C    1 
ATOM   291  O O    . ALA A 1 32  ? 7.118   -7.403  -3.831  1.00 29.62 ? 33  ALA A O    1 
ATOM   292  C CB   . ALA A 1 32  ? 7.525   -9.101  -1.150  1.00 26.50 ? 33  ALA A CB   1 
ATOM   293  H H    . ALA A 1 32  ? 5.677   -10.704 -1.554  1.00 0.00  ? 33  ALA A H    1 
ATOM   294  N N    . GLU A 1 33  ? 7.056   -9.555  -4.358  1.00 26.79 ? 34  GLU A N    1 
ATOM   295  C CA   . GLU A 1 33  ? 7.448   -9.315  -5.745  1.00 29.26 ? 34  GLU A CA   1 
ATOM   296  C C    . GLU A 1 33  ? 6.336   -8.578  -6.462  1.00 27.32 ? 34  GLU A C    1 
ATOM   297  O O    . GLU A 1 33  ? 6.628   -7.635  -7.190  1.00 28.37 ? 34  GLU A O    1 
ATOM   298  C CB   . GLU A 1 33  ? 7.733   -10.633 -6.470  1.00 29.69 ? 34  GLU A CB   1 
ATOM   299  C CG   . GLU A 1 33  ? 7.896   -10.574 -8.007  1.00 32.96 ? 34  GLU A CG   1 
ATOM   300  C CD   . GLU A 1 33  ? 9.022   -9.770  -8.665  1.00 37.18 ? 34  GLU A CD   1 
ATOM   301  O OE1  . GLU A 1 33  ? 9.829   -9.177  -7.949  1.00 37.03 ? 34  GLU A OE1  1 
ATOM   302  O OE2  . GLU A 1 33  ? 9.099   -9.696  -9.915  1.00 38.15 ? 34  GLU A OE2  1 
ATOM   303  H H    . GLU A 1 33  ? 6.955   -10.479 -4.057  1.00 0.00  ? 34  GLU A H    1 
ATOM   304  N N    . ASN A 1 34  ? 5.075   -8.978  -6.216  1.00 27.06 ? 35  ASN A N    1 
ATOM   305  C CA   . ASN A 1 34  ? 3.919   -8.297  -6.762  1.00 25.31 ? 35  ASN A CA   1 
ATOM   306  C C    . ASN A 1 34  ? 3.994   -6.804  -6.417  1.00 27.58 ? 35  ASN A C    1 
ATOM   307  O O    . ASN A 1 34  ? 3.970   -6.009  -7.364  1.00 31.65 ? 35  ASN A O    1 
ATOM   308  C CB   . ASN A 1 34  ? 2.617   -8.853  -6.204  1.00 20.88 ? 35  ASN A CB   1 
ATOM   309  C CG   . ASN A 1 34  ? 1.411   -8.067  -6.730  1.00 22.32 ? 35  ASN A CG   1 
ATOM   310  O OD1  . ASN A 1 34  ? 1.218   -7.981  -7.952  1.00 24.71 ? 35  ASN A OD1  1 
ATOM   311  N ND2  . ASN A 1 34  ? 0.559   -7.470  -5.905  1.00 17.72 ? 35  ASN A ND2  1 
ATOM   312  H H    . ASN A 1 34  ? 4.942   -9.752  -5.633  1.00 0.00  ? 35  ASN A H    1 
ATOM   313  H HD21 . ASN A 1 34  ? -0.217  -7.016  -6.288  1.00 0.00  ? 35  ASN A HD21 1 
ATOM   314  H HD22 . ASN A 1 34  ? 0.730   -7.520  -4.939  1.00 0.00  ? 35  ASN A HD22 1 
ATOM   315  N N    . PHE A 1 35  ? 4.174   -6.349  -5.160  1.00 24.39 ? 36  PHE A N    1 
ATOM   316  C CA   . PHE A 1 35  ? 4.270   -4.928  -4.875  1.00 22.48 ? 36  PHE A CA   1 
ATOM   317  C C    . PHE A 1 35  ? 5.531   -4.314  -5.509  1.00 23.81 ? 36  PHE A C    1 
ATOM   318  O O    . PHE A 1 35  ? 5.464   -3.199  -6.038  1.00 26.31 ? 36  PHE A O    1 
ATOM   319  C CB   . PHE A 1 35  ? 4.281   -4.723  -3.374  1.00 20.64 ? 36  PHE A CB   1 
ATOM   320  C CG   . PHE A 1 35  ? 4.101   -3.256  -2.965  1.00 19.56 ? 36  PHE A CG   1 
ATOM   321  C CD1  . PHE A 1 35  ? 2.822   -2.784  -2.695  1.00 16.29 ? 36  PHE A CD1  1 
ATOM   322  C CD2  . PHE A 1 35  ? 5.222   -2.429  -2.744  1.00 17.48 ? 36  PHE A CD2  1 
ATOM   323  C CE1  . PHE A 1 35  ? 2.678   -1.529  -2.118  1.00 17.22 ? 36  PHE A CE1  1 
ATOM   324  C CE2  . PHE A 1 35  ? 5.064   -1.183  -2.166  1.00 15.39 ? 36  PHE A CE2  1 
ATOM   325  C CZ   . PHE A 1 35  ? 3.792   -0.737  -1.831  1.00 17.11 ? 36  PHE A CZ   1 
ATOM   326  H H    . PHE A 1 35  ? 4.201   -6.988  -4.419  1.00 0.00  ? 36  PHE A H    1 
ATOM   327  N N    . ARG A 1 36  ? 6.687   -4.993  -5.527  1.00 23.99 ? 37  ARG A N    1 
ATOM   328  C CA   . ARG A 1 36  ? 7.906   -4.517  -6.176  1.00 23.66 ? 37  ARG A CA   1 
ATOM   329  C C    . ARG A 1 36  ? 7.725   -4.284  -7.672  1.00 21.62 ? 37  ARG A C    1 
ATOM   330  O O    . ARG A 1 36  ? 8.053   -3.198  -8.157  1.00 22.55 ? 37  ARG A O    1 
ATOM   331  C CB   . ARG A 1 36  ? 9.022   -5.505  -6.018  1.00 22.98 ? 37  ARG A CB   1 
ATOM   332  C CG   . ARG A 1 36  ? 10.302  -4.731  -6.301  1.00 22.87 ? 37  ARG A CG   1 
ATOM   333  C CD   . ARG A 1 36  ? 11.381  -5.751  -6.541  1.00 25.11 ? 37  ARG A CD   1 
ATOM   334  N NE   . ARG A 1 36  ? 10.999  -6.646  -7.626  1.00 25.71 ? 37  ARG A NE   1 
ATOM   335  C CZ   . ARG A 1 36  ? 11.121  -6.372  -8.931  1.00 24.97 ? 37  ARG A CZ   1 
ATOM   336  N NH1  . ARG A 1 36  ? 11.672  -5.247  -9.367  1.00 25.24 ? 37  ARG A NH1  1 
ATOM   337  N NH2  . ARG A 1 36  ? 10.712  -7.267  -9.815  1.00 24.88 ? 37  ARG A NH2  1 
ATOM   338  H H    . ARG A 1 36  ? 6.713   -5.862  -5.078  1.00 0.00  ? 37  ARG A H    1 
ATOM   339  H HE   . ARG A 1 36  ? 10.619  -7.521  -7.368  1.00 0.00  ? 37  ARG A HE   1 
ATOM   340  H HH11 . ARG A 1 36  ? 12.052  -4.560  -8.738  1.00 0.00  ? 37  ARG A HH11 1 
ATOM   341  H HH12 . ARG A 1 36  ? 11.690  -5.033  -10.358 1.00 0.00  ? 37  ARG A HH12 1 
ATOM   342  H HH21 . ARG A 1 36  ? 10.327  -8.161  -9.510  1.00 0.00  ? 37  ARG A HH21 1 
ATOM   343  H HH22 . ARG A 1 36  ? 10.754  -7.084  -10.807 1.00 0.00  ? 37  ARG A HH22 1 
ATOM   344  N N    . ALA A 1 37  ? 7.226   -5.245  -8.443  1.00 20.73 ? 38  ALA A N    1 
ATOM   345  C CA   . ALA A 1 37  ? 6.959   -5.066  -9.856  1.00 20.03 ? 38  ALA A CA   1 
ATOM   346  C C    . ALA A 1 37  ? 5.937   -3.970  -10.128 1.00 22.28 ? 38  ALA A C    1 
ATOM   347  O O    . ALA A 1 37  ? 5.968   -3.325  -11.176 1.00 25.13 ? 38  ALA A O    1 
ATOM   348  C CB   . ALA A 1 37  ? 6.450   -6.353  -10.468 1.00 18.09 ? 38  ALA A CB   1 
ATOM   349  H H    . ALA A 1 37  ? 7.035   -6.104  -8.032  1.00 0.00  ? 38  ALA A H    1 
ATOM   350  N N    . LEU A 1 38  ? 4.983   -3.652  -9.255  1.00 25.23 ? 39  LEU A N    1 
ATOM   351  C CA   . LEU A 1 38  ? 4.018   -2.613  -9.552  1.00 23.23 ? 39  LEU A CA   1 
ATOM   352  C C    . LEU A 1 38  ? 4.587   -1.255  -9.239  1.00 24.34 ? 39  LEU A C    1 
ATOM   353  O O    . LEU A 1 38  ? 4.164   -0.253  -9.828  1.00 24.53 ? 39  LEU A O    1 
ATOM   354  C CB   . LEU A 1 38  ? 2.746   -2.879  -8.756  1.00 24.10 ? 39  LEU A CB   1 
ATOM   355  C CG   . LEU A 1 38  ? 1.952   -4.137  -9.149  1.00 24.05 ? 39  LEU A CG   1 
ATOM   356  C CD1  . LEU A 1 38  ? 0.935   -4.438  -8.085  1.00 23.98 ? 39  LEU A CD1  1 
ATOM   357  C CD2  . LEU A 1 38  ? 1.198   -3.942  -10.443 1.00 22.16 ? 39  LEU A CD2  1 
ATOM   358  H H    . LEU A 1 38  ? 4.914   -4.143  -8.404  1.00 0.00  ? 39  LEU A H    1 
ATOM   359  N N    . SER A 1 39  ? 5.505   -1.182  -8.291  1.00 25.59 ? 40  SER A N    1 
ATOM   360  C CA   . SER A 1 39  ? 6.229   0.032   -7.989  1.00 26.74 ? 40  SER A CA   1 
ATOM   361  C C    . SER A 1 39  ? 7.223   0.369   -9.078  1.00 27.88 ? 40  SER A C    1 
ATOM   362  O O    . SER A 1 39  ? 7.355   1.551   -9.408  1.00 31.00 ? 40  SER A O    1 
ATOM   363  C CB   . SER A 1 39  ? 6.970   -0.133  -6.690  1.00 27.38 ? 40  SER A CB   1 
ATOM   364  O OG   . SER A 1 39  ? 5.962   -0.315  -5.728  1.00 28.95 ? 40  SER A OG   1 
ATOM   365  H H    . SER A 1 39  ? 5.632   -1.951  -7.680  1.00 0.00  ? 40  SER A H    1 
ATOM   366  H HG   . SER A 1 39  ? 5.421   0.472   -5.653  1.00 0.00  ? 40  SER A HG   1 
ATOM   367  N N    . THR A 1 40  ? 7.955   -0.573  -9.683  1.00 28.52 ? 41  THR A N    1 
ATOM   368  C CA   . THR A 1 40  ? 8.870   -0.191  -10.754 1.00 28.93 ? 41  THR A CA   1 
ATOM   369  C C    . THR A 1 40  ? 8.104   0.003   -12.050 1.00 31.15 ? 41  THR A C    1 
ATOM   370  O O    . THR A 1 40  ? 8.477   0.770   -12.921 1.00 31.14 ? 41  THR A O    1 
ATOM   371  C CB   . THR A 1 40  ? 9.919   -1.258  -10.984 1.00 28.74 ? 41  THR A CB   1 
ATOM   372  O OG1  . THR A 1 40  ? 9.192   -2.385  -11.466 1.00 29.89 ? 41  THR A OG1  1 
ATOM   373  C CG2  . THR A 1 40  ? 10.779  -1.519  -9.750  1.00 26.90 ? 41  THR A CG2  1 
ATOM   374  H H    . THR A 1 40  ? 7.897   -1.521  -9.420  1.00 0.00  ? 41  THR A H    1 
ATOM   375  H HG1  . THR A 1 40  ? 9.834   -3.112  -11.586 1.00 0.00  ? 41  THR A HG1  1 
ATOM   376  N N    . GLY A 1 41  ? 7.045   -0.768  -12.227 1.00 32.64 ? 42  GLY A N    1 
ATOM   377  C CA   . GLY A 1 41  ? 6.201   -0.644  -13.387 1.00 33.13 ? 42  GLY A CA   1 
ATOM   378  C C    . GLY A 1 41  ? 6.723   -1.576  -14.458 1.00 35.36 ? 42  GLY A C    1 
ATOM   379  O O    . GLY A 1 41  ? 6.151   -1.674  -15.553 1.00 35.85 ? 42  GLY A O    1 
ATOM   380  H H    . GLY A 1 41  ? 6.905   -1.535  -11.629 1.00 0.00  ? 42  GLY A H    1 
ATOM   381  N N    . GLU A 1 42  ? 7.756   -2.342  -14.139 1.00 34.05 ? 43  GLU A N    1 
ATOM   382  C CA   . GLU A 1 42  ? 8.387   -3.142  -15.133 1.00 34.06 ? 43  GLU A CA   1 
ATOM   383  C C    . GLU A 1 42  ? 7.469   -4.121  -15.849 1.00 35.27 ? 43  GLU A C    1 
ATOM   384  O O    . GLU A 1 42  ? 7.870   -4.566  -16.913 1.00 37.16 ? 43  GLU A O    1 
ATOM   385  C CB   . GLU A 1 42  ? 9.538   -3.831  -14.457 1.00 34.86 ? 43  GLU A CB   1 
ATOM   386  C CG   . GLU A 1 42  ? 9.036   -4.857  -13.464 1.00 36.98 ? 43  GLU A CG   1 
ATOM   387  C CD   . GLU A 1 42  ? 10.135  -5.480  -12.649 1.00 38.48 ? 43  GLU A CD   1 
ATOM   388  O OE1  . GLU A 1 42  ? 10.858  -4.755  -11.966 1.00 37.22 ? 43  GLU A OE1  1 
ATOM   389  O OE2  . GLU A 1 42  ? 10.217  -6.715  -12.641 1.00 41.18 ? 43  GLU A OE2  1 
ATOM   390  H H    . GLU A 1 42  ? 8.074   -2.372  -13.212 1.00 0.00  ? 43  GLU A H    1 
ATOM   391  N N    . LYS A 1 43  ? 6.269   -4.520  -15.456 1.00 36.89 ? 44  LYS A N    1 
ATOM   392  C CA   . LYS A 1 43  ? 5.529   -5.466  -16.286 1.00 39.47 ? 44  LYS A CA   1 
ATOM   393  C C    . LYS A 1 43  ? 4.574   -4.749  -17.235 1.00 41.02 ? 44  LYS A C    1 
ATOM   394  O O    . LYS A 1 43  ? 3.767   -5.382  -17.933 1.00 43.42 ? 44  LYS A O    1 
ATOM   395  C CB   . LYS A 1 43  ? 4.732   -6.475  -15.430 1.00 40.71 ? 44  LYS A CB   1 
ATOM   396  C CG   . LYS A 1 43  ? 5.516   -7.268  -14.388 1.00 40.52 ? 44  LYS A CG   1 
ATOM   397  C CD   . LYS A 1 43  ? 6.579   -8.137  -14.992 1.00 44.76 ? 44  LYS A CD   1 
ATOM   398  C CE   . LYS A 1 43  ? 7.251   -9.054  -13.951 1.00 50.85 ? 44  LYS A CE   1 
ATOM   399  N NZ   . LYS A 1 43  ? 8.130   -8.375  -12.993 1.00 58.27 ? 44  LYS A NZ   1 
ATOM   400  H H    . LYS A 1 43  ? 5.865   -4.144  -14.646 1.00 0.00  ? 44  LYS A H    1 
ATOM   401  H HZ1  . LYS A 1 43  ? 7.668   -7.569  -12.536 1.00 0.00  ? 44  LYS A HZ1  1 
ATOM   402  H HZ2  . LYS A 1 43  ? 8.442   -9.011  -12.218 1.00 0.00  ? 44  LYS A HZ2  1 
ATOM   403  H HZ3  . LYS A 1 43  ? 9.001   -7.965  -13.413 1.00 0.00  ? 44  LYS A HZ3  1 
ATOM   404  N N    . GLY A 1 44  ? 4.604   -3.415  -17.268 1.00 40.70 ? 45  GLY A N    1 
ATOM   405  C CA   . GLY A 1 44  ? 3.739   -2.655  -18.160 1.00 40.71 ? 45  GLY A CA   1 
ATOM   406  C C    . GLY A 1 44  ? 2.678   -1.775  -17.489 1.00 42.41 ? 45  GLY A C    1 
ATOM   407  O O    . GLY A 1 44  ? 2.164   -0.807  -18.101 1.00 45.13 ? 45  GLY A O    1 
ATOM   408  H H    . GLY A 1 44  ? 5.218   -2.942  -16.668 1.00 0.00  ? 45  GLY A H    1 
ATOM   409  N N    . PHE A 1 45  ? 2.366   -2.056  -16.216 1.00 36.87 ? 46  PHE A N    1 
ATOM   410  C CA   . PHE A 1 45  ? 1.331   -1.345  -15.500 1.00 31.28 ? 46  PHE A CA   1 
ATOM   411  C C    . PHE A 1 45  ? 1.796   -1.254  -14.061 1.00 27.95 ? 46  PHE A C    1 
ATOM   412  O O    . PHE A 1 45  ? 2.735   -1.963  -13.657 1.00 28.42 ? 46  PHE A O    1 
ATOM   413  C CB   . PHE A 1 45  ? 0.032   -2.118  -15.633 1.00 33.47 ? 46  PHE A CB   1 
ATOM   414  C CG   . PHE A 1 45  ? 0.140   -3.591  -15.245 1.00 36.79 ? 46  PHE A CG   1 
ATOM   415  C CD1  . PHE A 1 45  ? 0.755   -4.514  -16.102 1.00 38.01 ? 46  PHE A CD1  1 
ATOM   416  C CD2  . PHE A 1 45  ? -0.352  -4.024  -14.014 1.00 37.50 ? 46  PHE A CD2  1 
ATOM   417  C CE1  . PHE A 1 45  ? 0.921   -5.842  -15.712 1.00 39.13 ? 46  PHE A CE1  1 
ATOM   418  C CE2  . PHE A 1 45  ? -0.209  -5.362  -13.639 1.00 38.67 ? 46  PHE A CE2  1 
ATOM   419  C CZ   . PHE A 1 45  ? 0.439   -6.269  -14.476 1.00 39.97 ? 46  PHE A CZ   1 
ATOM   420  H H    . PHE A 1 45  ? 2.905   -2.702  -15.709 1.00 0.00  ? 46  PHE A H    1 
ATOM   421  N N    . GLY A 1 46  ? 1.162   -0.421  -13.256 1.00 23.70 ? 47  GLY A N    1 
ATOM   422  C CA   . GLY A 1 46  ? 1.669   -0.305  -11.923 1.00 21.09 ? 47  GLY A CA   1 
ATOM   423  C C    . GLY A 1 46  ? 1.132   0.896   -11.266 1.00 19.33 ? 47  GLY A C    1 
ATOM   424  O O    . GLY A 1 46  ? 0.195   1.497   -11.779 1.00 19.91 ? 47  GLY A O    1 
ATOM   425  H H    . GLY A 1 46  ? 0.419   0.147   -13.559 1.00 0.00  ? 47  GLY A H    1 
ATOM   426  N N    . TYR A 1 47  ? 1.776   1.271   -10.177 1.00 20.26 ? 48  TYR A N    1 
ATOM   427  C CA   . TYR A 1 47  ? 1.234   2.296   -9.303  1.00 21.27 ? 48  TYR A CA   1 
ATOM   428  C C    . TYR A 1 47  ? 1.451   3.744   -9.686  1.00 20.58 ? 48  TYR A C    1 
ATOM   429  O O    . TYR A 1 47  ? 0.857   4.632   -9.077  1.00 17.70 ? 48  TYR A O    1 
ATOM   430  C CB   . TYR A 1 47  ? 1.789   2.100   -7.874  1.00 24.26 ? 48  TYR A CB   1 
ATOM   431  C CG   . TYR A 1 47  ? 1.416   0.796   -7.144  1.00 25.74 ? 48  TYR A CG   1 
ATOM   432  C CD1  . TYR A 1 47  ? 0.081   0.325   -7.085  1.00 25.77 ? 48  TYR A CD1  1 
ATOM   433  C CD2  . TYR A 1 47  ? 2.413   0.113   -6.445  1.00 25.84 ? 48  TYR A CD2  1 
ATOM   434  C CE1  . TYR A 1 47  ? -0.239  -0.815  -6.341  1.00 22.64 ? 48  TYR A CE1  1 
ATOM   435  C CE2  . TYR A 1 47  ? 2.087   -1.032  -5.704  1.00 25.97 ? 48  TYR A CE2  1 
ATOM   436  C CZ   . TYR A 1 47  ? 0.775   -1.502  -5.684  1.00 24.85 ? 48  TYR A CZ   1 
ATOM   437  O OH   . TYR A 1 47  ? 0.515   -2.694  -5.048  1.00 22.03 ? 48  TYR A OH   1 
ATOM   438  H H    . TYR A 1 47  ? 2.690   0.958   -10.041 1.00 0.00  ? 48  TYR A H    1 
ATOM   439  H HH   . TYR A 1 47  ? -0.432  -2.748  -4.879  1.00 0.00  ? 48  TYR A HH   1 
ATOM   440  N N    . LYS A 1 48  ? 2.293   4.040   -10.670 1.00 22.74 ? 49  LYS A N    1 
ATOM   441  C CA   . LYS A 1 48  ? 2.649   5.420   -10.936 1.00 23.97 ? 49  LYS A CA   1 
ATOM   442  C C    . LYS A 1 48  ? 1.486   6.125   -11.546 1.00 22.72 ? 49  LYS A C    1 
ATOM   443  O O    . LYS A 1 48  ? 0.869   5.683   -12.513 1.00 25.33 ? 49  LYS A O    1 
ATOM   444  C CB   . LYS A 1 48  ? 3.837   5.502   -11.868 1.00 28.25 ? 49  LYS A CB   1 
ATOM   445  C CG   . LYS A 1 48  ? 4.339   6.926   -12.057 1.00 34.64 ? 49  LYS A CG   1 
ATOM   446  C CD   . LYS A 1 48  ? 5.707   6.846   -12.710 1.00 41.06 ? 49  LYS A CD   1 
ATOM   447  C CE   . LYS A 1 48  ? 6.345   8.208   -12.955 1.00 45.38 ? 49  LYS A CE   1 
ATOM   448  N NZ   . LYS A 1 48  ? 7.780   8.006   -13.143 1.00 51.02 ? 49  LYS A NZ   1 
ATOM   449  H H    . LYS A 1 48  ? 2.628   3.324   -11.249 1.00 0.00  ? 49  LYS A H    1 
ATOM   450  H HZ1  . LYS A 1 48  ? 8.041   7.401   -13.938 1.00 0.00  ? 49  LYS A HZ1  1 
ATOM   451  H HZ2  . LYS A 1 48  ? 8.310   8.907   -13.188 1.00 0.00  ? 49  LYS A HZ2  1 
ATOM   452  H HZ3  . LYS A 1 48  ? 8.146   7.570   -12.263 1.00 0.00  ? 49  LYS A HZ3  1 
ATOM   453  N N    . GLY A 1 49  ? 1.205   7.208   -10.844 1.00 22.43 ? 50  GLY A N    1 
ATOM   454  C CA   . GLY A 1 49  ? 0.107   8.072   -11.172 1.00 24.90 ? 50  GLY A CA   1 
ATOM   455  C C    . GLY A 1 49  ? -1.181  7.750   -10.420 1.00 27.21 ? 50  GLY A C    1 
ATOM   456  O O    . GLY A 1 49  ? -2.174  8.471   -10.600 1.00 26.95 ? 50  GLY A O    1 
ATOM   457  H H    . GLY A 1 49  ? 1.728   7.408   -10.039 1.00 0.00  ? 50  GLY A H    1 
ATOM   458  N N    . SER A 1 50  ? -1.229  6.713   -9.569  1.00 27.20 ? 51  SER A N    1 
ATOM   459  C CA   . SER A 1 50  ? -2.493  6.404   -8.932  1.00 26.89 ? 51  SER A CA   1 
ATOM   460  C C    . SER A 1 50  ? -2.694  7.097   -7.600  1.00 26.31 ? 51  SER A C    1 
ATOM   461  O O    . SER A 1 50  ? -1.768  7.700   -7.059  1.00 23.96 ? 51  SER A O    1 
ATOM   462  C CB   . SER A 1 50  ? -2.589  4.890   -8.811  1.00 25.81 ? 51  SER A CB   1 
ATOM   463  O OG   . SER A 1 50  ? -1.555  4.258   -8.089  1.00 27.74 ? 51  SER A OG   1 
ATOM   464  H H    . SER A 1 50  ? -0.455  6.129   -9.393  1.00 0.00  ? 51  SER A H    1 
ATOM   465  H HG   . SER A 1 50  ? -1.725  4.257   -7.143  1.00 0.00  ? 51  SER A HG   1 
ATOM   466  N N    . CYS A 1 51  ? -3.904  7.051   -7.047  1.00 26.88 ? 52  CYS A N    1 
ATOM   467  C CA   . CYS A 1 51  ? -4.188  7.790   -5.837  1.00 28.06 ? 52  CYS A CA   1 
ATOM   468  C C    . CYS A 1 51  ? -4.420  6.936   -4.599  1.00 25.91 ? 52  CYS A C    1 
ATOM   469  O O    . CYS A 1 51  ? -4.505  5.705   -4.710  1.00 27.91 ? 52  CYS A O    1 
ATOM   470  C CB   . CYS A 1 51  ? -5.405  8.679   -6.092  1.00 31.29 ? 52  CYS A CB   1 
ATOM   471  S SG   . CYS A 1 51  ? -6.956  7.742   -6.165  1.00 36.71 ? 52  CYS A SG   1 
ATOM   472  H H    . CYS A 1 51  ? -4.610  6.504   -7.443  1.00 0.00  ? 52  CYS A H    1 
ATOM   473  N N    . PHE A 1 52  ? -4.405  7.550   -3.423  1.00 23.14 ? 53  PHE A N    1 
ATOM   474  C CA   . PHE A 1 52  ? -4.745  6.934   -2.163  1.00 22.23 ? 53  PHE A CA   1 
ATOM   475  C C    . PHE A 1 52  ? -6.196  7.255   -2.090  1.00 22.72 ? 53  PHE A C    1 
ATOM   476  O O    . PHE A 1 52  ? -6.578  8.411   -1.950  1.00 23.14 ? 53  PHE A O    1 
ATOM   477  C CB   . PHE A 1 52  ? -4.055  7.566   -0.965  1.00 22.13 ? 53  PHE A CB   1 
ATOM   478  C CG   . PHE A 1 52  ? -2.690  6.932   -0.842  1.00 23.92 ? 53  PHE A CG   1 
ATOM   479  C CD1  . PHE A 1 52  ? -1.664  7.265   -1.737  1.00 24.79 ? 53  PHE A CD1  1 
ATOM   480  C CD2  . PHE A 1 52  ? -2.483  5.928   0.104   1.00 25.78 ? 53  PHE A CD2  1 
ATOM   481  C CE1  . PHE A 1 52  ? -0.444  6.579   -1.699  1.00 24.50 ? 53  PHE A CE1  1 
ATOM   482  C CE2  . PHE A 1 52  ? -1.256  5.252   0.139   1.00 25.52 ? 53  PHE A CE2  1 
ATOM   483  C CZ   . PHE A 1 52  ? -0.232  5.577   -0.761  1.00 25.16 ? 53  PHE A CZ   1 
ATOM   484  H H    . PHE A 1 52  ? -4.181  8.501   -3.402  1.00 0.00  ? 53  PHE A H    1 
ATOM   485  N N    . HIS A 1 53  ? -7.043  6.241   -2.219  1.00 21.66 ? 54  HIS A N    1 
ATOM   486  C CA   . HIS A 1 53  ? -8.445  6.560   -2.258  1.00 21.71 ? 54  HIS A CA   1 
ATOM   487  C C    . HIS A 1 53  ? -9.162  6.549   -0.925  1.00 22.58 ? 54  HIS A C    1 
ATOM   488  O O    . HIS A 1 53  ? -10.275 7.072   -0.843  1.00 25.43 ? 54  HIS A O    1 
ATOM   489  C CB   . HIS A 1 53  ? -9.131  5.609   -3.215  1.00 18.79 ? 54  HIS A CB   1 
ATOM   490  C CG   . HIS A 1 53  ? -9.018  4.144   -2.871  1.00 19.15 ? 54  HIS A CG   1 
ATOM   491  N ND1  . HIS A 1 53  ? -7.968  3.432   -3.241  1.00 20.06 ? 54  HIS A ND1  1 
ATOM   492  C CD2  . HIS A 1 53  ? -9.892  3.358   -2.161  1.00 18.18 ? 54  HIS A CD2  1 
ATOM   493  C CE1  . HIS A 1 53  ? -8.167  2.223   -2.772  1.00 20.07 ? 54  HIS A CE1  1 
ATOM   494  N NE2  . HIS A 1 53  ? -9.324  2.183   -2.143  1.00 19.04 ? 54  HIS A NE2  1 
ATOM   495  H H    . HIS A 1 53  ? -6.705  5.324   -2.155  1.00 0.00  ? 54  HIS A H    1 
ATOM   496  H HD1  . HIS A 1 53  ? -7.333  3.676   -3.950  1.00 0.00  ? 54  HIS A HD1  1 
ATOM   497  H HE2  . HIS A 1 53  ? -9.761  1.339   -1.871  1.00 0.00  ? 54  HIS A HE2  1 
ATOM   498  N N    . ARG A 1 54  ? -8.562  6.000   0.127   1.00 22.08 ? 55  ARG A N    1 
ATOM   499  C CA   . ARG A 1 54  ? -9.292  5.803   1.355   1.00 21.41 ? 55  ARG A CA   1 
ATOM   500  C C    . ARG A 1 54  ? -8.309  6.020   2.487   1.00 19.64 ? 55  ARG A C    1 
ATOM   501  O O    . ARG A 1 54  ? -7.331  5.277   2.621   1.00 19.27 ? 55  ARG A O    1 
ATOM   502  C CB   . ARG A 1 54  ? -9.835  4.382   1.322   1.00 24.48 ? 55  ARG A CB   1 
ATOM   503  C CG   . ARG A 1 54  ? -10.714 4.017   2.505   1.00 27.54 ? 55  ARG A CG   1 
ATOM   504  C CD   . ARG A 1 54  ? -11.387 2.665   2.255   1.00 29.79 ? 55  ARG A CD   1 
ATOM   505  N NE   . ARG A 1 54  ? -11.805 1.984   3.466   1.00 31.03 ? 55  ARG A NE   1 
ATOM   506  C CZ   . ARG A 1 54  ? -12.843 2.361   4.211   1.00 31.54 ? 55  ARG A CZ   1 
ATOM   507  N NH1  . ARG A 1 54  ? -13.520 3.488   3.981   1.00 32.28 ? 55  ARG A NH1  1 
ATOM   508  N NH2  . ARG A 1 54  ? -13.177 1.592   5.228   1.00 31.62 ? 55  ARG A NH2  1 
ATOM   509  H H    . ARG A 1 54  ? -7.600  5.812   0.130   1.00 0.00  ? 55  ARG A H    1 
ATOM   510  H HE   . ARG A 1 54  ? -11.269 1.196   3.724   1.00 0.00  ? 55  ARG A HE   1 
ATOM   511  H HH11 . ARG A 1 54  ? -13.275 4.169   3.294   1.00 0.00  ? 55  ARG A HH11 1 
ATOM   512  H HH12 . ARG A 1 54  ? -14.333 3.709   4.534   1.00 0.00  ? 55  ARG A HH12 1 
ATOM   513  H HH21 . ARG A 1 54  ? -12.644 0.756   5.422   1.00 0.00  ? 55  ARG A HH21 1 
ATOM   514  H HH22 . ARG A 1 54  ? -13.931 1.820   5.848   1.00 0.00  ? 55  ARG A HH22 1 
ATOM   515  N N    . ILE A 1 55  ? -8.515  7.068   3.263   1.00 18.06 ? 56  ILE A N    1 
ATOM   516  C CA   . ILE A 1 55  ? -7.612  7.389   4.350   1.00 20.50 ? 56  ILE A CA   1 
ATOM   517  C C    . ILE A 1 55  ? -8.549  7.651   5.503   1.00 21.26 ? 56  ILE A C    1 
ATOM   518  O O    . ILE A 1 55  ? -9.456  8.480   5.417   1.00 19.93 ? 56  ILE A O    1 
ATOM   519  C CB   . ILE A 1 55  ? -6.752  8.653   4.015   1.00 22.57 ? 56  ILE A CB   1 
ATOM   520  C CG1  . ILE A 1 55  ? -5.829  8.371   2.810   1.00 23.68 ? 56  ILE A CG1  1 
ATOM   521  C CG2  . ILE A 1 55  ? -5.941  9.057   5.253   1.00 22.05 ? 56  ILE A CG2  1 
ATOM   522  C CD1  . ILE A 1 55  ? -4.846  9.499   2.421   1.00 24.04 ? 56  ILE A CD1  1 
ATOM   523  H H    . ILE A 1 55  ? -9.313  7.628   3.119   1.00 0.00  ? 56  ILE A H    1 
ATOM   524  N N    . ILE A 1 56  ? -8.372  6.825   6.533   1.00 22.12 ? 57  ILE A N    1 
ATOM   525  C CA   . ILE A 1 56  ? -9.149  6.917   7.749   1.00 22.64 ? 57  ILE A CA   1 
ATOM   526  C C    . ILE A 1 56  ? -8.122  7.203   8.841   1.00 20.88 ? 57  ILE A C    1 
ATOM   527  O O    . ILE A 1 56  ? -7.311  6.344   9.205   1.00 20.50 ? 57  ILE A O    1 
ATOM   528  C CB   . ILE A 1 56  ? -9.896  5.577   7.985   1.00 21.00 ? 57  ILE A CB   1 
ATOM   529  C CG1  . ILE A 1 56  ? -10.920 5.401   6.906   1.00 22.57 ? 57  ILE A CG1  1 
ATOM   530  C CG2  . ILE A 1 56  ? -10.660 5.586   9.301   1.00 21.77 ? 57  ILE A CG2  1 
ATOM   531  C CD1  . ILE A 1 56  ? -11.499 3.972   6.922   1.00 22.94 ? 57  ILE A CD1  1 
ATOM   532  H H    . ILE A 1 56  ? -7.643  6.164   6.497   1.00 0.00  ? 57  ILE A H    1 
ATOM   533  N N    . PRO A 1 57  ? -8.078  8.445   9.310   1.00 23.50 ? 58  PRO A N    1 
ATOM   534  C CA   . PRO A 1 57  ? -7.112  8.944   10.280  1.00 24.94 ? 58  PRO A CA   1 
ATOM   535  C C    . PRO A 1 57  ? -7.064  8.120   11.553  1.00 26.80 ? 58  PRO A C    1 
ATOM   536  O O    . PRO A 1 57  ? -8.087  7.847   12.172  1.00 29.68 ? 58  PRO A O    1 
ATOM   537  C CB   . PRO A 1 57  ? -7.549  10.385  10.534  1.00 24.83 ? 58  PRO A CB   1 
ATOM   538  C CG   . PRO A 1 57  ? -8.273  10.814  9.286   1.00 23.71 ? 58  PRO A CG   1 
ATOM   539  C CD   . PRO A 1 57  ? -8.999  9.515   8.930   1.00 23.18 ? 58  PRO A CD   1 
ATOM   540  N N    . GLY A 1 58  ? -5.881  7.733   11.979  1.00 28.67 ? 59  GLY A N    1 
ATOM   541  C CA   . GLY A 1 58  ? -5.675  6.953   13.174  1.00 28.16 ? 59  GLY A CA   1 
ATOM   542  C C    . GLY A 1 58  ? -5.798  5.466   12.896  1.00 28.70 ? 59  GLY A C    1 
ATOM   543  O O    . GLY A 1 58  ? -5.804  4.670   13.834  1.00 31.41 ? 59  GLY A O    1 
ATOM   544  H H    . GLY A 1 58  ? -5.089  8.001   11.473  1.00 0.00  ? 59  GLY A H    1 
ATOM   545  N N    . PHE A 1 59  ? -5.874  5.059   11.626  1.00 28.18 ? 60  PHE A N    1 
ATOM   546  C CA   . PHE A 1 59  ? -6.125  3.675   11.279  1.00 23.09 ? 60  PHE A CA   1 
ATOM   547  C C    . PHE A 1 59  ? -5.270  3.318   10.090  1.00 23.49 ? 60  PHE A C    1 
ATOM   548  O O    . PHE A 1 59  ? -4.307  2.575   10.285  1.00 23.17 ? 60  PHE A O    1 
ATOM   549  C CB   . PHE A 1 59  ? -7.632  3.499   10.977  1.00 20.30 ? 60  PHE A CB   1 
ATOM   550  C CG   . PHE A 1 59  ? -8.095  2.083   10.610  1.00 20.22 ? 60  PHE A CG   1 
ATOM   551  C CD1  . PHE A 1 59  ? -7.365  0.945   10.979  1.00 18.60 ? 60  PHE A CD1  1 
ATOM   552  C CD2  . PHE A 1 59  ? -9.209  1.941   9.776   1.00 19.21 ? 60  PHE A CD2  1 
ATOM   553  C CE1  . PHE A 1 59  ? -7.695  -0.287  10.445  1.00 17.72 ? 60  PHE A CE1  1 
ATOM   554  C CE2  . PHE A 1 59  ? -9.545  0.701   9.254   1.00 16.43 ? 60  PHE A CE2  1 
ATOM   555  C CZ   . PHE A 1 59  ? -8.779  -0.403  9.586   1.00 16.84 ? 60  PHE A CZ   1 
ATOM   556  H H    . PHE A 1 59  ? -5.677  5.697   10.911  1.00 0.00  ? 60  PHE A H    1 
ATOM   557  N N    . MET A 1 60  ? -5.551  3.768   8.858   1.00 24.32 ? 61  MET A N    1 
ATOM   558  C CA   . MET A 1 60  ? -4.717  3.402   7.724   1.00 23.56 ? 61  MET A CA   1 
ATOM   559  C C    . MET A 1 60  ? -4.949  4.262   6.487   1.00 24.51 ? 61  MET A C    1 
ATOM   560  O O    . MET A 1 60  ? -5.950  5.001   6.429   1.00 26.91 ? 61  MET A O    1 
ATOM   561  C CB   . MET A 1 60  ? -4.934  1.898   7.411   1.00 23.02 ? 61  MET A CB   1 
ATOM   562  C CG   . MET A 1 60  ? -6.345  1.418   7.204   1.00 22.75 ? 61  MET A CG   1 
ATOM   563  S SD   . MET A 1 60  ? -6.844  1.572   5.483   1.00 26.37 ? 61  MET A SD   1 
ATOM   564  C CE   . MET A 1 60  ? -8.464  2.237   5.689   1.00 25.92 ? 61  MET A CE   1 
ATOM   565  H H    . MET A 1 60  ? -6.267  4.426   8.707   1.00 0.00  ? 61  MET A H    1 
ATOM   566  N N    . CYS A 1 61  ? -3.984  4.244   5.547   1.00 23.88 ? 62  CYS A N    1 
ATOM   567  C CA   . CYS A 1 61  ? -4.031  4.981   4.292   1.00 21.64 ? 62  CYS A CA   1 
ATOM   568  C C    . CYS A 1 61  ? -4.083  3.918   3.230   1.00 21.40 ? 62  CYS A C    1 
ATOM   569  O O    . CYS A 1 61  ? -3.203  3.055   3.227   1.00 21.39 ? 62  CYS A O    1 
ATOM   570  C CB   . CYS A 1 61  ? -2.767  5.811   4.085   1.00 23.11 ? 62  CYS A CB   1 
ATOM   571  S SG   . CYS A 1 61  ? -2.527  7.040   5.387   1.00 28.11 ? 62  CYS A SG   1 
ATOM   572  H H    . CYS A 1 61  ? -3.198  3.688   5.723   1.00 0.00  ? 62  CYS A H    1 
ATOM   573  N N    . GLN A 1 62  ? -5.045  3.909   2.328   1.00 20.12 ? 63  GLN A N    1 
ATOM   574  C CA   . GLN A 1 62  ? -5.157  2.813   1.386   1.00 20.16 ? 63  GLN A CA   1 
ATOM   575  C C    . GLN A 1 62  ? -5.101  3.293   -0.066  1.00 18.36 ? 63  GLN A C    1 
ATOM   576  O O    . GLN A 1 62  ? -5.777  4.258   -0.438  1.00 17.74 ? 63  GLN A O    1 
ATOM   577  C CB   . GLN A 1 62  ? -6.479  2.117   1.694   1.00 21.88 ? 63  GLN A CB   1 
ATOM   578  C CG   . GLN A 1 62  ? -6.731  0.794   0.974   1.00 25.54 ? 63  GLN A CG   1 
ATOM   579  C CD   . GLN A 1 62  ? -8.043  0.162   1.416   1.00 26.58 ? 63  GLN A CD   1 
ATOM   580  O OE1  . GLN A 1 62  ? -8.243  -0.119  2.589   1.00 27.97 ? 63  GLN A OE1  1 
ATOM   581  N NE2  . GLN A 1 62  ? -8.990  -0.123  0.534   1.00 25.52 ? 63  GLN A NE2  1 
ATOM   582  H H    . GLN A 1 62  ? -5.658  4.660   2.241   1.00 0.00  ? 63  GLN A H    1 
ATOM   583  H HE21 . GLN A 1 62  ? -9.852  -0.353  0.963   1.00 0.00  ? 63  GLN A HE21 1 
ATOM   584  H HE22 . GLN A 1 62  ? -8.810  -0.066  -0.421  1.00 0.00  ? 63  GLN A HE22 1 
ATOM   585  N N    . GLY A 1 63  ? -4.393  2.620   -0.950  1.00 17.28 ? 64  GLY A N    1 
ATOM   586  C CA   . GLY A 1 63  ? -4.292  3.016   -2.347  1.00 17.17 ? 64  GLY A CA   1 
ATOM   587  C C    . GLY A 1 63  ? -4.112  1.748   -3.155  1.00 17.45 ? 64  GLY A C    1 
ATOM   588  O O    . GLY A 1 63  ? -4.564  0.693   -2.729  1.00 17.50 ? 64  GLY A O    1 
ATOM   589  H H    . GLY A 1 63  ? -3.990  1.767   -0.672  1.00 0.00  ? 64  GLY A H    1 
ATOM   590  N N    . GLY A 1 64  ? -3.489  1.784   -4.321  1.00 18.54 ? 65  GLY A N    1 
ATOM   591  C CA   . GLY A 1 64  ? -3.264  0.592   -5.129  1.00 15.65 ? 65  GLY A CA   1 
ATOM   592  C C    . GLY A 1 64  ? -4.346  0.361   -6.165  1.00 14.71 ? 65  GLY A C    1 
ATOM   593  O O    . GLY A 1 64  ? -4.178  -0.510  -7.007  1.00 16.72 ? 65  GLY A O    1 
ATOM   594  H H    . GLY A 1 64  ? -3.169  2.637   -4.666  1.00 0.00  ? 65  GLY A H    1 
ATOM   595  N N    . ASP A 1 65  ? -5.450  1.102   -6.167  1.00 16.04 ? 66  ASP A N    1 
ATOM   596  C CA   . ASP A 1 65  ? -6.428  0.834   -7.213  1.00 20.28 ? 66  ASP A CA   1 
ATOM   597  C C    . ASP A 1 65  ? -6.067  1.687   -8.462  1.00 22.02 ? 66  ASP A C    1 
ATOM   598  O O    . ASP A 1 65  ? -6.556  2.805   -8.686  1.00 25.70 ? 66  ASP A O    1 
ATOM   599  C CB   . ASP A 1 65  ? -7.882  1.159   -6.733  1.00 18.01 ? 66  ASP A CB   1 
ATOM   600  C CG   . ASP A 1 65  ? -8.924  0.867   -7.823  1.00 20.37 ? 66  ASP A CG   1 
ATOM   601  O OD1  . ASP A 1 65  ? -8.606  0.406   -8.911  1.00 21.43 ? 66  ASP A OD1  1 
ATOM   602  O OD2  . ASP A 1 65  ? -10.106 1.113   -7.638  1.00 20.39 ? 66  ASP A OD2  1 
ATOM   603  H H    . ASP A 1 65  ? -5.586  1.808   -5.506  1.00 0.00  ? 66  ASP A H    1 
ATOM   604  N N    . PHE A 1 66  ? -5.209  1.194   -9.330  1.00 21.30 ? 67  PHE A N    1 
ATOM   605  C CA   . PHE A 1 66  ? -4.787  1.952   -10.463 1.00 21.42 ? 67  PHE A CA   1 
ATOM   606  C C    . PHE A 1 66  ? -5.705  1.802   -11.665 1.00 24.87 ? 67  PHE A C    1 
ATOM   607  O O    . PHE A 1 66  ? -5.464  2.444   -12.688 1.00 25.44 ? 67  PHE A O    1 
ATOM   608  C CB   . PHE A 1 66  ? -3.362  1.548   -10.774 1.00 17.69 ? 67  PHE A CB   1 
ATOM   609  C CG   . PHE A 1 66  ? -3.053  0.104   -11.149 1.00 22.10 ? 67  PHE A CG   1 
ATOM   610  C CD1  . PHE A 1 66  ? -3.270  -0.364  -12.457 1.00 21.38 ? 67  PHE A CD1  1 
ATOM   611  C CD2  . PHE A 1 66  ? -2.506  -0.764  -10.198 1.00 22.99 ? 67  PHE A CD2  1 
ATOM   612  C CE1  . PHE A 1 66  ? -2.962  -1.673  -12.794 1.00 23.98 ? 67  PHE A CE1  1 
ATOM   613  C CE2  . PHE A 1 66  ? -2.214  -2.091  -10.545 1.00 22.45 ? 67  PHE A CE2  1 
ATOM   614  C CZ   . PHE A 1 66  ? -2.440  -2.541  -11.840 1.00 23.40 ? 67  PHE A CZ   1 
ATOM   615  H H    . PHE A 1 66  ? -4.813  0.320   -9.128  1.00 0.00  ? 67  PHE A H    1 
ATOM   616  N N    . THR A 1 67  ? -6.804  1.049   -11.600 1.00 25.68 ? 68  THR A N    1 
ATOM   617  C CA   . THR A 1 67  ? -7.633  0.910   -12.775 1.00 26.06 ? 68  THR A CA   1 
ATOM   618  C C    . THR A 1 67  ? -8.928  1.641   -12.599 1.00 25.35 ? 68  THR A C    1 
ATOM   619  O O    . THR A 1 67  ? -9.528  2.120   -13.564 1.00 25.67 ? 68  THR A O    1 
ATOM   620  C CB   . THR A 1 67  ? -7.996  -0.575  -13.127 1.00 27.38 ? 68  THR A CB   1 
ATOM   621  O OG1  . THR A 1 67  ? -8.570  -1.161  -11.957 1.00 29.66 ? 68  THR A OG1  1 
ATOM   622  C CG2  . THR A 1 67  ? -6.803  -1.373  -13.625 1.00 26.26 ? 68  THR A CG2  1 
ATOM   623  H H    . THR A 1 67  ? -7.059  0.588   -10.772 1.00 0.00  ? 68  THR A H    1 
ATOM   624  H HG1  . THR A 1 67  ? -9.375  -0.707  -11.680 1.00 0.00  ? 68  THR A HG1  1 
ATOM   625  N N    . ARG A 1 68  ? -9.451  1.689   -11.390 1.00 22.94 ? 69  ARG A N    1 
ATOM   626  C CA   . ARG A 1 68  ? -10.752 2.281   -11.242 1.00 24.10 ? 69  ARG A CA   1 
ATOM   627  C C    . ARG A 1 68  ? -10.676 3.420   -10.252 1.00 22.71 ? 69  ARG A C    1 
ATOM   628  O O    . ARG A 1 68  ? -11.602 4.238   -10.169 1.00 22.10 ? 69  ARG A O    1 
ATOM   629  C CB   . ARG A 1 68  ? -11.729 1.162   -10.844 1.00 27.04 ? 69  ARG A CB   1 
ATOM   630  C CG   . ARG A 1 68  ? -13.117 1.650   -11.250 1.00 34.35 ? 69  ARG A CG   1 
ATOM   631  C CD   . ARG A 1 68  ? -14.165 0.619   -11.639 1.00 37.40 ? 69  ARG A CD   1 
ATOM   632  N NE   . ARG A 1 68  ? -13.637 -0.282  -12.652 1.00 43.17 ? 69  ARG A NE   1 
ATOM   633  C CZ   . ARG A 1 68  ? -13.875 -0.113  -13.971 1.00 47.22 ? 69  ARG A CZ   1 
ATOM   634  N NH1  . ARG A 1 68  ? -14.613 0.919   -14.404 1.00 48.50 ? 69  ARG A NH1  1 
ATOM   635  N NH2  . ARG A 1 68  ? -13.368 -0.984  -14.871 1.00 47.07 ? 69  ARG A NH2  1 
ATOM   636  H H    . ARG A 1 68  ? -9.015  1.289   -10.608 1.00 0.00  ? 69  ARG A H    1 
ATOM   637  H HE   . ARG A 1 68  ? -13.154 -1.068  -12.309 1.00 0.00  ? 69  ARG A HE   1 
ATOM   638  H HH11 . ARG A 1 68  ? -14.976 1.632   -13.799 1.00 0.00  ? 69  ARG A HH11 1 
ATOM   639  H HH12 . ARG A 1 68  ? -14.779 1.129   -15.378 1.00 0.00  ? 69  ARG A HH12 1 
ATOM   640  H HH21 . ARG A 1 68  ? -12.806 -1.772  -14.612 1.00 0.00  ? 69  ARG A HH21 1 
ATOM   641  H HH22 . ARG A 1 68  ? -13.617 -0.868  -15.848 1.00 0.00  ? 69  ARG A HH22 1 
ATOM   642  N N    . HIS A 1 69  ? -9.516  3.567   -9.579  1.00 24.11 ? 70  HIS A N    1 
ATOM   643  C CA   . HIS A 1 69  ? -9.132  4.708   -8.715  1.00 23.56 ? 70  HIS A CA   1 
ATOM   644  C C    . HIS A 1 69  ? -10.039 4.993   -7.508  1.00 27.80 ? 70  HIS A C    1 
ATOM   645  O O    . HIS A 1 69  ? -10.000 6.078   -6.897  1.00 28.25 ? 70  HIS A O    1 
ATOM   646  C CB   . HIS A 1 69  ? -9.033  6.049   -9.507  1.00 21.01 ? 70  HIS A CB   1 
ATOM   647  C CG   . HIS A 1 69  ? -8.461  5.957   -10.919 1.00 19.25 ? 70  HIS A CG   1 
ATOM   648  N ND1  . HIS A 1 69  ? -7.290  5.413   -11.207 1.00 20.16 ? 70  HIS A ND1  1 
ATOM   649  C CD2  . HIS A 1 69  ? -9.189  6.088   -12.083 1.00 19.43 ? 70  HIS A CD2  1 
ATOM   650  C CE1  . HIS A 1 69  ? -7.318  5.129   -12.490 1.00 20.17 ? 70  HIS A CE1  1 
ATOM   651  N NE2  . HIS A 1 69  ? -8.467  5.509   -12.992 1.00 18.40 ? 70  HIS A NE2  1 
ATOM   652  H H    . HIS A 1 69  ? -8.928  2.780   -9.524  1.00 0.00  ? 70  HIS A H    1 
ATOM   653  H HD1  . HIS A 1 69  ? -6.454  5.405   -10.693 1.00 0.00  ? 70  HIS A HD1  1 
ATOM   654  H HE2  . HIS A 1 69  ? -8.714  5.400   -13.939 1.00 0.00  ? 70  HIS A HE2  1 
ATOM   655  N N    . ASN A 1 70  ? -10.843 4.010   -7.084  1.00 28.30 ? 71  ASN A N    1 
ATOM   656  C CA   . ASN A 1 70  ? -11.776 4.239   -6.005  1.00 27.00 ? 71  ASN A CA   1 
ATOM   657  C C    . ASN A 1 70  ? -11.882 3.056   -5.063  1.00 27.39 ? 71  ASN A C    1 
ATOM   658  O O    . ASN A 1 70  ? -12.568 3.115   -4.055  1.00 30.38 ? 71  ASN A O    1 
ATOM   659  C CB   . ASN A 1 70  ? -13.164 4.579   -6.573  1.00 25.04 ? 71  ASN A CB   1 
ATOM   660  C CG   . ASN A 1 70  ? -13.785 3.477   -7.393  1.00 24.65 ? 71  ASN A CG   1 
ATOM   661  O OD1  . ASN A 1 70  ? -13.199 2.416   -7.568  1.00 26.13 ? 71  ASN A OD1  1 
ATOM   662  N ND2  . ASN A 1 70  ? -14.973 3.652   -7.940  1.00 26.71 ? 71  ASN A ND2  1 
ATOM   663  H H    . ASN A 1 70  ? -10.821 3.133   -7.528  1.00 0.00  ? 71  ASN A H    1 
ATOM   664  H HD21 . ASN A 1 70  ? -15.349 2.905   -8.447  1.00 0.00  ? 71  ASN A HD21 1 
ATOM   665  H HD22 . ASN A 1 70  ? -15.419 4.508   -7.794  1.00 0.00  ? 71  ASN A HD22 1 
ATOM   666  N N    . GLY A 1 71  ? -11.124 2.018   -5.254  1.00 27.03 ? 72  GLY A N    1 
ATOM   667  C CA   . GLY A 1 71  ? -11.257 0.881   -4.424  1.00 28.72 ? 72  GLY A CA   1 
ATOM   668  C C    . GLY A 1 71  ? -11.930 -0.241  -5.151  1.00 31.69 ? 72  GLY A C    1 
ATOM   669  O O    . GLY A 1 71  ? -11.906 -1.342  -4.596  1.00 34.38 ? 72  GLY A O    1 
ATOM   670  H H    . GLY A 1 71  ? -10.501 2.011   -6.003  1.00 0.00  ? 72  GLY A H    1 
ATOM   671  N N    . THR A 1 72  ? -12.474 -0.067  -6.356  1.00 31.54 ? 73  THR A N    1 
ATOM   672  C CA   . THR A 1 72  ? -13.114 -1.220  -6.980  1.00 31.32 ? 73  THR A CA   1 
ATOM   673  C C    . THR A 1 72  ? -12.274 -1.946  -8.010  1.00 32.13 ? 73  THR A C    1 
ATOM   674  O O    . THR A 1 72  ? -12.797 -2.832  -8.700  1.00 32.04 ? 73  THR A O    1 
ATOM   675  C CB   . THR A 1 72  ? -14.412 -0.821  -7.649  1.00 32.18 ? 73  THR A CB   1 
ATOM   676  O OG1  . THR A 1 72  ? -14.076 0.099   -8.661  1.00 34.43 ? 73  THR A OG1  1 
ATOM   677  C CG2  . THR A 1 72  ? -15.375 -0.138  -6.718  1.00 32.14 ? 73  THR A CG2  1 
ATOM   678  H H    . THR A 1 72  ? -12.307 0.752   -6.868  1.00 0.00  ? 73  THR A H    1 
ATOM   679  H HG1  . THR A 1 72  ? -13.587 0.826   -8.277  1.00 0.00  ? 73  THR A HG1  1 
ATOM   680  N N    . GLY A 1 73  ? -10.990 -1.604  -8.173  1.00 32.70 ? 74  GLY A N    1 
ATOM   681  C CA   . GLY A 1 73  ? -10.204 -2.276  -9.179  1.00 28.64 ? 74  GLY A CA   1 
ATOM   682  C C    . GLY A 1 73  ? -8.823  -2.630  -8.695  1.00 31.62 ? 74  GLY A C    1 
ATOM   683  O O    . GLY A 1 73  ? -8.558  -2.845  -7.494  1.00 29.32 ? 74  GLY A O    1 
ATOM   684  H H    . GLY A 1 73  ? -10.573 -0.905  -7.631  1.00 0.00  ? 74  GLY A H    1 
ATOM   685  N N    . GLY A 1 74  ? -7.919  -2.676  -9.665  1.00 30.87 ? 75  GLY A N    1 
ATOM   686  C CA   . GLY A 1 74  ? -6.524  -3.019  -9.447  1.00 30.63 ? 75  GLY A CA   1 
ATOM   687  C C    . GLY A 1 74  ? -6.263  -4.404  -9.986  1.00 28.58 ? 75  GLY A C    1 
ATOM   688  O O    . GLY A 1 74  ? -7.206  -5.079  -10.394 1.00 31.08 ? 75  GLY A O    1 
ATOM   689  H H    . GLY A 1 74  ? -8.218  -2.524  -10.581 1.00 0.00  ? 75  GLY A H    1 
ATOM   690  N N    . LYS A 1 75  ? -5.023  -4.843  -10.115 1.00 26.67 ? 76  LYS A N    1 
ATOM   691  C CA   . LYS A 1 75  ? -4.794  -6.211  -10.493 1.00 26.60 ? 76  LYS A CA   1 
ATOM   692  C C    . LYS A 1 75  ? -3.393  -6.535  -10.128 1.00 25.72 ? 76  LYS A C    1 
ATOM   693  O O    . LYS A 1 75  ? -2.572  -5.622  -9.974  1.00 27.32 ? 76  LYS A O    1 
ATOM   694  C CB   . LYS A 1 75  ? -4.962  -6.455  -11.981 1.00 32.57 ? 76  LYS A CB   1 
ATOM   695  C CG   . LYS A 1 75  ? -4.125  -5.678  -12.978 1.00 38.33 ? 76  LYS A CG   1 
ATOM   696  C CD   . LYS A 1 75  ? -4.251  -6.358  -14.337 1.00 45.57 ? 76  LYS A CD   1 
ATOM   697  C CE   . LYS A 1 75  ? -5.646  -6.177  -14.996 1.00 51.42 ? 76  LYS A CE   1 
ATOM   698  N NZ   . LYS A 1 75  ? -6.813  -6.764  -14.308 1.00 56.91 ? 76  LYS A NZ   1 
ATOM   699  H H    . LYS A 1 75  ? -4.255  -4.267  -9.888  1.00 0.00  ? 76  LYS A H    1 
ATOM   700  H HZ1  . LYS A 1 75  ? -7.010  -6.417  -13.349 1.00 0.00  ? 76  LYS A HZ1  1 
ATOM   701  H HZ2  . LYS A 1 75  ? -7.697  -6.642  -14.843 1.00 0.00  ? 76  LYS A HZ2  1 
ATOM   702  H HZ3  . LYS A 1 75  ? -6.755  -7.806  -14.224 1.00 0.00  ? 76  LYS A HZ3  1 
ATOM   703  N N    . SER A 1 76  ? -3.101  -7.816  -10.014 1.00 25.13 ? 77  SER A N    1 
ATOM   704  C CA   . SER A 1 76  ? -1.768  -8.148  -9.606  1.00 26.29 ? 77  SER A CA   1 
ATOM   705  C C    . SER A 1 76  ? -0.980  -8.497  -10.841 1.00 25.09 ? 77  SER A C    1 
ATOM   706  O O    . SER A 1 76  ? -1.563  -8.697  -11.914 1.00 26.11 ? 77  SER A O    1 
ATOM   707  C CB   . SER A 1 76  ? -1.802  -9.335  -8.635  1.00 25.06 ? 77  SER A CB   1 
ATOM   708  O OG   . SER A 1 76  ? -1.909  -10.616 -9.245  1.00 26.94 ? 77  SER A OG   1 
ATOM   709  H H    . SER A 1 76  ? -3.724  -8.528  -10.266 1.00 0.00  ? 77  SER A H    1 
ATOM   710  H HG   . SER A 1 76  ? -2.854  -10.748 -9.422  1.00 0.00  ? 77  SER A HG   1 
ATOM   711  N N    . ILE A 1 77  ? 0.326   -8.725  -10.656 1.00 25.34 ? 78  ILE A N    1 
ATOM   712  C CA   . ILE A 1 77  ? 1.152   -9.202  -11.749 1.00 25.04 ? 78  ILE A CA   1 
ATOM   713  C C    . ILE A 1 77  ? 0.864   -10.672 -12.011 1.00 28.73 ? 78  ILE A C    1 
ATOM   714  O O    . ILE A 1 77  ? 1.468   -11.276 -12.894 1.00 31.43 ? 78  ILE A O    1 
ATOM   715  C CB   . ILE A 1 77  ? 2.663   -9.061  -11.456 1.00 23.39 ? 78  ILE A CB   1 
ATOM   716  C CG1  . ILE A 1 77  ? 3.056   -9.867  -10.246 1.00 24.08 ? 78  ILE A CG1  1 
ATOM   717  C CG2  . ILE A 1 77  ? 2.999   -7.596  -11.252 1.00 21.94 ? 78  ILE A CG2  1 
ATOM   718  C CD1  . ILE A 1 77  ? 4.551   -10.153 -10.222 1.00 19.65 ? 78  ILE A CD1  1 
ATOM   719  H H    . ILE A 1 77  ? 0.729   -8.505  -9.790  1.00 0.00  ? 78  ILE A H    1 
ATOM   720  N N    . TYR A 1 78  ? -0.040  -11.323 -11.288 1.00 28.75 ? 79  TYR A N    1 
ATOM   721  C CA   . TYR A 1 78  ? -0.298  -12.728 -11.496 1.00 29.61 ? 79  TYR A CA   1 
ATOM   722  C C    . TYR A 1 78  ? -1.706  -12.970 -12.036 1.00 31.59 ? 79  TYR A C    1 
ATOM   723  O O    . TYR A 1 78  ? -2.055  -14.079 -12.418 1.00 35.87 ? 79  TYR A O    1 
ATOM   724  C CB   . TYR A 1 78  ? -0.113  -13.436 -10.165 1.00 29.44 ? 79  TYR A CB   1 
ATOM   725  C CG   . TYR A 1 78  ? 1.204   -13.189 -9.420  1.00 29.42 ? 79  TYR A CG   1 
ATOM   726  C CD1  . TYR A 1 78  ? 2.402   -13.704 -9.934  1.00 28.10 ? 79  TYR A CD1  1 
ATOM   727  C CD2  . TYR A 1 78  ? 1.202   -12.508 -8.190  1.00 27.87 ? 79  TYR A CD2  1 
ATOM   728  C CE1  . TYR A 1 78  ? 3.577   -13.567 -9.194  1.00 28.24 ? 79  TYR A CE1  1 
ATOM   729  C CE2  . TYR A 1 78  ? 2.390   -12.347 -7.469  1.00 27.52 ? 79  TYR A CE2  1 
ATOM   730  C CZ   . TYR A 1 78  ? 3.560   -12.887 -7.982  1.00 27.82 ? 79  TYR A CZ   1 
ATOM   731  O OH   . TYR A 1 78  ? 4.748   -12.791 -7.288  1.00 30.40 ? 79  TYR A OH   1 
ATOM   732  H H    . TYR A 1 78  ? -0.544  -10.864 -10.589 1.00 0.00  ? 79  TYR A H    1 
ATOM   733  H HH   . TYR A 1 78  ? 4.864   -11.870 -7.018  1.00 0.00  ? 79  TYR A HH   1 
ATOM   734  N N    . GLY A 1 79  ? -2.598  -12.003 -12.082 1.00 30.47 ? 80  GLY A N    1 
ATOM   735  C CA   . GLY A 1 79  ? -3.948  -12.238 -12.551 1.00 30.99 ? 80  GLY A CA   1 
ATOM   736  C C    . GLY A 1 79  ? -4.800  -11.245 -11.812 1.00 32.22 ? 80  GLY A C    1 
ATOM   737  O O    . GLY A 1 79  ? -4.229  -10.418 -11.071 1.00 34.24 ? 80  GLY A O    1 
ATOM   738  H H    . GLY A 1 79  ? -2.362  -11.098 -11.783 1.00 0.00  ? 80  GLY A H    1 
ATOM   739  N N    . GLU A 1 80  ? -6.124  -11.310 -11.972 1.00 33.82 ? 81  GLU A N    1 
ATOM   740  C CA   . GLU A 1 80  ? -6.997  -10.414 -11.235 1.00 38.53 ? 81  GLU A CA   1 
ATOM   741  C C    . GLU A 1 80  ? -6.800  -10.461 -9.734  1.00 37.11 ? 81  GLU A C    1 
ATOM   742  O O    . GLU A 1 80  ? -6.784  -9.416  -9.085  1.00 38.19 ? 81  GLU A O    1 
ATOM   743  C CB   . GLU A 1 80  ? -8.474  -10.710 -11.463 1.00 45.32 ? 81  GLU A CB   1 
ATOM   744  C CG   . GLU A 1 80  ? -9.006  -10.552 -12.872 1.00 53.43 ? 81  GLU A CG   1 
ATOM   745  C CD   . GLU A 1 80  ? -8.661  -9.206  -13.499 1.00 58.61 ? 81  GLU A CD   1 
ATOM   746  O OE1  . GLU A 1 80  ? -9.100  -8.144  -13.027 1.00 58.82 ? 81  GLU A OE1  1 
ATOM   747  O OE2  . GLU A 1 80  ? -7.863  -9.206  -14.455 1.00 62.29 ? 81  GLU A OE2  1 
ATOM   748  H H    . GLU A 1 80  ? -6.520  -11.890 -12.653 1.00 0.00  ? 81  GLU A H    1 
ATOM   749  N N    . LYS A 1 81  ? -6.585  -11.691 -9.241  1.00 36.73 ? 82  LYS A N    1 
ATOM   750  C CA   . LYS A 1 81  ? -6.500  -12.019 -7.823  1.00 34.27 ? 82  LYS A CA   1 
ATOM   751  C C    . LYS A 1 81  ? -5.404  -13.067 -7.582  1.00 32.03 ? 82  LYS A C    1 
ATOM   752  O O    . LYS A 1 81  ? -5.007  -13.790 -8.512  1.00 32.51 ? 82  LYS A O    1 
ATOM   753  C CB   . LYS A 1 81  ? -7.891  -12.571 -7.314  1.00 37.46 ? 82  LYS A CB   1 
ATOM   754  C CG   . LYS A 1 81  ? -8.524  -13.920 -7.854  1.00 41.48 ? 82  LYS A CG   1 
ATOM   755  C CD   . LYS A 1 81  ? -7.723  -15.262 -7.596  1.00 44.03 ? 82  LYS A CD   1 
ATOM   756  C CE   . LYS A 1 81  ? -8.157  -16.609 -8.209  1.00 44.42 ? 82  LYS A CE   1 
ATOM   757  N NZ   . LYS A 1 81  ? -7.146  -17.656 -8.055  1.00 45.10 ? 82  LYS A NZ   1 
ATOM   758  H H    . LYS A 1 81  ? -6.371  -12.412 -9.862  1.00 0.00  ? 82  LYS A H    1 
ATOM   759  H HZ1  . LYS A 1 81  ? -6.873  -17.786 -7.066  1.00 0.00  ? 82  LYS A HZ1  1 
ATOM   760  H HZ2  . LYS A 1 81  ? -7.519  -18.584 -8.379  1.00 0.00  ? 82  LYS A HZ2  1 
ATOM   761  H HZ3  . LYS A 1 81  ? -6.272  -17.541 -8.614  1.00 0.00  ? 82  LYS A HZ3  1 
ATOM   762  N N    . PHE A 1 82  ? -4.873  -13.198 -6.374  1.00 28.15 ? 83  PHE A N    1 
ATOM   763  C CA   . PHE A 1 82  ? -4.059  -14.331 -6.009  1.00 27.36 ? 83  PHE A CA   1 
ATOM   764  C C    . PHE A 1 82  ? -4.325  -14.614 -4.505  1.00 27.95 ? 83  PHE A C    1 
ATOM   765  O O    . PHE A 1 82  ? -4.942  -13.836 -3.754  1.00 28.08 ? 83  PHE A O    1 
ATOM   766  C CB   . PHE A 1 82  ? -2.550  -14.051 -6.333  1.00 24.73 ? 83  PHE A CB   1 
ATOM   767  C CG   . PHE A 1 82  ? -1.796  -12.926 -5.642  1.00 22.88 ? 83  PHE A CG   1 
ATOM   768  C CD1  . PHE A 1 82  ? -2.021  -11.598 -5.981  1.00 22.16 ? 83  PHE A CD1  1 
ATOM   769  C CD2  . PHE A 1 82  ? -0.861  -13.240 -4.659  1.00 23.19 ? 83  PHE A CD2  1 
ATOM   770  C CE1  . PHE A 1 82  ? -1.345  -10.581 -5.313  1.00 20.76 ? 83  PHE A CE1  1 
ATOM   771  C CE2  . PHE A 1 82  ? -0.197  -12.217 -3.982  1.00 22.49 ? 83  PHE A CE2  1 
ATOM   772  C CZ   . PHE A 1 82  ? -0.447  -10.893 -4.302  1.00 20.78 ? 83  PHE A CZ   1 
ATOM   773  H H    . PHE A 1 82  ? -5.015  -12.478 -5.724  1.00 0.00  ? 83  PHE A H    1 
ATOM   774  N N    . GLU A 1 83  ? -3.940  -15.810 -4.089  1.00 28.82 ? 84  GLU A N    1 
ATOM   775  C CA   . GLU A 1 83  ? -4.141  -16.334 -2.768  1.00 24.77 ? 84  GLU A CA   1 
ATOM   776  C C    . GLU A 1 83  ? -3.416  -15.596 -1.663  1.00 25.13 ? 84  GLU A C    1 
ATOM   777  O O    . GLU A 1 83  ? -2.478  -14.811 -1.865  1.00 23.79 ? 84  GLU A O    1 
ATOM   778  C CB   . GLU A 1 83  ? -3.697  -17.740 -2.804  1.00 22.30 ? 84  GLU A CB   1 
ATOM   779  C CG   . GLU A 1 83  ? -2.211  -17.915 -2.945  1.00 24.84 ? 84  GLU A CG   1 
ATOM   780  C CD   . GLU A 1 83  ? -1.594  -18.056 -4.319  1.00 26.11 ? 84  GLU A CD   1 
ATOM   781  O OE1  . GLU A 1 83  ? -2.113  -17.544 -5.318  1.00 27.65 ? 84  GLU A OE1  1 
ATOM   782  O OE2  . GLU A 1 83  ? -0.539  -18.703 -4.406  1.00 25.03 ? 84  GLU A OE2  1 
ATOM   783  H H    . GLU A 1 83  ? -3.496  -16.372 -4.742  1.00 0.00  ? 84  GLU A H    1 
ATOM   784  N N    . ASP A 1 84  ? -3.878  -15.837 -0.447  1.00 25.48 ? 85  ASP A N    1 
ATOM   785  C CA   . ASP A 1 84  ? -3.212  -15.299 0.713   1.00 25.72 ? 85  ASP A CA   1 
ATOM   786  C C    . ASP A 1 84  ? -2.035  -16.218 0.882   1.00 25.81 ? 85  ASP A C    1 
ATOM   787  O O    . ASP A 1 84  ? -2.175  -17.442 0.933   1.00 27.89 ? 85  ASP A O    1 
ATOM   788  C CB   . ASP A 1 84  ? -4.096  -15.347 1.920   1.00 25.16 ? 85  ASP A CB   1 
ATOM   789  C CG   . ASP A 1 84  ? -5.245  -14.361 1.842   1.00 27.34 ? 85  ASP A CG   1 
ATOM   790  O OD1  . ASP A 1 84  ? -5.062  -13.204 1.452   1.00 26.78 ? 85  ASP A OD1  1 
ATOM   791  O OD2  . ASP A 1 84  ? -6.368  -14.734 2.186   1.00 28.12 ? 85  ASP A OD2  1 
ATOM   792  H H    . ASP A 1 84  ? -4.624  -16.456 -0.318  1.00 0.00  ? 85  ASP A H    1 
ATOM   793  N N    . GLU A 1 85  ? -0.848  -15.617 0.842   1.00 26.39 ? 86  GLU A N    1 
ATOM   794  C CA   . GLU A 1 85  ? 0.382   -16.382 0.816   1.00 26.41 ? 86  GLU A CA   1 
ATOM   795  C C    . GLU A 1 85  ? 0.654   -17.026 2.147   1.00 25.90 ? 86  GLU A C    1 
ATOM   796  O O    . GLU A 1 85  ? 0.991   -18.213 2.207   1.00 28.63 ? 86  GLU A O    1 
ATOM   797  C CB   . GLU A 1 85  ? 1.522   -15.480 0.414   1.00 25.48 ? 86  GLU A CB   1 
ATOM   798  C CG   . GLU A 1 85  ? 2.846   -16.214 0.206   1.00 26.64 ? 86  GLU A CG   1 
ATOM   799  C CD   . GLU A 1 85  ? 3.936   -15.412 -0.496  1.00 26.17 ? 86  GLU A CD   1 
ATOM   800  O OE1  . GLU A 1 85  ? 3.901   -14.182 -0.574  1.00 26.31 ? 86  GLU A OE1  1 
ATOM   801  O OE2  . GLU A 1 85  ? 4.848   -16.024 -1.019  1.00 26.12 ? 86  GLU A OE2  1 
ATOM   802  H H    . GLU A 1 85  ? -0.805  -14.639 0.727   1.00 0.00  ? 86  GLU A H    1 
ATOM   803  N N    . ASN A 1 86  ? 0.532   -16.266 3.214   1.00 26.36 ? 87  ASN A N    1 
ATOM   804  C CA   . ASN A 1 86  ? 0.681   -16.797 4.546   1.00 26.20 ? 87  ASN A CA   1 
ATOM   805  C C    . ASN A 1 86  ? 0.313   -15.699 5.493   1.00 26.37 ? 87  ASN A C    1 
ATOM   806  O O    . ASN A 1 86  ? 0.047   -14.594 5.048   1.00 27.66 ? 87  ASN A O    1 
ATOM   807  C CB   . ASN A 1 86  ? 2.102   -17.231 4.842   1.00 26.41 ? 87  ASN A CB   1 
ATOM   808  C CG   . ASN A 1 86  ? 3.143   -16.149 4.971   1.00 25.57 ? 87  ASN A CG   1 
ATOM   809  O OD1  . ASN A 1 86  ? 3.025   -15.165 5.697   1.00 26.65 ? 87  ASN A OD1  1 
ATOM   810  N ND2  . ASN A 1 86  ? 4.248   -16.346 4.299   1.00 28.39 ? 87  ASN A ND2  1 
ATOM   811  H H    . ASN A 1 86  ? 0.323   -15.308 3.122   1.00 0.00  ? 87  ASN A H    1 
ATOM   812  H HD21 . ASN A 1 86  ? 4.970   -15.679 4.355   1.00 0.00  ? 87  ASN A HD21 1 
ATOM   813  H HD22 . ASN A 1 86  ? 4.338   -17.139 3.736   1.00 0.00  ? 87  ASN A HD22 1 
ATOM   814  N N    . PHE A 1 87  ? 0.282   -15.968 6.799   1.00 27.85 ? 88  PHE A N    1 
ATOM   815  C CA   . PHE A 1 87  ? -0.060  -14.970 7.786   1.00 26.26 ? 88  PHE A CA   1 
ATOM   816  C C    . PHE A 1 87  ? 0.968   -14.930 8.916   1.00 27.10 ? 88  PHE A C    1 
ATOM   817  O O    . PHE A 1 87  ? 0.659   -14.612 10.056  1.00 29.03 ? 88  PHE A O    1 
ATOM   818  C CB   . PHE A 1 87  ? -1.474  -15.259 8.304   1.00 23.58 ? 88  PHE A CB   1 
ATOM   819  C CG   . PHE A 1 87  ? -2.580  -15.155 7.251   1.00 24.40 ? 88  PHE A CG   1 
ATOM   820  C CD1  . PHE A 1 87  ? -3.056  -13.907 6.854   1.00 24.28 ? 88  PHE A CD1  1 
ATOM   821  C CD2  . PHE A 1 87  ? -3.147  -16.310 6.691   1.00 25.69 ? 88  PHE A CD2  1 
ATOM   822  C CE1  . PHE A 1 87  ? -4.115  -13.817 5.941   1.00 23.09 ? 88  PHE A CE1  1 
ATOM   823  C CE2  . PHE A 1 87  ? -4.202  -16.203 5.780   1.00 24.60 ? 88  PHE A CE2  1 
ATOM   824  C CZ   . PHE A 1 87  ? -4.705  -14.960 5.423   1.00 23.62 ? 88  PHE A CZ   1 
ATOM   825  H H    . PHE A 1 87  ? 0.489   -16.876 7.109   1.00 0.00  ? 88  PHE A H    1 
ATOM   826  N N    . ILE A 1 88  ? 2.236   -15.145 8.573   1.00 28.53 ? 89  ILE A N    1 
ATOM   827  C CA   . ILE A 1 88  ? 3.357   -15.118 9.505   1.00 29.56 ? 89  ILE A CA   1 
ATOM   828  C C    . ILE A 1 88  ? 3.471   -13.789 10.229  1.00 29.54 ? 89  ILE A C    1 
ATOM   829  O O    . ILE A 1 88  ? 3.769   -13.727 11.418  1.00 32.56 ? 89  ILE A O    1 
ATOM   830  C CB   . ILE A 1 88  ? 4.659   -15.393 8.711   1.00 29.70 ? 89  ILE A CB   1 
ATOM   831  C CG1  . ILE A 1 88  ? 4.623   -16.812 8.291   1.00 30.04 ? 89  ILE A CG1  1 
ATOM   832  C CG2  . ILE A 1 88  ? 5.924   -15.159 9.528   1.00 30.66 ? 89  ILE A CG2  1 
ATOM   833  C CD1  . ILE A 1 88  ? 5.696   -17.146 7.260   1.00 30.29 ? 89  ILE A CD1  1 
ATOM   834  H H    . ILE A 1 88  ? 2.438   -15.195 7.614   1.00 0.00  ? 89  ILE A H    1 
ATOM   835  N N    . LEU A 1 89  ? 3.315   -12.700 9.492   1.00 29.90 ? 90  LEU A N    1 
ATOM   836  C CA   . LEU A 1 89  ? 3.570   -11.389 10.058  1.00 29.75 ? 90  LEU A CA   1 
ATOM   837  C C    . LEU A 1 89  ? 2.261   -10.769 10.479  1.00 27.80 ? 90  LEU A C    1 
ATOM   838  O O    . LEU A 1 89  ? 1.198   -11.037 9.911   1.00 28.14 ? 90  LEU A O    1 
ATOM   839  C CB   . LEU A 1 89  ? 4.321   -10.551 8.993   1.00 31.49 ? 90  LEU A CB   1 
ATOM   840  C CG   . LEU A 1 89  ? 5.610   -11.167 8.380   1.00 33.76 ? 90  LEU A CG   1 
ATOM   841  C CD1  . LEU A 1 89  ? 6.004   -10.499 7.063   1.00 34.45 ? 90  LEU A CD1  1 
ATOM   842  C CD2  . LEU A 1 89  ? 6.724   -11.022 9.393   1.00 34.60 ? 90  LEU A CD2  1 
ATOM   843  H H    . LEU A 1 89  ? 3.049   -12.766 8.545   1.00 0.00  ? 90  LEU A H    1 
ATOM   844  N N    . LYS A 1 90  ? 2.307   -9.941  11.500  1.00 26.46 ? 91  LYS A N    1 
ATOM   845  C CA   . LYS A 1 90  ? 1.107   -9.425  12.085  1.00 26.98 ? 91  LYS A CA   1 
ATOM   846  C C    . LYS A 1 90  ? 1.142   -7.925  12.083  1.00 25.17 ? 91  LYS A C    1 
ATOM   847  O O    . LYS A 1 90  ? 2.204   -7.369  11.841  1.00 25.94 ? 91  LYS A O    1 
ATOM   848  C CB   . LYS A 1 90  ? 0.997   -9.955  13.503  1.00 32.38 ? 91  LYS A CB   1 
ATOM   849  C CG   . LYS A 1 90  ? 0.891   -11.477 13.693  1.00 37.16 ? 91  LYS A CG   1 
ATOM   850  C CD   . LYS A 1 90  ? 0.100   -12.181 12.578  1.00 42.88 ? 91  LYS A CD   1 
ATOM   851  C CE   . LYS A 1 90  ? -0.257  -13.611 12.917  1.00 45.67 ? 91  LYS A CE   1 
ATOM   852  N NZ   . LYS A 1 90  ? -1.351  -13.524 13.872  1.00 52.45 ? 91  LYS A NZ   1 
ATOM   853  H H    . LYS A 1 90  ? 3.165   -9.591  11.808  1.00 0.00  ? 91  LYS A H    1 
ATOM   854  H HZ1  . LYS A 1 90  ? -2.114  -12.951 13.452  1.00 0.00  ? 91  LYS A HZ1  1 
ATOM   855  H HZ2  . LYS A 1 90  ? -1.691  -14.469 14.123  1.00 0.00  ? 91  LYS A HZ2  1 
ATOM   856  H HZ3  . LYS A 1 90  ? -1.018  -13.008 14.713  1.00 0.00  ? 91  LYS A HZ3  1 
ATOM   857  N N    . HIS A 1 91  ? 0.057   -7.252  12.419  1.00 23.37 ? 92  HIS A N    1 
ATOM   858  C CA   . HIS A 1 91  ? -0.055  -5.821  12.356  1.00 23.41 ? 92  HIS A CA   1 
ATOM   859  C C    . HIS A 1 91  ? 0.306   -5.290  13.737  1.00 26.24 ? 92  HIS A C    1 
ATOM   860  O O    . HIS A 1 91  ? -0.523  -5.007  14.596  1.00 27.06 ? 92  HIS A O    1 
ATOM   861  C CB   . HIS A 1 91  ? -1.488  -5.464  11.974  1.00 20.26 ? 92  HIS A CB   1 
ATOM   862  C CG   . HIS A 1 91  ? -2.022  -6.070  10.675  1.00 20.98 ? 92  HIS A CG   1 
ATOM   863  N ND1  . HIS A 1 91  ? -2.292  -7.354  10.502  1.00 18.96 ? 92  HIS A ND1  1 
ATOM   864  C CD2  . HIS A 1 91  ? -2.256  -5.438  9.477   1.00 21.28 ? 92  HIS A CD2  1 
ATOM   865  C CE1  . HIS A 1 91  ? -2.659  -7.546  9.263   1.00 21.30 ? 92  HIS A CE1  1 
ATOM   866  N NE2  . HIS A 1 91  ? -2.616  -6.386  8.646   1.00 20.61 ? 92  HIS A NE2  1 
ATOM   867  H H    . HIS A 1 91  ? -0.632  -7.746  12.910  1.00 0.00  ? 92  HIS A H    1 
ATOM   868  H HD1  . HIS A 1 91  ? -2.300  -8.066  11.164  1.00 0.00  ? 92  HIS A HD1  1 
ATOM   869  H HE2  . HIS A 1 91  ? -2.616  -6.283  7.670   1.00 0.00  ? 92  HIS A HE2  1 
ATOM   870  N N    . THR A 1 92  ? 1.604   -5.158  13.961  1.00 29.07 ? 93  THR A N    1 
ATOM   871  C CA   . THR A 1 92  ? 2.142   -4.747  15.236  1.00 29.91 ? 93  THR A CA   1 
ATOM   872  C C    . THR A 1 92  ? 2.199   -3.279  15.576  1.00 31.08 ? 93  THR A C    1 
ATOM   873  O O    . THR A 1 92  ? 2.465   -2.916  16.728  1.00 31.95 ? 93  THR A O    1 
ATOM   874  C CB   . THR A 1 92  ? 3.518   -5.320  15.317  1.00 30.99 ? 93  THR A CB   1 
ATOM   875  O OG1  . THR A 1 92  ? 4.188   -4.837  14.169  1.00 34.44 ? 93  THR A OG1  1 
ATOM   876  C CG2  . THR A 1 92  ? 3.531   -6.849  15.313  1.00 30.39 ? 93  THR A CG2  1 
ATOM   877  H H    . THR A 1 92  ? 2.239   -5.325  13.238  1.00 0.00  ? 93  THR A H    1 
ATOM   878  H HG1  . THR A 1 92  ? 4.568   -5.582  13.688  1.00 0.00  ? 93  THR A HG1  1 
ATOM   879  N N    . GLY A 1 93  ? 1.958   -2.383  14.629  1.00 30.38 ? 94  GLY A N    1 
ATOM   880  C CA   . GLY A 1 93  ? 2.102   -0.967  14.907  1.00 28.67 ? 94  GLY A CA   1 
ATOM   881  C C    . GLY A 1 93  ? 2.133   -0.169  13.608  1.00 29.11 ? 94  GLY A C    1 
ATOM   882  O O    . GLY A 1 93  ? 1.914   -0.733  12.526  1.00 28.60 ? 94  GLY A O    1 
ATOM   883  H H    . GLY A 1 93  ? 1.743   -2.654  13.714  1.00 0.00  ? 94  GLY A H    1 
ATOM   884  N N    . PRO A 1 94  ? 2.262   1.157   13.678  1.00 27.92 ? 95  PRO A N    1 
ATOM   885  C CA   . PRO A 1 94  ? 2.329   2.060   12.551  1.00 26.61 ? 95  PRO A CA   1 
ATOM   886  C C    . PRO A 1 94  ? 3.408   1.669   11.564  1.00 25.80 ? 95  PRO A C    1 
ATOM   887  O O    . PRO A 1 94  ? 4.413   1.066   11.935  1.00 25.33 ? 95  PRO A O    1 
ATOM   888  C CB   . PRO A 1 94  ? 2.569   3.410   13.162  1.00 29.50 ? 95  PRO A CB   1 
ATOM   889  C CG   . PRO A 1 94  ? 1.891   3.274   14.487  1.00 31.22 ? 95  PRO A CG   1 
ATOM   890  C CD   . PRO A 1 94  ? 2.354   1.898   14.924  1.00 29.60 ? 95  PRO A CD   1 
ATOM   891  N N    . GLY A 1 95  ? 3.221   1.988   10.295  1.00 22.76 ? 96  GLY A N    1 
ATOM   892  C CA   . GLY A 1 95  ? 4.226   1.652   9.325   1.00 21.40 ? 96  GLY A CA   1 
ATOM   893  C C    . GLY A 1 95  ? 4.082   0.298   8.702   1.00 23.10 ? 96  GLY A C    1 
ATOM   894  O O    . GLY A 1 95  ? 4.810   0.000   7.765   1.00 23.72 ? 96  GLY A O    1 
ATOM   895  H H    . GLY A 1 95  ? 2.487   2.560   10.027  1.00 0.00  ? 96  GLY A H    1 
ATOM   896  N N    . ILE A 1 96  ? 3.202   -0.568  9.179   1.00 21.72 ? 97  ILE A N    1 
ATOM   897  C CA   . ILE A 1 96  ? 3.011   -1.877  8.573   1.00 19.42 ? 97  ILE A CA   1 
ATOM   898  C C    . ILE A 1 96  ? 2.312   -1.722  7.220   1.00 17.33 ? 97  ILE A C    1 
ATOM   899  O O    . ILE A 1 96  ? 1.398   -0.914  7.029   1.00 17.25 ? 97  ILE A O    1 
ATOM   900  C CB   . ILE A 1 96  ? 2.197   -2.749  9.582   1.00 21.14 ? 97  ILE A CB   1 
ATOM   901  C CG1  . ILE A 1 96  ? 3.111   -3.172  10.711  1.00 19.87 ? 97  ILE A CG1  1 
ATOM   902  C CG2  . ILE A 1 96  ? 1.627   -3.988  8.927   1.00 19.71 ? 97  ILE A CG2  1 
ATOM   903  C CD1  . ILE A 1 96  ? 4.269   -4.041  10.224  1.00 22.61 ? 97  ILE A CD1  1 
ATOM   904  H H    . ILE A 1 96  ? 2.696   -0.336  9.983   1.00 0.00  ? 97  ILE A H    1 
ATOM   905  N N    . LEU A 1 97  ? 2.798   -2.525  6.293   1.00 17.57 ? 98  LEU A N    1 
ATOM   906  C CA   . LEU A 1 97  ? 2.281   -2.537  4.962   1.00 18.11 ? 98  LEU A CA   1 
ATOM   907  C C    . LEU A 1 97  ? 1.618   -3.867  4.782   1.00 16.87 ? 98  LEU A C    1 
ATOM   908  O O    . LEU A 1 97  ? 2.249   -4.923  4.779   1.00 17.70 ? 98  LEU A O    1 
ATOM   909  C CB   . LEU A 1 97  ? 3.438   -2.370  3.978   1.00 19.13 ? 98  LEU A CB   1 
ATOM   910  C CG   . LEU A 1 97  ? 3.192   -2.114  2.508   1.00 17.66 ? 98  LEU A CG   1 
ATOM   911  C CD1  . LEU A 1 97  ? 2.468   -0.780  2.340   1.00 17.25 ? 98  LEU A CD1  1 
ATOM   912  C CD2  . LEU A 1 97  ? 4.536   -2.197  1.777   1.00 19.42 ? 98  LEU A CD2  1 
ATOM   913  H H    . LEU A 1 97  ? 3.525   -3.148  6.513   1.00 0.00  ? 98  LEU A H    1 
ATOM   914  N N    . SER A 1 98  ? 0.345   -3.807  4.489   1.00 19.98 ? 99  SER A N    1 
ATOM   915  C CA   . SER A 1 98  ? -0.447  -4.998  4.426   1.00 19.09 ? 99  SER A CA   1 
ATOM   916  C C    . SER A 1 98  ? -1.340  -4.995  3.196   1.00 19.56 ? 99  SER A C    1 
ATOM   917  O O    . SER A 1 98  ? -1.698  -3.928  2.737   1.00 18.16 ? 99  SER A O    1 
ATOM   918  C CB   . SER A 1 98  ? -1.220  -4.993  5.700   1.00 19.16 ? 99  SER A CB   1 
ATOM   919  O OG   . SER A 1 98  ? -1.926  -6.196  5.890   1.00 21.48 ? 99  SER A OG   1 
ATOM   920  H H    . SER A 1 98  ? -0.085  -2.943  4.293   1.00 0.00  ? 99  SER A H    1 
ATOM   921  H HG   . SER A 1 98  ? -2.255  -6.476  5.023   1.00 0.00  ? 99  SER A HG   1 
ATOM   922  N N    . MET A 1 99  ? -1.782  -6.124  2.647   1.00 20.54 ? 100 MET A N    1 
ATOM   923  C CA   . MET A 1 99  ? -2.677  -6.169  1.500   1.00 19.22 ? 100 MET A CA   1 
ATOM   924  C C    . MET A 1 99  ? -4.129  -5.987  1.843   1.00 21.25 ? 100 MET A C    1 
ATOM   925  O O    . MET A 1 99  ? -4.631  -6.597  2.803   1.00 24.34 ? 100 MET A O    1 
ATOM   926  C CB   . MET A 1 99  ? -2.570  -7.486  0.779   1.00 20.51 ? 100 MET A CB   1 
ATOM   927  C CG   . MET A 1 99  ? -1.297  -7.776  -0.003  1.00 21.53 ? 100 MET A CG   1 
ATOM   928  S SD   . MET A 1 99  ? -0.974  -6.627  -1.366  1.00 23.44 ? 100 MET A SD   1 
ATOM   929  C CE   . MET A 1 99  ? -2.263  -7.053  -2.500  1.00 19.26 ? 100 MET A CE   1 
ATOM   930  H H    . MET A 1 99  ? -1.449  -6.980  2.983   1.00 0.00  ? 100 MET A H    1 
ATOM   931  N N    . ALA A 1 100 ? -4.848  -5.149  1.111   1.00 21.03 ? 101 ALA A N    1 
ATOM   932  C CA   . ALA A 1 100 ? -6.275  -4.990  1.316   1.00 21.37 ? 101 ALA A CA   1 
ATOM   933  C C    . ALA A 1 100 ? -6.892  -6.051  0.399   1.00 24.40 ? 101 ALA A C    1 
ATOM   934  O O    . ALA A 1 100 ? -6.258  -6.520  -0.561  1.00 23.68 ? 101 ALA A O    1 
ATOM   935  C CB   . ALA A 1 100 ? -6.718  -3.618  0.877   1.00 21.24 ? 101 ALA A CB   1 
ATOM   936  H H    . ALA A 1 100 ? -4.436  -4.754  0.311   1.00 0.00  ? 101 ALA A H    1 
ATOM   937  N N    . ASN A 1 101 ? -8.133  -6.468  0.616   1.00 24.26 ? 102 ASN A N    1 
ATOM   938  C CA   . ASN A 1 101 ? -8.696  -7.587  -0.148  1.00 23.54 ? 102 ASN A CA   1 
ATOM   939  C C    . ASN A 1 101 ? -10.177 -7.560  0.026   1.00 23.64 ? 102 ASN A C    1 
ATOM   940  O O    . ASN A 1 101 ? -10.706 -6.676  0.724   1.00 23.69 ? 102 ASN A O    1 
ATOM   941  C CB   . ASN A 1 101 ? -8.156  -8.980  0.328   1.00 23.07 ? 102 ASN A CB   1 
ATOM   942  C CG   . ASN A 1 101 ? -8.406  -9.387  1.795   1.00 22.16 ? 102 ASN A CG   1 
ATOM   943  O OD1  . ASN A 1 101 ? -9.517  -9.268  2.315   1.00 23.16 ? 102 ASN A OD1  1 
ATOM   944  N ND2  . ASN A 1 101 ? -7.434  -9.861  2.568   1.00 22.38 ? 102 ASN A ND2  1 
ATOM   945  H H    . ASN A 1 101 ? -8.709  -5.991  1.248   1.00 0.00  ? 102 ASN A H    1 
ATOM   946  H HD21 . ASN A 1 101 ? -7.656  -10.239 3.449   1.00 0.00  ? 102 ASN A HD21 1 
ATOM   947  H HD22 . ASN A 1 101 ? -6.518  -9.932  2.203   1.00 0.00  ? 102 ASN A HD22 1 
ATOM   948  N N    . ALA A 1 102 ? -10.855 -8.499  -0.594  1.00 27.32 ? 103 ALA A N    1 
ATOM   949  C CA   . ALA A 1 102 ? -12.297 -8.543  -0.470  1.00 30.41 ? 103 ALA A CA   1 
ATOM   950  C C    . ALA A 1 102 ? -12.733 -9.914  0.038   1.00 32.74 ? 103 ALA A C    1 
ATOM   951  O O    . ALA A 1 102 ? -13.818 -10.397 -0.291  1.00 36.34 ? 103 ALA A O    1 
ATOM   952  C CB   . ALA A 1 102 ? -12.923 -8.300  -1.817  1.00 29.92 ? 103 ALA A CB   1 
ATOM   953  H H    . ALA A 1 102 ? -10.423 -9.211  -1.108  1.00 0.00  ? 103 ALA A H    1 
ATOM   954  N N    . GLY A 1 103 ? -11.953 -10.597 0.862   1.00 30.69 ? 104 GLY A N    1 
ATOM   955  C CA   . GLY A 1 103 ? -12.379 -11.892 1.295   1.00 28.52 ? 104 GLY A CA   1 
ATOM   956  C C    . GLY A 1 103 ? -11.210 -12.803 1.148   1.00 30.22 ? 104 GLY A C    1 
ATOM   957  O O    . GLY A 1 103 ? -10.119 -12.331 0.808   1.00 32.60 ? 104 GLY A O    1 
ATOM   958  H H    . GLY A 1 103 ? -11.039 -10.310 1.066   1.00 0.00  ? 104 GLY A H    1 
ATOM   959  N N    . PRO A 1 104 ? -11.353 -14.086 1.450   1.00 29.23 ? 105 PRO A N    1 
ATOM   960  C CA   . PRO A 1 104 ? -10.256 -15.028 1.414   1.00 29.40 ? 105 PRO A CA   1 
ATOM   961  C C    . PRO A 1 104 ? -9.690  -15.117 0.007   1.00 28.91 ? 105 PRO A C    1 
ATOM   962  O O    . PRO A 1 104 ? -10.450 -15.276 -0.955  1.00 30.78 ? 105 PRO A O    1 
ATOM   963  C CB   . PRO A 1 104 ? -10.852 -16.342 1.893   1.00 28.20 ? 105 PRO A CB   1 
ATOM   964  C CG   . PRO A 1 104 ? -12.038 -15.912 2.699   1.00 29.79 ? 105 PRO A CG   1 
ATOM   965  C CD   . PRO A 1 104 ? -12.579 -14.751 1.863   1.00 29.39 ? 105 PRO A CD   1 
ATOM   966  N N    . ASN A 1 105 ? -8.368  -15.011 -0.099  1.00 27.32 ? 106 ASN A N    1 
ATOM   967  C CA   . ASN A 1 105 ? -7.634  -15.228 -1.329  1.00 26.92 ? 106 ASN A CA   1 
ATOM   968  C C    . ASN A 1 105 ? -8.010  -14.343 -2.516  1.00 25.58 ? 106 ASN A C    1 
ATOM   969  O O    . ASN A 1 105 ? -8.034  -14.817 -3.651  1.00 26.00 ? 106 ASN A O    1 
ATOM   970  C CB   . ASN A 1 105 ? -7.770  -16.720 -1.694  1.00 27.30 ? 106 ASN A CB   1 
ATOM   971  C CG   . ASN A 1 105 ? -7.275  -17.655 -0.605  1.00 28.46 ? 106 ASN A CG   1 
ATOM   972  O OD1  . ASN A 1 105 ? -6.085  -17.753 -0.288  1.00 26.47 ? 106 ASN A OD1  1 
ATOM   973  N ND2  . ASN A 1 105 ? -8.188  -18.391 0.001   1.00 28.77 ? 106 ASN A ND2  1 
ATOM   974  H H    . ASN A 1 105 ? -7.847  -14.760 0.695   1.00 0.00  ? 106 ASN A H    1 
ATOM   975  H HD21 . ASN A 1 105 ? -7.897  -18.929 0.764   1.00 0.00  ? 106 ASN A HD21 1 
ATOM   976  H HD22 . ASN A 1 105 ? -9.125  -18.355 -0.314  1.00 0.00  ? 106 ASN A HD22 1 
ATOM   977  N N    . THR A 1 106 ? -8.292  -13.060 -2.283  1.00 24.39 ? 107 THR A N    1 
ATOM   978  C CA   . THR A 1 106 ? -8.618  -12.123 -3.330  1.00 25.87 ? 107 THR A CA   1 
ATOM   979  C C    . THR A 1 106 ? -7.591  -10.983 -3.392  1.00 26.56 ? 107 THR A C    1 
ATOM   980  O O    . THR A 1 106 ? -7.961  -9.812  -3.494  1.00 27.02 ? 107 THR A O    1 
ATOM   981  C CB   . THR A 1 106 ? -10.021 -11.562 -3.080  1.00 24.57 ? 107 THR A CB   1 
ATOM   982  O OG1  . THR A 1 106 ? -9.991  -10.929 -1.808  1.00 24.02 ? 107 THR A OG1  1 
ATOM   983  C CG2  . THR A 1 106 ? -11.085 -12.611 -3.171  1.00 25.09 ? 107 THR A CG2  1 
ATOM   984  H H    . THR A 1 106 ? -8.304  -12.739 -1.356  1.00 0.00  ? 107 THR A H    1 
ATOM   985  H HG1  . THR A 1 106 ? -9.201  -10.378 -1.825  1.00 0.00  ? 107 THR A HG1  1 
ATOM   986  N N    . ASN A 1 107 ? -6.301  -11.233 -3.269  1.00 27.37 ? 108 ASN A N    1 
ATOM   987  C CA   . ASN A 1 107 ? -5.348  -10.121 -3.294  1.00 25.69 ? 108 ASN A CA   1 
ATOM   988  C C    . ASN A 1 107 ? -5.202  -9.609  -4.728  1.00 26.93 ? 108 ASN A C    1 
ATOM   989  O O    . ASN A 1 107 ? -5.219  -10.441 -5.633  1.00 28.32 ? 108 ASN A O    1 
ATOM   990  C CB   . ASN A 1 107 ? -3.994  -10.574 -2.779  1.00 22.44 ? 108 ASN A CB   1 
ATOM   991  C CG   . ASN A 1 107 ? -4.071  -11.003 -1.326  1.00 23.76 ? 108 ASN A CG   1 
ATOM   992  O OD1  . ASN A 1 107 ? -4.192  -10.157 -0.428  1.00 21.24 ? 108 ASN A OD1  1 
ATOM   993  N ND2  . ASN A 1 107 ? -4.031  -12.312 -1.065  1.00 21.61 ? 108 ASN A ND2  1 
ATOM   994  H H    . ASN A 1 107 ? -6.009  -12.171 -3.272  1.00 0.00  ? 108 ASN A H    1 
ATOM   995  H HD21 . ASN A 1 107 ? -4.056  -12.610 -0.128  1.00 0.00  ? 108 ASN A HD21 1 
ATOM   996  H HD22 . ASN A 1 107 ? -3.952  -12.969 -1.795  1.00 0.00  ? 108 ASN A HD22 1 
ATOM   997  N N    . GLY A 1 108 ? -5.097  -8.302  -4.985  1.00 25.64 ? 109 GLY A N    1 
ATOM   998  C CA   . GLY A 1 108 ? -4.905  -7.749  -6.304  1.00 22.12 ? 109 GLY A CA   1 
ATOM   999  C C    . GLY A 1 108 ? -3.739  -6.796  -6.185  1.00 19.12 ? 109 GLY A C    1 
ATOM   1000 O O    . GLY A 1 108 ? -2.609  -7.236  -6.078  1.00 17.10 ? 109 GLY A O    1 
ATOM   1001 H H    . GLY A 1 108 ? -5.198  -7.677  -4.239  1.00 0.00  ? 109 GLY A H    1 
ATOM   1002 N N    . SER A 1 109 ? -3.987  -5.493  -6.132  1.00 18.53 ? 110 SER A N    1 
ATOM   1003 C CA   . SER A 1 109 ? -2.922  -4.485  -6.056  1.00 19.28 ? 110 SER A CA   1 
ATOM   1004 C C    . SER A 1 109 ? -3.157  -3.475  -4.956  1.00 16.78 ? 110 SER A C    1 
ATOM   1005 O O    . SER A 1 109 ? -2.270  -2.716  -4.612  1.00 16.91 ? 110 SER A O    1 
ATOM   1006 C CB   . SER A 1 109 ? -2.807  -3.752  -7.407  1.00 17.57 ? 110 SER A CB   1 
ATOM   1007 O OG   . SER A 1 109 ? -4.044  -3.199  -7.841  1.00 21.00 ? 110 SER A OG   1 
ATOM   1008 H H    . SER A 1 109 ? -4.919  -5.210  -6.166  1.00 0.00  ? 110 SER A H    1 
ATOM   1009 H HG   . SER A 1 109 ? -4.762  -3.466  -7.260  1.00 0.00  ? 110 SER A HG   1 
ATOM   1010 N N    . GLN A 1 110 ? -4.342  -3.434  -4.360  1.00 18.45 ? 111 GLN A N    1 
ATOM   1011 C CA   . GLN A 1 110 ? -4.600  -2.517  -3.271  1.00 20.06 ? 111 GLN A CA   1 
ATOM   1012 C C    . GLN A 1 110 ? -3.853  -2.926  -1.989  1.00 22.75 ? 111 GLN A C    1 
ATOM   1013 O O    . GLN A 1 110 ? -3.761  -4.129  -1.649  1.00 24.18 ? 111 GLN A O    1 
ATOM   1014 C CB   . GLN A 1 110 ? -6.096  -2.463  -3.026  1.00 18.21 ? 111 GLN A CB   1 
ATOM   1015 C CG   . GLN A 1 110 ? -6.825  -1.952  -4.254  1.00 16.09 ? 111 GLN A CG   1 
ATOM   1016 C CD   . GLN A 1 110 ? -8.297  -1.748  -3.961  1.00 19.33 ? 111 GLN A CD   1 
ATOM   1017 O OE1  . GLN A 1 110 ? -8.699  -1.164  -2.944  1.00 20.71 ? 111 GLN A OE1  1 
ATOM   1018 N NE2  . GLN A 1 110 ? -9.172  -2.187  -4.845  1.00 18.05 ? 111 GLN A NE2  1 
ATOM   1019 H H    . GLN A 1 110 ? -5.010  -4.118  -4.558  1.00 0.00  ? 111 GLN A H    1 
ATOM   1020 H HE21 . GLN A 1 110 ? -10.126 -2.138  -4.629  1.00 0.00  ? 111 GLN A HE21 1 
ATOM   1021 H HE22 . GLN A 1 110 ? -8.841  -2.550  -5.691  1.00 0.00  ? 111 GLN A HE22 1 
ATOM   1022 N N    . PHE A 1 111 ? -3.343  -1.932  -1.260  1.00 19.97 ? 112 PHE A N    1 
ATOM   1023 C CA   . PHE A 1 111 ? -2.534  -2.148  -0.066  1.00 18.27 ? 112 PHE A CA   1 
ATOM   1024 C C    . PHE A 1 111 ? -2.976  -1.070  0.912   1.00 19.12 ? 112 PHE A C    1 
ATOM   1025 O O    . PHE A 1 111 ? -3.729  -0.165  0.511   1.00 17.84 ? 112 PHE A O    1 
ATOM   1026 C CB   . PHE A 1 111 ? -1.010  -1.984  -0.368  1.00 18.56 ? 112 PHE A CB   1 
ATOM   1027 C CG   . PHE A 1 111 ? -0.593  -0.623  -0.975  1.00 20.49 ? 112 PHE A CG   1 
ATOM   1028 C CD1  . PHE A 1 111 ? -0.731  -0.380  -2.353  1.00 20.90 ? 112 PHE A CD1  1 
ATOM   1029 C CD2  . PHE A 1 111 ? -0.199  0.444   -0.144  1.00 20.58 ? 112 PHE A CD2  1 
ATOM   1030 C CE1  . PHE A 1 111 ? -0.621  0.924   -2.848  1.00 19.14 ? 112 PHE A CE1  1 
ATOM   1031 C CE2  . PHE A 1 111 ? -0.123  1.737   -0.649  1.00 20.58 ? 112 PHE A CE2  1 
ATOM   1032 C CZ   . PHE A 1 111 ? -0.362  1.985   -1.997  1.00 20.80 ? 112 PHE A CZ   1 
ATOM   1033 H H    . PHE A 1 111 ? -3.579  -1.008  -1.488  1.00 0.00  ? 112 PHE A H    1 
ATOM   1034 N N    . PHE A 1 112 ? -2.560  -1.129  2.183   1.00 17.73 ? 113 PHE A N    1 
ATOM   1035 C CA   . PHE A 1 112 ? -2.788  -0.014  3.085   1.00 19.07 ? 113 PHE A CA   1 
ATOM   1036 C C    . PHE A 1 112 ? -1.597  0.060   4.041   1.00 18.86 ? 113 PHE A C    1 
ATOM   1037 O O    . PHE A 1 112 ? -0.876  -0.912  4.262   1.00 17.65 ? 113 PHE A O    1 
ATOM   1038 C CB   . PHE A 1 112 ? -4.119  -0.175  3.869   1.00 18.82 ? 113 PHE A CB   1 
ATOM   1039 C CG   . PHE A 1 112 ? -4.319  -1.474  4.652   1.00 20.01 ? 113 PHE A CG   1 
ATOM   1040 C CD1  . PHE A 1 112 ? -4.673  -2.637  3.989   1.00 17.26 ? 113 PHE A CD1  1 
ATOM   1041 C CD2  . PHE A 1 112 ? -4.088  -1.492  6.027   1.00 20.11 ? 113 PHE A CD2  1 
ATOM   1042 C CE1  . PHE A 1 112 ? -4.714  -3.832  4.666   1.00 18.57 ? 113 PHE A CE1  1 
ATOM   1043 C CE2  . PHE A 1 112 ? -4.137  -2.686  6.717   1.00 20.62 ? 113 PHE A CE2  1 
ATOM   1044 C CZ   . PHE A 1 112 ? -4.437  -3.859  6.024   1.00 22.05 ? 113 PHE A CZ   1 
ATOM   1045 H H    . PHE A 1 112 ? -2.069  -1.911  2.521   1.00 0.00  ? 113 PHE A H    1 
ATOM   1046 N N    . ILE A 1 113 ? -1.327  1.247   4.555   1.00 21.15 ? 114 ILE A N    1 
ATOM   1047 C CA   . ILE A 1 113 ? -0.232  1.513   5.484   1.00 24.11 ? 114 ILE A CA   1 
ATOM   1048 C C    . ILE A 1 113 ? -0.892  1.748   6.839   1.00 24.07 ? 114 ILE A C    1 
ATOM   1049 O O    . ILE A 1 113 ? -1.730  2.659   6.958   1.00 22.67 ? 114 ILE A O    1 
ATOM   1050 C CB   . ILE A 1 113 ? 0.574   2.803   5.063   1.00 23.43 ? 114 ILE A CB   1 
ATOM   1051 C CG1  . ILE A 1 113 ? 1.149   2.643   3.650   1.00 24.15 ? 114 ILE A CG1  1 
ATOM   1052 C CG2  . ILE A 1 113 ? 1.720   3.033   6.042   1.00 22.37 ? 114 ILE A CG2  1 
ATOM   1053 C CD1  . ILE A 1 113 ? 1.680   3.940   2.996   1.00 22.67 ? 114 ILE A CD1  1 
ATOM   1054 H H    . ILE A 1 113 ? -1.920  1.988   4.313   1.00 0.00  ? 114 ILE A H    1 
ATOM   1055 N N    . CYS A 1 114 ? -0.540  0.982   7.872   1.00 23.86 ? 115 CYS A N    1 
ATOM   1056 C CA   . CYS A 1 114 ? -1.127  1.242   9.176   1.00 24.67 ? 115 CYS A CA   1 
ATOM   1057 C C    . CYS A 1 114 ? -0.509  2.427   9.869   1.00 26.36 ? 115 CYS A C    1 
ATOM   1058 O O    . CYS A 1 114 ? 0.704   2.605   9.831   1.00 26.69 ? 115 CYS A O    1 
ATOM   1059 C CB   . CYS A 1 114 ? -0.962  0.108   10.124  1.00 21.68 ? 115 CYS A CB   1 
ATOM   1060 S SG   . CYS A 1 114 ? -1.749  -1.346  9.448   1.00 25.10 ? 115 CYS A SG   1 
ATOM   1061 H H    . CYS A 1 114 ? 0.104   0.256   7.748   1.00 0.00  ? 115 CYS A H    1 
ATOM   1062 N N    . THR A 1 115 ? -1.325  3.288   10.467  1.00 28.13 ? 116 THR A N    1 
ATOM   1063 C CA   . THR A 1 115 ? -0.823  4.338   11.311  1.00 29.63 ? 116 THR A CA   1 
ATOM   1064 C C    . THR A 1 115 ? -1.165  4.025   12.769  1.00 30.43 ? 116 THR A C    1 
ATOM   1065 O O    . THR A 1 115 ? -1.066  4.900   13.622  1.00 29.86 ? 116 THR A O    1 
ATOM   1066 C CB   . THR A 1 115 ? -1.429  5.674   10.855  1.00 30.99 ? 116 THR A CB   1 
ATOM   1067 O OG1  . THR A 1 115 ? -2.850  5.517   10.807  1.00 30.87 ? 116 THR A OG1  1 
ATOM   1068 C CG2  . THR A 1 115 ? -0.826  6.113   9.502   1.00 27.19 ? 116 THR A CG2  1 
ATOM   1069 H H    . THR A 1 115 ? -2.294  3.281   10.308  1.00 0.00  ? 116 THR A H    1 
ATOM   1070 H HG1  . THR A 1 115 ? -3.131  6.424   10.611  1.00 0.00  ? 116 THR A HG1  1 
ATOM   1071 N N    . ALA A 1 116 ? -1.520  2.763   13.104  1.00 29.90 ? 117 ALA A N    1 
ATOM   1072 C CA   . ALA A 1 116 ? -1.862  2.288   14.450  1.00 28.69 ? 117 ALA A CA   1 
ATOM   1073 C C    . ALA A 1 116 ? -1.647  0.797   14.432  1.00 27.50 ? 117 ALA A C    1 
ATOM   1074 O O    . ALA A 1 116 ? -1.477  0.193   13.372  1.00 25.95 ? 117 ALA A O    1 
ATOM   1075 C CB   . ALA A 1 116 ? -3.331  2.462   14.828  1.00 26.78 ? 117 ALA A CB   1 
ATOM   1076 H H    . ALA A 1 116 ? -1.644  2.112   12.381  1.00 0.00  ? 117 ALA A H    1 
ATOM   1077 N N    . LYS A 1 117 ? -1.549  0.184   15.599  1.00 29.07 ? 118 LYS A N    1 
ATOM   1078 C CA   . LYS A 1 117 ? -1.466  -1.264  15.699  1.00 27.82 ? 118 LYS A CA   1 
ATOM   1079 C C    . LYS A 1 117 ? -2.877  -1.707  15.348  1.00 26.05 ? 118 LYS A C    1 
ATOM   1080 O O    . LYS A 1 117 ? -3.813  -1.216  15.966  1.00 24.14 ? 118 LYS A O    1 
ATOM   1081 C CB   . LYS A 1 117 ? -1.118  -1.658  17.136  1.00 32.44 ? 118 LYS A CB   1 
ATOM   1082 C CG   . LYS A 1 117 ? -1.097  -3.164  17.447  1.00 38.03 ? 118 LYS A CG   1 
ATOM   1083 C CD   . LYS A 1 117 ? -0.785  -3.494  18.906  1.00 42.18 ? 118 LYS A CD   1 
ATOM   1084 C CE   . LYS A 1 117 ? -1.922  -4.233  19.610  1.00 47.90 ? 118 LYS A CE   1 
ATOM   1085 N NZ   . LYS A 1 117 ? -3.143  -3.431  19.710  1.00 52.92 ? 118 LYS A NZ   1 
ATOM   1086 H H    . LYS A 1 117 ? -1.632  0.711   16.416  1.00 0.00  ? 118 LYS A H    1 
ATOM   1087 H HZ1  . LYS A 1 117 ? -3.066  -2.549  20.240  1.00 0.00  ? 118 LYS A HZ1  1 
ATOM   1088 H HZ2  . LYS A 1 117 ? -3.479  -3.216  18.741  1.00 0.00  ? 118 LYS A HZ2  1 
ATOM   1089 H HZ3  . LYS A 1 117 ? -3.943  -4.010  20.051  1.00 0.00  ? 118 LYS A HZ3  1 
ATOM   1090 N N    . THR A 1 118 ? -3.119  -2.593  14.411  1.00 25.08 ? 119 THR A N    1 
ATOM   1091 C CA   . THR A 1 118 ? -4.480  -2.950  14.085  1.00 24.24 ? 119 THR A CA   1 
ATOM   1092 C C    . THR A 1 118 ? -4.536  -4.467  14.175  1.00 24.61 ? 119 THR A C    1 
ATOM   1093 O O    . THR A 1 118 ? -4.733  -5.182  13.178  1.00 22.71 ? 119 THR A O    1 
ATOM   1094 C CB   . THR A 1 118 ? -4.782  -2.408  12.658  1.00 24.40 ? 119 THR A CB   1 
ATOM   1095 O OG1  . THR A 1 118 ? -3.859  -3.019  11.761  1.00 23.61 ? 119 THR A OG1  1 
ATOM   1096 C CG2  . THR A 1 118 ? -4.640  -0.900  12.557  1.00 24.01 ? 119 THR A CG2  1 
ATOM   1097 H H    . THR A 1 118 ? -2.378  -2.995  13.906  1.00 0.00  ? 119 THR A H    1 
ATOM   1098 H HG1  . THR A 1 118 ? -4.204  -3.907  11.632  1.00 0.00  ? 119 THR A HG1  1 
ATOM   1099 N N    . GLU A 1 119 ? -4.362  -4.963  15.395  1.00 23.56 ? 120 GLU A N    1 
ATOM   1100 C CA   . GLU A 1 119 ? -4.309  -6.381  15.645  1.00 24.64 ? 120 GLU A CA   1 
ATOM   1101 C C    . GLU A 1 119 ? -5.596  -7.087  15.202  1.00 23.61 ? 120 GLU A C    1 
ATOM   1102 O O    . GLU A 1 119 ? -5.560  -8.233  14.779  1.00 22.83 ? 120 GLU A O    1 
ATOM   1103 C CB   . GLU A 1 119 ? -4.010  -6.594  17.148  1.00 29.18 ? 120 GLU A CB   1 
ATOM   1104 C CG   . GLU A 1 119 ? -5.062  -6.421  18.252  1.00 34.32 ? 120 GLU A CG   1 
ATOM   1105 C CD   . GLU A 1 119 ? -5.622  -5.034  18.439  1.00 39.01 ? 120 GLU A CD   1 
ATOM   1106 O OE1  . GLU A 1 119 ? -4.960  -4.064  18.095  1.00 40.29 ? 120 GLU A OE1  1 
ATOM   1107 O OE2  . GLU A 1 119 ? -6.730  -4.885  18.950  1.00 43.45 ? 120 GLU A OE2  1 
ATOM   1108 H H    . GLU A 1 119 ? -4.346  -4.347  16.156  1.00 0.00  ? 120 GLU A H    1 
ATOM   1109 N N    . TRP A 1 120 ? -6.781  -6.484  15.165  1.00 22.62 ? 121 TRP A N    1 
ATOM   1110 C CA   . TRP A 1 120 ? -7.962  -7.157  14.639  1.00 21.10 ? 121 TRP A CA   1 
ATOM   1111 C C    . TRP A 1 120 ? -7.870  -7.596  13.174  1.00 23.90 ? 121 TRP A C    1 
ATOM   1112 O O    . TRP A 1 120 ? -8.762  -8.307  12.685  1.00 26.65 ? 121 TRP A O    1 
ATOM   1113 C CB   . TRP A 1 120 ? -9.153  -6.245  14.804  1.00 21.57 ? 121 TRP A CB   1 
ATOM   1114 C CG   . TRP A 1 120 ? -9.080  -4.895  14.099  1.00 23.07 ? 121 TRP A CG   1 
ATOM   1115 C CD1  . TRP A 1 120 ? -9.534  -4.723  12.808  1.00 22.36 ? 121 TRP A CD1  1 
ATOM   1116 C CD2  . TRP A 1 120 ? -8.575  -3.732  14.629  1.00 24.23 ? 121 TRP A CD2  1 
ATOM   1117 N NE1  . TRP A 1 120 ? -9.317  -3.460  12.520  1.00 22.20 ? 121 TRP A NE1  1 
ATOM   1118 C CE2  . TRP A 1 120 ? -8.745  -2.836  13.561  1.00 24.20 ? 121 TRP A CE2  1 
ATOM   1119 C CE3  . TRP A 1 120 ? -8.000  -3.310  15.824  1.00 25.39 ? 121 TRP A CE3  1 
ATOM   1120 C CZ2  . TRP A 1 120 ? -8.358  -1.496  13.678  1.00 26.77 ? 121 TRP A CZ2  1 
ATOM   1121 C CZ3  . TRP A 1 120 ? -7.591  -1.979  15.926  1.00 25.09 ? 121 TRP A CZ3  1 
ATOM   1122 C CH2  . TRP A 1 120 ? -7.776  -1.079  14.872  1.00 25.69 ? 121 TRP A CH2  1 
ATOM   1123 H H    . TRP A 1 120 ? -6.837  -5.591  15.554  1.00 0.00  ? 121 TRP A H    1 
ATOM   1124 H HE1  . TRP A 1 120 ? -9.604  -3.016  11.686  1.00 0.00  ? 121 TRP A HE1  1 
ATOM   1125 N N    . LEU A 1 121 ? -6.887  -7.156  12.390  1.00 21.24 ? 122 LEU A N    1 
ATOM   1126 C CA   . LEU A 1 121 ? -6.790  -7.566  11.012  1.00 19.32 ? 122 LEU A CA   1 
ATOM   1127 C C    . LEU A 1 121 ? -5.840  -8.729  10.904  1.00 17.80 ? 122 LEU A C    1 
ATOM   1128 O O    . LEU A 1 121 ? -5.669  -9.230  9.794   1.00 18.56 ? 122 LEU A O    1 
ATOM   1129 C CB   . LEU A 1 121 ? -6.281  -6.430  10.130  1.00 18.93 ? 122 LEU A CB   1 
ATOM   1130 C CG   . LEU A 1 121 ? -7.079  -5.149  10.082  1.00 20.97 ? 122 LEU A CG   1 
ATOM   1131 C CD1  . LEU A 1 121 ? -6.260  -4.124  9.348   1.00 20.26 ? 122 LEU A CD1  1 
ATOM   1132 C CD2  . LEU A 1 121 ? -8.409  -5.359  9.403   1.00 20.57 ? 122 LEU A CD2  1 
ATOM   1133 H H    . LEU A 1 121 ? -6.171  -6.605  12.771  1.00 0.00  ? 122 LEU A H    1 
ATOM   1134 N N    . ASP A 1 122 ? -5.174  -9.221  11.950  1.00 20.95 ? 123 ASP A N    1 
ATOM   1135 C CA   . ASP A 1 122 ? -4.279  -10.389 11.849  1.00 22.16 ? 123 ASP A CA   1 
ATOM   1136 C C    . ASP A 1 122 ? -4.911  -11.681 11.375  1.00 22.62 ? 123 ASP A C    1 
ATOM   1137 O O    . ASP A 1 122 ? -6.018  -12.070 11.780  1.00 23.74 ? 123 ASP A O    1 
ATOM   1138 C CB   . ASP A 1 122 ? -3.634  -10.693 13.176  1.00 23.93 ? 123 ASP A CB   1 
ATOM   1139 C CG   . ASP A 1 122 ? -2.640  -9.650  13.610  1.00 25.26 ? 123 ASP A CG   1 
ATOM   1140 O OD1  . ASP A 1 122 ? -2.204  -8.846  12.802  1.00 25.05 ? 123 ASP A OD1  1 
ATOM   1141 O OD2  . ASP A 1 122 ? -2.220  -9.668  14.751  1.00 26.50 ? 123 ASP A OD2  1 
ATOM   1142 H H    . ASP A 1 122 ? -5.312  -8.852  12.849  1.00 0.00  ? 123 ASP A H    1 
ATOM   1143 N N    . GLY A 1 123 ? -4.221  -12.382 10.489  1.00 20.80 ? 124 GLY A N    1 
ATOM   1144 C CA   . GLY A 1 123 ? -4.782  -13.596 9.935   1.00 22.90 ? 124 GLY A CA   1 
ATOM   1145 C C    . GLY A 1 123 ? -5.902  -13.360 8.909   1.00 25.01 ? 124 GLY A C    1 
ATOM   1146 O O    . GLY A 1 123 ? -6.417  -14.332 8.381   1.00 25.01 ? 124 GLY A O    1 
ATOM   1147 H H    . GLY A 1 123 ? -3.359  -12.030 10.161  1.00 0.00  ? 124 GLY A H    1 
ATOM   1148 N N    . LYS A 1 124 ? -6.304  -12.119 8.611   1.00 25.87 ? 125 LYS A N    1 
ATOM   1149 C CA   . LYS A 1 124 ? -7.291  -11.749 7.585   1.00 26.97 ? 125 LYS A CA   1 
ATOM   1150 C C    . LYS A 1 124 ? -6.558  -11.018 6.426   1.00 28.94 ? 125 LYS A C    1 
ATOM   1151 O O    . LYS A 1 124 ? -6.974  -11.104 5.258   1.00 27.82 ? 125 LYS A O    1 
ATOM   1152 C CB   . LYS A 1 124 ? -8.366  -10.775 8.143   1.00 28.31 ? 125 LYS A CB   1 
ATOM   1153 C CG   . LYS A 1 124 ? -9.154  -11.109 9.428   1.00 31.54 ? 125 LYS A CG   1 
ATOM   1154 C CD   . LYS A 1 124 ? -9.916  -9.845  9.905   1.00 35.82 ? 125 LYS A CD   1 
ATOM   1155 C CE   . LYS A 1 124 ? -10.820 -10.022 11.170  1.00 39.73 ? 125 LYS A CE   1 
ATOM   1156 N NZ   . LYS A 1 124 ? -11.226 -8.725  11.736  1.00 41.40 ? 125 LYS A NZ   1 
ATOM   1157 H H    . LYS A 1 124 ? -5.952  -11.393 9.167   1.00 0.00  ? 125 LYS A H    1 
ATOM   1158 H HZ1  . LYS A 1 124 ? -11.626 -8.061  11.048  1.00 0.00  ? 125 LYS A HZ1  1 
ATOM   1159 H HZ2  . LYS A 1 124 ? -11.906 -8.781  12.529  1.00 0.00  ? 125 LYS A HZ2  1 
ATOM   1160 H HZ3  . LYS A 1 124 ? -10.367 -8.292  12.135  1.00 0.00  ? 125 LYS A HZ3  1 
ATOM   1161 N N    . HIS A 1 125 ? -5.471  -10.227 6.688   1.00 26.40 ? 126 HIS A N    1 
ATOM   1162 C CA   . HIS A 1 125 ? -4.775  -9.462  5.660   1.00 23.25 ? 126 HIS A CA   1 
ATOM   1163 C C    . HIS A 1 125 ? -3.310  -9.796  5.710   1.00 22.09 ? 126 HIS A C    1 
ATOM   1164 O O    . HIS A 1 125 ? -2.770  -9.817  6.823   1.00 22.79 ? 126 HIS A O    1 
ATOM   1165 C CB   . HIS A 1 125 ? -4.964  -7.988  5.910   1.00 23.07 ? 126 HIS A CB   1 
ATOM   1166 C CG   . HIS A 1 125 ? -6.404  -7.508  5.683   1.00 22.73 ? 126 HIS A CG   1 
ATOM   1167 N ND1  . HIS A 1 125 ? -6.849  -7.147  4.495   1.00 23.57 ? 126 HIS A ND1  1 
ATOM   1168 C CD2  . HIS A 1 125 ? -7.430  -7.349  6.574   1.00 21.98 ? 126 HIS A CD2  1 
ATOM   1169 C CE1  . HIS A 1 125 ? -8.103  -6.777  4.618   1.00 21.89 ? 126 HIS A CE1  1 
ATOM   1170 N NE2  . HIS A 1 125 ? -8.433  -6.902  5.869   1.00 21.91 ? 126 HIS A NE2  1 
ATOM   1171 H H    . HIS A 1 125 ? -5.087  -10.225 7.593   1.00 0.00  ? 126 HIS A H    1 
ATOM   1172 H HD1  . HIS A 1 125 ? -6.302  -7.144  3.666   1.00 0.00  ? 126 HIS A HD1  1 
ATOM   1173 H HE2  . HIS A 1 125 ? -9.345  -6.769  6.203   1.00 0.00  ? 126 HIS A HE2  1 
ATOM   1174 N N    . VAL A 1 126 ? -2.679  -10.070 4.561   1.00 21.78 ? 127 VAL A N    1 
ATOM   1175 C CA   . VAL A 1 126 ? -1.269  -10.451 4.472   1.00 21.12 ? 127 VAL A CA   1 
ATOM   1176 C C    . VAL A 1 126 ? -0.344  -9.238  4.578   1.00 23.34 ? 127 VAL A C    1 
ATOM   1177 O O    . VAL A 1 126 ? -0.403  -8.334  3.735   1.00 19.62 ? 127 VAL A O    1 
ATOM   1178 C CB   . VAL A 1 126 ? -0.977  -11.175 3.140   1.00 19.15 ? 127 VAL A CB   1 
ATOM   1179 C CG1  . VAL A 1 126 ? 0.452   -11.663 3.114   1.00 18.33 ? 127 VAL A CG1  1 
ATOM   1180 C CG2  . VAL A 1 126 ? -1.823  -12.409 3.014   1.00 19.41 ? 127 VAL A CG2  1 
ATOM   1181 H H    . VAL A 1 126 ? -3.189  -10.039 3.725   1.00 0.00  ? 127 VAL A H    1 
ATOM   1182 N N    . VAL A 1 127 ? 0.439   -9.227  5.659   1.00 23.18 ? 128 VAL A N    1 
ATOM   1183 C CA   . VAL A 1 127 ? 1.409   -8.185  5.971   1.00 24.02 ? 128 VAL A CA   1 
ATOM   1184 C C    . VAL A 1 127 ? 2.612   -8.527  5.126   1.00 25.64 ? 128 VAL A C    1 
ATOM   1185 O O    . VAL A 1 127 ? 2.989   -9.713  5.125   1.00 25.27 ? 128 VAL A O    1 
ATOM   1186 C CB   . VAL A 1 127 ? 1.803   -8.225  7.454   1.00 23.33 ? 128 VAL A CB   1 
ATOM   1187 C CG1  . VAL A 1 127 ? 2.920   -7.249  7.827   1.00 22.07 ? 128 VAL A CG1  1 
ATOM   1188 C CG2  . VAL A 1 127 ? 0.544   -7.905  8.220   1.00 24.28 ? 128 VAL A CG2  1 
ATOM   1189 H H    . VAL A 1 127 ? 0.466   -10.054 6.195   1.00 0.00  ? 128 VAL A H    1 
ATOM   1190 N N    . PHE A 1 128 ? 3.214   -7.558  4.399   1.00 26.13 ? 129 PHE A N    1 
ATOM   1191 C CA   . PHE A 1 128 ? 4.386   -7.864  3.587   1.00 21.53 ? 129 PHE A CA   1 
ATOM   1192 C C    . PHE A 1 128 ? 5.512   -6.829  3.571   1.00 20.74 ? 129 PHE A C    1 
ATOM   1193 O O    . PHE A 1 128 ? 6.536   -7.046  2.913   1.00 22.07 ? 129 PHE A O    1 
ATOM   1194 C CB   . PHE A 1 128 ? 3.887   -8.170  2.166   1.00 20.70 ? 129 PHE A CB   1 
ATOM   1195 C CG   . PHE A 1 128 ? 3.257   -6.994  1.444   1.00 19.18 ? 129 PHE A CG   1 
ATOM   1196 C CD1  . PHE A 1 128 ? 1.959   -6.622  1.699   1.00 18.86 ? 129 PHE A CD1  1 
ATOM   1197 C CD2  . PHE A 1 128 ? 4.017   -6.292  0.521   1.00 20.47 ? 129 PHE A CD2  1 
ATOM   1198 C CE1  . PHE A 1 128 ? 1.410   -5.510  1.069   1.00 19.84 ? 129 PHE A CE1  1 
ATOM   1199 C CE2  . PHE A 1 128 ? 3.449   -5.197  -0.112  1.00 20.66 ? 129 PHE A CE2  1 
ATOM   1200 C CZ   . PHE A 1 128 ? 2.155   -4.786  0.165   1.00 19.73 ? 129 PHE A CZ   1 
ATOM   1201 H H    . PHE A 1 128 ? 2.851   -6.652  4.397   1.00 0.00  ? 129 PHE A H    1 
ATOM   1202 N N    . GLY A 1 129 ? 5.415   -5.734  4.292   1.00 16.78 ? 130 GLY A N    1 
ATOM   1203 C CA   . GLY A 1 129 ? 6.486   -4.790  4.302   1.00 19.61 ? 130 GLY A CA   1 
ATOM   1204 C C    . GLY A 1 129 ? 6.250   -3.820  5.411   1.00 23.33 ? 130 GLY A C    1 
ATOM   1205 O O    . GLY A 1 129 ? 5.283   -3.990  6.161   1.00 26.42 ? 130 GLY A O    1 
ATOM   1206 H H    . GLY A 1 129 ? 4.633   -5.552  4.857   1.00 0.00  ? 130 GLY A H    1 
ATOM   1207 N N    . LYS A 1 130 ? 7.107   -2.810  5.503   1.00 26.34 ? 131 LYS A N    1 
ATOM   1208 C CA   . LYS A 1 130 ? 6.958   -1.702  6.438   1.00 31.57 ? 131 LYS A CA   1 
ATOM   1209 C C    . LYS A 1 130 ? 7.716   -0.436  5.998   1.00 29.20 ? 131 LYS A C    1 
ATOM   1210 O O    . LYS A 1 130 ? 8.702   -0.519  5.267   1.00 29.60 ? 131 LYS A O    1 
ATOM   1211 C CB   . LYS A 1 130 ? 7.453   -2.062  7.887   1.00 37.03 ? 131 LYS A CB   1 
ATOM   1212 C CG   . LYS A 1 130 ? 8.871   -2.620  7.913   1.00 43.40 ? 131 LYS A CG   1 
ATOM   1213 C CD   . LYS A 1 130 ? 9.835   -2.013  8.931   1.00 47.54 ? 131 LYS A CD   1 
ATOM   1214 C CE   . LYS A 1 130 ? 11.127  -1.598  8.187   1.00 51.65 ? 131 LYS A CE   1 
ATOM   1215 N NZ   . LYS A 1 130 ? 11.725  -2.696  7.440   1.00 54.95 ? 131 LYS A NZ   1 
ATOM   1216 H H    . LYS A 1 130 ? 7.846   -2.767  4.856   1.00 0.00  ? 131 LYS A H    1 
ATOM   1217 H HZ1  . LYS A 1 130 ? 11.947  -3.522  8.025   1.00 0.00  ? 131 LYS A HZ1  1 
ATOM   1218 H HZ2  . LYS A 1 130 ? 11.147  -3.019  6.645   1.00 0.00  ? 131 LYS A HZ2  1 
ATOM   1219 H HZ3  . LYS A 1 130 ? 12.648  -2.429  7.031   1.00 0.00  ? 131 LYS A HZ3  1 
ATOM   1220 N N    . VAL A 1 131 ? 7.311   0.725   6.494   1.00 25.77 ? 132 VAL A N    1 
ATOM   1221 C CA   . VAL A 1 131 ? 7.916   1.994   6.218   1.00 25.77 ? 132 VAL A CA   1 
ATOM   1222 C C    . VAL A 1 131 ? 9.333   1.989   6.774   1.00 30.88 ? 132 VAL A C    1 
ATOM   1223 O O    . VAL A 1 131 ? 9.538   1.675   7.947   1.00 29.99 ? 132 VAL A O    1 
ATOM   1224 C CB   . VAL A 1 131 ? 7.044   3.082   6.858   1.00 22.04 ? 132 VAL A CB   1 
ATOM   1225 C CG1  . VAL A 1 131 ? 7.709   4.451   6.878   1.00 19.29 ? 132 VAL A CG1  1 
ATOM   1226 C CG2  . VAL A 1 131 ? 5.779   3.170   6.020   1.00 20.05 ? 132 VAL A CG2  1 
ATOM   1227 H H    . VAL A 1 131 ? 6.558   0.694   7.121   1.00 0.00  ? 132 VAL A H    1 
ATOM   1228 N N    . LYS A 1 132 ? 10.291  2.247   5.886   1.00 30.99 ? 133 LYS A N    1 
ATOM   1229 C CA   . LYS A 1 132 ? 11.692  2.319   6.220   1.00 33.92 ? 133 LYS A CA   1 
ATOM   1230 C C    . LYS A 1 132 ? 11.941  3.801   6.500   1.00 34.74 ? 133 LYS A C    1 
ATOM   1231 O O    . LYS A 1 132 ? 12.495  4.121   7.549   1.00 34.06 ? 133 LYS A O    1 
ATOM   1232 C CB   . LYS A 1 132 ? 12.438  1.800   5.027   1.00 36.28 ? 133 LYS A CB   1 
ATOM   1233 C CG   . LYS A 1 132 ? 13.897  1.435   5.186   1.00 41.67 ? 133 LYS A CG   1 
ATOM   1234 C CD   . LYS A 1 132 ? 14.194  0.483   4.031   1.00 45.58 ? 133 LYS A CD   1 
ATOM   1235 C CE   . LYS A 1 132 ? 15.587  -0.129  4.065   1.00 50.22 ? 133 LYS A CE   1 
ATOM   1236 N NZ   . LYS A 1 132 ? 15.609  -1.484  3.508   1.00 54.41 ? 133 LYS A NZ   1 
ATOM   1237 H H    . LYS A 1 132 ? 10.015  2.460   4.973   1.00 0.00  ? 133 LYS A H    1 
ATOM   1238 H HZ1  . LYS A 1 132 ? 15.217  -1.479  2.544   1.00 0.00  ? 133 LYS A HZ1  1 
ATOM   1239 H HZ2  . LYS A 1 132 ? 16.591  -1.803  3.332   1.00 0.00  ? 133 LYS A HZ2  1 
ATOM   1240 H HZ3  . LYS A 1 132 ? 15.119  -2.207  4.072   1.00 0.00  ? 133 LYS A HZ3  1 
ATOM   1241 N N    . GLU A 1 133 ? 11.562  4.749   5.626   1.00 34.98 ? 134 GLU A N    1 
ATOM   1242 C CA   . GLU A 1 133 ? 11.692  6.195   5.890   1.00 34.16 ? 134 GLU A CA   1 
ATOM   1243 C C    . GLU A 1 133 ? 10.433  6.926   5.458   1.00 30.54 ? 134 GLU A C    1 
ATOM   1244 O O    . GLU A 1 133 ? 9.712   6.421   4.598   1.00 30.28 ? 134 GLU A O    1 
ATOM   1245 C CB   . GLU A 1 133 ? 12.841  6.851   5.114   1.00 36.33 ? 134 GLU A CB   1 
ATOM   1246 C CG   . GLU A 1 133 ? 14.196  6.349   5.552   1.00 40.73 ? 134 GLU A CG   1 
ATOM   1247 C CD   . GLU A 1 133 ? 15.263  6.612   4.517   1.00 42.66 ? 134 GLU A CD   1 
ATOM   1248 O OE1  . GLU A 1 133 ? 15.770  7.726   4.496   1.00 45.61 ? 134 GLU A OE1  1 
ATOM   1249 O OE2  . GLU A 1 133 ? 15.691  5.721   3.780   1.00 43.18 ? 134 GLU A OE2  1 
ATOM   1250 H H    . GLU A 1 133 ? 11.205  4.481   4.754   1.00 0.00  ? 134 GLU A H    1 
ATOM   1251 N N    . GLY A 1 134 ? 10.135  8.096   6.025   1.00 27.69 ? 135 GLY A N    1 
ATOM   1252 C CA   . GLY A 1 134 ? 8.993   8.863   5.573   1.00 26.50 ? 135 GLY A CA   1 
ATOM   1253 C C    . GLY A 1 134 ? 7.717   8.579   6.336   1.00 26.74 ? 135 GLY A C    1 
ATOM   1254 O O    . GLY A 1 134 ? 6.621   8.908   5.872   1.00 26.78 ? 135 GLY A O    1 
ATOM   1255 H H    . GLY A 1 134 ? 10.721  8.448   6.733   1.00 0.00  ? 135 GLY A H    1 
ATOM   1256 N N    . MET A 1 135 ? 7.821   8.069   7.574   1.00 26.57 ? 136 MET A N    1 
ATOM   1257 C CA   . MET A 1 135 ? 6.618   7.834   8.351   1.00 25.82 ? 136 MET A CA   1 
ATOM   1258 C C    . MET A 1 135 ? 5.868   9.121   8.620   1.00 22.55 ? 136 MET A C    1 
ATOM   1259 O O    . MET A 1 135 ? 4.637   9.182   8.556   1.00 20.88 ? 136 MET A O    1 
ATOM   1260 C CB   . MET A 1 135 ? 6.982   7.146   9.663   1.00 28.66 ? 136 MET A CB   1 
ATOM   1261 C CG   . MET A 1 135 ? 5.751   6.544   10.413  1.00 30.64 ? 136 MET A CG   1 
ATOM   1262 S SD   . MET A 1 135 ? 4.694   5.385   9.475   1.00 29.33 ? 136 MET A SD   1 
ATOM   1263 C CE   . MET A 1 135 ? 3.147   5.926   10.162  1.00 26.29 ? 136 MET A CE   1 
ATOM   1264 H H    . MET A 1 135 ? 8.698   7.819   7.921   1.00 0.00  ? 136 MET A H    1 
ATOM   1265 N N    . ASN A 1 136 ? 6.642   10.193  8.736   1.00 22.86 ? 137 ASN A N    1 
ATOM   1266 C CA   . ASN A 1 136 ? 6.076   11.528  8.884   1.00 22.21 ? 137 ASN A CA   1 
ATOM   1267 C C    . ASN A 1 136 ? 5.312   11.985  7.641   1.00 21.84 ? 137 ASN A C    1 
ATOM   1268 O O    . ASN A 1 136 ? 4.384   12.803  7.711   1.00 23.01 ? 137 ASN A O    1 
ATOM   1269 C CB   . ASN A 1 136 ? 7.185   12.519  9.200   1.00 24.85 ? 137 ASN A CB   1 
ATOM   1270 C CG   . ASN A 1 136 ? 8.317   12.651  8.179   1.00 27.25 ? 137 ASN A CG   1 
ATOM   1271 O OD1  . ASN A 1 136 ? 8.884   11.681  7.664   1.00 26.55 ? 137 ASN A OD1  1 
ATOM   1272 N ND2  . ASN A 1 136 ? 8.725   13.861  7.882   1.00 30.27 ? 137 ASN A ND2  1 
ATOM   1273 H H    . ASN A 1 136 ? 7.616   10.095  8.733   1.00 0.00  ? 137 ASN A H    1 
ATOM   1274 H HD21 . ASN A 1 136 ? 9.436   13.975  7.213   1.00 0.00  ? 137 ASN A HD21 1 
ATOM   1275 H HD22 . ASN A 1 136 ? 8.316   14.627  8.352   1.00 0.00  ? 137 ASN A HD22 1 
ATOM   1276 N N    . ILE A 1 137 ? 5.662   11.468  6.458   1.00 22.95 ? 138 ILE A N    1 
ATOM   1277 C CA   . ILE A 1 137 ? 4.902   11.803  5.255   1.00 24.40 ? 138 ILE A CA   1 
ATOM   1278 C C    . ILE A 1 137 ? 3.583   11.005  5.360   1.00 24.95 ? 138 ILE A C    1 
ATOM   1279 O O    . ILE A 1 137 ? 2.512   11.557  5.080   1.00 26.17 ? 138 ILE A O    1 
ATOM   1280 C CB   . ILE A 1 137 ? 5.708   11.431  3.959   1.00 22.21 ? 138 ILE A CB   1 
ATOM   1281 C CG1  . ILE A 1 137 ? 7.082   12.119  3.933   1.00 22.21 ? 138 ILE A CG1  1 
ATOM   1282 C CG2  . ILE A 1 137 ? 4.875   11.834  2.737   1.00 19.18 ? 138 ILE A CG2  1 
ATOM   1283 C CD1  . ILE A 1 137 ? 7.042   13.657  4.114   1.00 22.62 ? 138 ILE A CD1  1 
ATOM   1284 H H    . ILE A 1 137 ? 6.405   10.839  6.399   1.00 0.00  ? 138 ILE A H    1 
ATOM   1285 N N    . VAL A 1 138 ? 3.573   9.750   5.837   1.00 26.01 ? 139 VAL A N    1 
ATOM   1286 C CA   . VAL A 1 138 ? 2.316   9.023   5.978   1.00 26.93 ? 139 VAL A CA   1 
ATOM   1287 C C    . VAL A 1 138 ? 1.433   9.754   6.985   1.00 27.39 ? 139 VAL A C    1 
ATOM   1288 O O    . VAL A 1 138 ? 0.256   9.985   6.716   1.00 29.02 ? 139 VAL A O    1 
ATOM   1289 C CB   . VAL A 1 138 ? 2.604   7.588   6.430   1.00 28.62 ? 139 VAL A CB   1 
ATOM   1290 C CG1  . VAL A 1 138 ? 1.274   6.872   6.568   1.00 28.75 ? 139 VAL A CG1  1 
ATOM   1291 C CG2  . VAL A 1 138 ? 3.421   6.805   5.391   1.00 26.91 ? 139 VAL A CG2  1 
ATOM   1292 H H    . VAL A 1 138 ? 4.420   9.329   6.095   1.00 0.00  ? 139 VAL A H    1 
ATOM   1293 N N    . GLU A 1 139 ? 1.973   10.218  8.107   1.00 29.27 ? 140 GLU A N    1 
ATOM   1294 C CA   . GLU A 1 139 ? 1.220   11.006  9.053   1.00 32.52 ? 140 GLU A CA   1 
ATOM   1295 C C    . GLU A 1 139 ? 0.638   12.224  8.396   1.00 32.72 ? 140 GLU A C    1 
ATOM   1296 O O    . GLU A 1 139 ? -0.511  12.577  8.631   1.00 33.57 ? 140 GLU A O    1 
ATOM   1297 C CB   . GLU A 1 139 ? 2.078   11.499  10.171  1.00 37.71 ? 140 GLU A CB   1 
ATOM   1298 C CG   . GLU A 1 139 ? 2.568   10.393  11.110  1.00 48.06 ? 140 GLU A CG   1 
ATOM   1299 C CD   . GLU A 1 139 ? 3.463   10.919  12.232  1.00 53.04 ? 140 GLU A CD   1 
ATOM   1300 O OE1  . GLU A 1 139 ? 2.972   11.708  13.058  1.00 56.83 ? 140 GLU A OE1  1 
ATOM   1301 O OE2  . GLU A 1 139 ? 4.651   10.571  12.238  1.00 56.19 ? 140 GLU A OE2  1 
ATOM   1302 H H    . GLU A 1 139 ? 2.890   9.970   8.346   1.00 0.00  ? 140 GLU A H    1 
ATOM   1303 N N    . ALA A 1 140 ? 1.396   12.927  7.570   1.00 30.66 ? 141 ALA A N    1 
ATOM   1304 C CA   . ALA A 1 140 ? 0.866   14.098  6.909   1.00 28.94 ? 141 ALA A CA   1 
ATOM   1305 C C    . ALA A 1 140 ? -0.275  13.789  5.925   1.00 24.75 ? 141 ALA A C    1 
ATOM   1306 O O    . ALA A 1 140 ? -1.206  14.584  5.779   1.00 22.49 ? 141 ALA A O    1 
ATOM   1307 C CB   . ALA A 1 140 ? 2.030   14.780  6.196   1.00 28.33 ? 141 ALA A CB   1 
ATOM   1308 H H    . ALA A 1 140 ? 2.328   12.661  7.417   1.00 0.00  ? 141 ALA A H    1 
ATOM   1309 N N    . MET A 1 141 ? -0.266  12.643  5.245   1.00 25.44 ? 142 MET A N    1 
ATOM   1310 C CA   . MET A 1 141 ? -1.317  12.289  4.284   1.00 27.69 ? 142 MET A CA   1 
ATOM   1311 C C    . MET A 1 141 ? -2.588  11.983  5.048   1.00 31.55 ? 142 MET A C    1 
ATOM   1312 O O    . MET A 1 141 ? -3.705  12.314  4.633   1.00 31.58 ? 142 MET A O    1 
ATOM   1313 C CB   . MET A 1 141 ? -1.013  11.030  3.501   1.00 28.69 ? 142 MET A CB   1 
ATOM   1314 C CG   . MET A 1 141 ? 0.239   11.022  2.657   1.00 29.80 ? 142 MET A CG   1 
ATOM   1315 S SD   . MET A 1 141 ? 0.732   9.338   2.245   1.00 31.85 ? 142 MET A SD   1 
ATOM   1316 C CE   . MET A 1 141 ? -0.816  8.804   1.585   1.00 29.87 ? 142 MET A CE   1 
ATOM   1317 H H    . MET A 1 141 ? 0.481   12.026  5.405   1.00 0.00  ? 142 MET A H    1 
ATOM   1318 N N    . GLU A 1 142 ? -2.398  11.329  6.198   1.00 32.00 ? 143 GLU A N    1 
ATOM   1319 C CA   . GLU A 1 142 ? -3.466  10.931  7.092   1.00 33.65 ? 143 GLU A CA   1 
ATOM   1320 C C    . GLU A 1 142 ? -4.361  12.116  7.475   1.00 35.47 ? 143 GLU A C    1 
ATOM   1321 O O    . GLU A 1 142 ? -5.581  12.003  7.600   1.00 34.90 ? 143 GLU A O    1 
ATOM   1322 C CB   . GLU A 1 142 ? -2.734  10.277  8.245   1.00 33.47 ? 143 GLU A CB   1 
ATOM   1323 C CG   . GLU A 1 142 ? -3.599  9.712   9.315   1.00 35.36 ? 143 GLU A CG   1 
ATOM   1324 C CD   . GLU A 1 142 ? -2.845  9.273   10.544  1.00 35.34 ? 143 GLU A CD   1 
ATOM   1325 O OE1  . GLU A 1 142 ? -1.939  9.928   11.041  1.00 37.22 ? 143 GLU A OE1  1 
ATOM   1326 O OE2  . GLU A 1 142 ? -3.233  8.275   11.089  1.00 39.08 ? 143 GLU A OE2  1 
ATOM   1327 H H    . GLU A 1 142 ? -1.482  11.059  6.440   1.00 0.00  ? 143 GLU A H    1 
ATOM   1328 N N    . ARG A 1 143 ? -3.796  13.326  7.528   1.00 37.42 ? 144 ARG A N    1 
ATOM   1329 C CA   . ARG A 1 143 ? -4.529  14.533  7.855   1.00 38.35 ? 144 ARG A CA   1 
ATOM   1330 C C    . ARG A 1 143 ? -5.522  14.898  6.748   1.00 35.62 ? 144 ARG A C    1 
ATOM   1331 O O    . ARG A 1 143 ? -6.371  15.762  6.968   1.00 37.32 ? 144 ARG A O    1 
ATOM   1332 C CB   . ARG A 1 143 ? -3.556  15.708  8.070   1.00 44.36 ? 144 ARG A CB   1 
ATOM   1333 C CG   . ARG A 1 143 ? -2.229  15.438  8.821   1.00 52.57 ? 144 ARG A CG   1 
ATOM   1334 C CD   . ARG A 1 143 ? -2.312  15.293  10.341  1.00 60.41 ? 144 ARG A CD   1 
ATOM   1335 N NE   . ARG A 1 143 ? -1.211  14.513  10.949  1.00 69.25 ? 144 ARG A NE   1 
ATOM   1336 C CZ   . ARG A 1 143 ? -1.367  13.229  11.437  1.00 72.72 ? 144 ARG A CZ   1 
ATOM   1337 N NH1  . ARG A 1 143 ? -2.562  12.595  11.430  1.00 73.35 ? 144 ARG A NH1  1 
ATOM   1338 N NH2  . ARG A 1 143 ? -0.333  12.558  12.002  1.00 74.19 ? 144 ARG A NH2  1 
ATOM   1339 H H    . ARG A 1 143 ? -2.845  13.395  7.297   1.00 0.00  ? 144 ARG A H    1 
ATOM   1340 H HE   . ARG A 1 143 ? -0.329  14.948  10.964  1.00 0.00  ? 144 ARG A HE   1 
ATOM   1341 H HH11 . ARG A 1 143 ? -3.370  12.998  11.012  1.00 0.00  ? 144 ARG A HH11 1 
ATOM   1342 H HH12 . ARG A 1 143 ? -2.565  11.587  11.571  1.00 0.00  ? 144 ARG A HH12 1 
ATOM   1343 H HH21 . ARG A 1 143 ? 0.610   12.901  12.088  1.00 0.00  ? 144 ARG A HH21 1 
ATOM   1344 H HH22 . ARG A 1 143 ? -0.448  11.582  12.242  1.00 0.00  ? 144 ARG A HH22 1 
ATOM   1345 N N    . PHE A 1 144 ? -5.518  14.297  5.560   1.00 31.43 ? 145 PHE A N    1 
ATOM   1346 C CA   . PHE A 1 144 ? -6.472  14.624  4.511   1.00 28.76 ? 145 PHE A CA   1 
ATOM   1347 C C    . PHE A 1 144 ? -7.643  13.662  4.319   1.00 27.94 ? 145 PHE A C    1 
ATOM   1348 O O    . PHE A 1 144 ? -8.455  13.819  3.392   1.00 29.09 ? 145 PHE A O    1 
ATOM   1349 C CB   . PHE A 1 144 ? -5.751  14.731  3.169   1.00 29.02 ? 145 PHE A CB   1 
ATOM   1350 C CG   . PHE A 1 144 ? -4.661  15.772  3.178   1.00 28.71 ? 145 PHE A CG   1 
ATOM   1351 C CD1  . PHE A 1 144 ? -4.992  17.128  3.140   1.00 29.87 ? 145 PHE A CD1  1 
ATOM   1352 C CD2  . PHE A 1 144 ? -3.331  15.358  3.229   1.00 31.04 ? 145 PHE A CD2  1 
ATOM   1353 C CE1  . PHE A 1 144 ? -3.956  18.065  3.156   1.00 30.87 ? 145 PHE A CE1  1 
ATOM   1354 C CE2  . PHE A 1 144 ? -2.306  16.301  3.223   1.00 29.36 ? 145 PHE A CE2  1 
ATOM   1355 C CZ   . PHE A 1 144 ? -2.623  17.650  3.191   1.00 28.50 ? 145 PHE A CZ   1 
ATOM   1356 H H    . PHE A 1 144 ? -4.864  13.598  5.384   1.00 0.00  ? 145 PHE A H    1 
ATOM   1357 N N    . GLY A 1 145 ? -7.706  12.607  5.111   1.00 28.07 ? 146 GLY A N    1 
ATOM   1358 C CA   . GLY A 1 145 ? -8.770  11.622  4.990   1.00 28.57 ? 146 GLY A CA   1 
ATOM   1359 C C    . GLY A 1 145 ? -9.874  11.923  5.988   1.00 29.30 ? 146 GLY A C    1 
ATOM   1360 O O    . GLY A 1 145 ? -9.889  12.981  6.618   1.00 27.76 ? 146 GLY A O    1 
ATOM   1361 H H    . GLY A 1 145 ? -7.113  12.565  5.889   1.00 0.00  ? 146 GLY A H    1 
ATOM   1362 N N    . SER A 1 146 ? -10.767 10.978  6.228   1.00 29.58 ? 147 SER A N    1 
ATOM   1363 C CA   . SER A 1 146 ? -11.905 11.256  7.083   1.00 32.45 ? 147 SER A CA   1 
ATOM   1364 C C    . SER A 1 146 ? -12.519 9.993   7.643   1.00 33.93 ? 147 SER A C    1 
ATOM   1365 O O    . SER A 1 146 ? -12.060 8.925   7.232   1.00 35.04 ? 147 SER A O    1 
ATOM   1366 C CB   . SER A 1 146 ? -12.892 12.017  6.248   1.00 33.62 ? 147 SER A CB   1 
ATOM   1367 O OG   . SER A 1 146 ? -13.144 11.336  5.042   1.00 34.13 ? 147 SER A OG   1 
ATOM   1368 H H    . SER A 1 146 ? -10.651 10.069  5.871   1.00 0.00  ? 147 SER A H    1 
ATOM   1369 H HG   . SER A 1 146 ? -12.303 11.266  4.567   1.00 0.00  ? 147 SER A HG   1 
ATOM   1370 N N    . ARG A 1 147 ? -13.561 10.034  8.505   1.00 36.95 ? 148 ARG A N    1 
ATOM   1371 C CA   . ARG A 1 147 ? -14.165 8.838   9.133   1.00 38.57 ? 148 ARG A CA   1 
ATOM   1372 C C    . ARG A 1 147 ? -14.682 7.777   8.166   1.00 35.60 ? 148 ARG A C    1 
ATOM   1373 O O    . ARG A 1 147 ? -14.614 6.575   8.429   1.00 36.52 ? 148 ARG A O    1 
ATOM   1374 C CB   . ARG A 1 147 ? -15.309 9.272   10.106  1.00 43.08 ? 148 ARG A CB   1 
ATOM   1375 C CG   . ARG A 1 147 ? -14.806 9.529   11.558  1.00 50.54 ? 148 ARG A CG   1 
ATOM   1376 C CD   . ARG A 1 147 ? -15.851 9.852   12.679  1.00 58.16 ? 148 ARG A CD   1 
ATOM   1377 N NE   . ARG A 1 147 ? -16.472 11.206  12.699  1.00 64.59 ? 148 ARG A NE   1 
ATOM   1378 C CZ   . ARG A 1 147 ? -17.481 11.605  13.531  1.00 65.04 ? 148 ARG A CZ   1 
ATOM   1379 N NH1  . ARG A 1 147 ? -18.023 10.747  14.412  1.00 66.48 ? 148 ARG A NH1  1 
ATOM   1380 N NH2  . ARG A 1 147 ? -17.959 12.867  13.447  1.00 64.42 ? 148 ARG A NH2  1 
ATOM   1381 H H    . ARG A 1 147 ? -13.899 10.912  8.759   1.00 0.00  ? 148 ARG A H    1 
ATOM   1382 H HE   . ARG A 1 147 ? -16.058 11.859  12.092  1.00 0.00  ? 148 ARG A HE   1 
ATOM   1383 H HH11 . ARG A 1 147 ? -17.736 9.783   14.418  1.00 0.00  ? 148 ARG A HH11 1 
ATOM   1384 H HH12 . ARG A 1 147 ? -18.753 11.025  15.062  1.00 0.00  ? 148 ARG A HH12 1 
ATOM   1385 H HH21 . ARG A 1 147 ? -17.603 13.559  12.812  1.00 0.00  ? 148 ARG A HH21 1 
ATOM   1386 H HH22 . ARG A 1 147 ? -18.698 13.195  14.055  1.00 0.00  ? 148 ARG A HH22 1 
ATOM   1387 N N    . ASN A 1 148 ? -15.141 8.186   6.992   1.00 33.67 ? 149 ASN A N    1 
ATOM   1388 C CA   . ASN A 1 148 ? -15.573 7.229   6.000   1.00 32.55 ? 149 ASN A CA   1 
ATOM   1389 C C    . ASN A 1 148 ? -14.493 7.035   4.931   1.00 30.67 ? 149 ASN A C    1 
ATOM   1390 O O    . ASN A 1 148 ? -14.694 6.333   3.937   1.00 30.79 ? 149 ASN A O    1 
ATOM   1391 C CB   . ASN A 1 148 ? -16.883 7.718   5.392   1.00 36.08 ? 149 ASN A CB   1 
ATOM   1392 C CG   . ASN A 1 148 ? -16.778 8.981   4.541   1.00 39.96 ? 149 ASN A CG   1 
ATOM   1393 O OD1  . ASN A 1 148 ? -15.840 9.772   4.628   1.00 41.42 ? 149 ASN A OD1  1 
ATOM   1394 N ND2  . ASN A 1 148 ? -17.745 9.244   3.686   1.00 41.15 ? 149 ASN A ND2  1 
ATOM   1395 H H    . ASN A 1 148 ? -15.083 9.127   6.725   1.00 0.00  ? 149 ASN A H    1 
ATOM   1396 H HD21 . ASN A 1 148 ? -17.662 10.045  3.131   1.00 0.00  ? 149 ASN A HD21 1 
ATOM   1397 H HD22 . ASN A 1 148 ? -18.500 8.619   3.640   1.00 0.00  ? 149 ASN A HD22 1 
ATOM   1398 N N    . GLY A 1 149 ? -13.319 7.638   5.073   1.00 28.65 ? 150 GLY A N    1 
ATOM   1399 C CA   . GLY A 1 149 ? -12.263 7.459   4.117   1.00 29.04 ? 150 GLY A CA   1 
ATOM   1400 C C    . GLY A 1 149 ? -12.251 8.397   2.925   1.00 29.87 ? 150 GLY A C    1 
ATOM   1401 O O    . GLY A 1 149 ? -11.282 8.316   2.180   1.00 30.39 ? 150 GLY A O    1 
ATOM   1402 H H    . GLY A 1 149 ? -13.159 8.201   5.851   1.00 0.00  ? 150 GLY A H    1 
ATOM   1403 N N    . LYS A 1 150 ? -13.222 9.285   2.717   1.00 29.98 ? 151 LYS A N    1 
ATOM   1404 C CA   . LYS A 1 150 ? -13.168 10.149  1.558   1.00 33.49 ? 151 LYS A CA   1 
ATOM   1405 C C    . LYS A 1 150 ? -12.014 11.132  1.753   1.00 32.08 ? 151 LYS A C    1 
ATOM   1406 O O    . LYS A 1 150 ? -11.735 11.562  2.871   1.00 30.54 ? 151 LYS A O    1 
ATOM   1407 C CB   . LYS A 1 150 ? -14.527 10.851  1.412   1.00 40.12 ? 151 LYS A CB   1 
ATOM   1408 C CG   . LYS A 1 150 ? -14.666 12.414  1.325   1.00 51.42 ? 151 LYS A CG   1 
ATOM   1409 C CD   . LYS A 1 150 ? -14.599 13.260  2.667   1.00 59.11 ? 151 LYS A CD   1 
ATOM   1410 C CE   . LYS A 1 150 ? -14.645 14.836  2.596   1.00 60.83 ? 151 LYS A CE   1 
ATOM   1411 N NZ   . LYS A 1 150 ? -13.975 15.463  3.749   1.00 62.16 ? 151 LYS A NZ   1 
ATOM   1412 H H    . LYS A 1 150 ? -13.904 9.433   3.405   1.00 0.00  ? 151 LYS A H    1 
ATOM   1413 H HZ1  . LYS A 1 150 ? -12.991 15.118  3.800   1.00 0.00  ? 151 LYS A HZ1  1 
ATOM   1414 H HZ2  . LYS A 1 150 ? -13.902 16.509  3.657   1.00 0.00  ? 151 LYS A HZ2  1 
ATOM   1415 H HZ3  . LYS A 1 150 ? -14.437 15.231  4.643   1.00 0.00  ? 151 LYS A HZ3  1 
ATOM   1416 N N    . THR A 1 151 ? -11.261 11.500  0.725   1.00 33.26 ? 152 THR A N    1 
ATOM   1417 C CA   . THR A 1 151 ? -10.154 12.436  0.899   1.00 30.91 ? 152 THR A CA   1 
ATOM   1418 C C    . THR A 1 151 ? -10.493 13.857  0.477   1.00 31.90 ? 152 THR A C    1 
ATOM   1419 O O    . THR A 1 151 ? -11.333 14.082  -0.394  1.00 29.34 ? 152 THR A O    1 
ATOM   1420 C CB   . THR A 1 151 ? -8.922  11.906  0.123   1.00 29.25 ? 152 THR A CB   1 
ATOM   1421 O OG1  . THR A 1 151 ? -9.287  11.618  -1.223  1.00 31.84 ? 152 THR A OG1  1 
ATOM   1422 C CG2  . THR A 1 151 ? -8.394  10.622  0.743   1.00 25.44 ? 152 THR A CG2  1 
ATOM   1423 H H    . THR A 1 151 ? -11.403 11.080  -0.152  1.00 0.00  ? 152 THR A H    1 
ATOM   1424 H HG1  . THR A 1 151 ? -10.145 12.018  -1.419  1.00 0.00  ? 152 THR A HG1  1 
ATOM   1425 N N    . SER A 1 152 ? -9.903  14.836  1.140   1.00 33.42 ? 153 SER A N    1 
ATOM   1426 C CA   . SER A 1 152 ? -10.142 16.244  0.850   1.00 36.59 ? 153 SER A CA   1 
ATOM   1427 C C    . SER A 1 152 ? -9.425  16.736  -0.396  1.00 36.35 ? 153 SER A C    1 
ATOM   1428 O O    . SER A 1 152 ? -9.791  17.729  -1.038  1.00 36.19 ? 153 SER A O    1 
ATOM   1429 C CB   . SER A 1 152 ? -9.673  17.075  2.023   1.00 37.42 ? 153 SER A CB   1 
ATOM   1430 O OG   . SER A 1 152 ? -10.147 16.450  3.195   1.00 44.17 ? 153 SER A OG   1 
ATOM   1431 H H    . SER A 1 152 ? -9.365  14.627  1.932   1.00 0.00  ? 153 SER A H    1 
ATOM   1432 H HG   . SER A 1 152 ? -9.408  16.154  3.762   1.00 0.00  ? 153 SER A HG   1 
ATOM   1433 N N    . LYS A 1 153 ? -8.309  16.076  -0.668  1.00 36.61 ? 154 LYS A N    1 
ATOM   1434 C CA   . LYS A 1 153 ? -7.389  16.414  -1.726  1.00 36.78 ? 154 LYS A CA   1 
ATOM   1435 C C    . LYS A 1 153 ? -7.091  15.096  -2.363  1.00 33.54 ? 154 LYS A C    1 
ATOM   1436 O O    . LYS A 1 153 ? -7.184  14.069  -1.695  1.00 34.52 ? 154 LYS A O    1 
ATOM   1437 C CB   . LYS A 1 153 ? -6.109  16.938  -1.155  1.00 41.39 ? 154 LYS A CB   1 
ATOM   1438 C CG   . LYS A 1 153 ? -5.925  18.416  -0.976  1.00 47.94 ? 154 LYS A CG   1 
ATOM   1439 C CD   . LYS A 1 153 ? -6.995  19.151  -0.206  1.00 53.79 ? 154 LYS A CD   1 
ATOM   1440 C CE   . LYS A 1 153 ? -7.472  20.369  -1.048  1.00 60.22 ? 154 LYS A CE   1 
ATOM   1441 N NZ   . LYS A 1 153 ? -7.949  19.980  -2.380  1.00 63.21 ? 154 LYS A NZ   1 
ATOM   1442 H H    . LYS A 1 153 ? -8.136  15.223  -0.213  1.00 0.00  ? 154 LYS A H    1 
ATOM   1443 H HZ1  . LYS A 1 153 ? -7.196  19.421  -2.855  1.00 0.00  ? 154 LYS A HZ1  1 
ATOM   1444 H HZ2  . LYS A 1 153 ? -8.811  19.402  -2.354  1.00 0.00  ? 154 LYS A HZ2  1 
ATOM   1445 H HZ3  . LYS A 1 153 ? -8.035  20.790  -3.015  1.00 0.00  ? 154 LYS A HZ3  1 
ATOM   1446 N N    . LYS A 1 154 ? -6.633  15.150  -3.590  1.00 32.30 ? 155 LYS A N    1 
ATOM   1447 C CA   . LYS A 1 154 ? -6.246  13.970  -4.323  1.00 32.21 ? 155 LYS A CA   1 
ATOM   1448 C C    . LYS A 1 154 ? -4.831  13.693  -3.844  1.00 30.53 ? 155 LYS A C    1 
ATOM   1449 O O    . LYS A 1 154 ? -3.956  14.561  -3.968  1.00 27.38 ? 155 LYS A O    1 
ATOM   1450 C CB   . LYS A 1 154 ? -6.228  14.237  -5.842  1.00 32.89 ? 155 LYS A CB   1 
ATOM   1451 C CG   . LYS A 1 154 ? -6.451  13.042  -6.776  1.00 36.52 ? 155 LYS A CG   1 
ATOM   1452 C CD   . LYS A 1 154 ? -7.965  12.741  -6.933  1.00 42.28 ? 155 LYS A CD   1 
ATOM   1453 C CE   . LYS A 1 154 ? -8.580  11.459  -6.268  1.00 44.44 ? 155 LYS A CE   1 
ATOM   1454 N NZ   . LYS A 1 154 ? -9.043  10.476  -7.245  1.00 46.55 ? 155 LYS A NZ   1 
ATOM   1455 H H    . LYS A 1 154 ? -6.462  16.024  -4.008  1.00 0.00  ? 155 LYS A H    1 
ATOM   1456 H HZ1  . LYS A 1 154 ? -9.594  10.891  -8.038  1.00 0.00  ? 155 LYS A HZ1  1 
ATOM   1457 H HZ2  . LYS A 1 154 ? -8.263  10.039  -7.787  1.00 0.00  ? 155 LYS A HZ2  1 
ATOM   1458 H HZ3  . LYS A 1 154 ? -9.577  9.690   -6.833  1.00 0.00  ? 155 LYS A HZ3  1 
ATOM   1459 N N    . ILE A 1 155 ? -4.566  12.502  -3.294  1.00 29.33 ? 156 ILE A N    1 
ATOM   1460 C CA   . ILE A 1 155 ? -3.216  12.137  -2.857  1.00 26.53 ? 156 ILE A CA   1 
ATOM   1461 C C    . ILE A 1 155 ? -2.756  11.151  -3.921  1.00 26.27 ? 156 ILE A C    1 
ATOM   1462 O O    . ILE A 1 155 ? -3.406  10.117  -4.071  1.00 25.91 ? 156 ILE A O    1 
ATOM   1463 C CB   . ILE A 1 155 ? -3.240  11.454  -1.473  1.00 26.69 ? 156 ILE A CB   1 
ATOM   1464 C CG1  . ILE A 1 155 ? -3.996  12.305  -0.449  1.00 25.11 ? 156 ILE A CG1  1 
ATOM   1465 C CG2  . ILE A 1 155 ? -1.810  11.151  -1.075  1.00 23.37 ? 156 ILE A CG2  1 
ATOM   1466 C CD1  . ILE A 1 155 ? -3.477  13.713  -0.194  1.00 27.75 ? 156 ILE A CD1  1 
ATOM   1467 H H    . ILE A 1 155 ? -5.299  11.852  -3.213  1.00 0.00  ? 156 ILE A H    1 
ATOM   1468 N N    . THR A 1 156 ? -1.686  11.401  -4.683  1.00 24.98 ? 157 THR A N    1 
ATOM   1469 C CA   . THR A 1 156 ? -1.290  10.545  -5.790  1.00 23.76 ? 157 THR A CA   1 
ATOM   1470 C C    . THR A 1 156 ? 0.135   10.112  -5.568  1.00 24.16 ? 157 THR A C    1 
ATOM   1471 O O    . THR A 1 156 ? 0.891   10.760  -4.828  1.00 25.54 ? 157 THR A O    1 
ATOM   1472 C CB   . THR A 1 156 ? -1.417  11.313  -7.148  1.00 26.16 ? 157 THR A CB   1 
ATOM   1473 O OG1  . THR A 1 156 ? -0.788  12.583  -6.999  1.00 28.65 ? 157 THR A OG1  1 
ATOM   1474 C CG2  . THR A 1 156 ? -2.876  11.547  -7.559  1.00 26.12 ? 157 THR A CG2  1 
ATOM   1475 H H    . THR A 1 156 ? -1.048  12.084  -4.381  1.00 0.00  ? 157 THR A H    1 
ATOM   1476 H HG1  . THR A 1 156 ? -0.873  12.822  -6.072  1.00 0.00  ? 157 THR A HG1  1 
ATOM   1477 N N    . ILE A 1 157 ? 0.512   9.009   -6.184  1.00 23.31 ? 158 ILE A N    1 
ATOM   1478 C CA   . ILE A 1 157 ? 1.859   8.507   -6.160  1.00 22.34 ? 158 ILE A CA   1 
ATOM   1479 C C    . ILE A 1 157 ? 2.388   9.128   -7.453  1.00 24.17 ? 158 ILE A C    1 
ATOM   1480 O O    . ILE A 1 157 ? 2.130   8.645   -8.564  1.00 24.78 ? 158 ILE A O    1 
ATOM   1481 C CB   . ILE A 1 157 ? 1.830   6.992   -6.237  1.00 22.82 ? 158 ILE A CB   1 
ATOM   1482 C CG1  . ILE A 1 157 ? 1.004   6.395   -5.086  1.00 23.69 ? 158 ILE A CG1  1 
ATOM   1483 C CG2  . ILE A 1 157 ? 3.268   6.517   -6.258  1.00 23.42 ? 158 ILE A CG2  1 
ATOM   1484 C CD1  . ILE A 1 157 ? 0.875   4.861   -5.098  1.00 21.46 ? 158 ILE A CD1  1 
ATOM   1485 H H    . ILE A 1 157 ? -0.134  8.523   -6.727  1.00 0.00  ? 158 ILE A H    1 
ATOM   1486 N N    . ALA A 1 158 ? 3.107   10.234  -7.298  1.00 23.97 ? 159 ALA A N    1 
ATOM   1487 C CA   . ALA A 1 158 ? 3.672   10.972  -8.413  1.00 23.43 ? 159 ALA A CA   1 
ATOM   1488 C C    . ALA A 1 158 ? 4.802   10.172  -9.012  1.00 23.90 ? 159 ALA A C    1 
ATOM   1489 O O    . ALA A 1 158 ? 4.904   10.096  -10.243 1.00 26.46 ? 159 ALA A O    1 
ATOM   1490 C CB   . ALA A 1 158 ? 4.176   12.317  -7.930  1.00 21.53 ? 159 ALA A CB   1 
ATOM   1491 H H    . ALA A 1 158 ? 3.302   10.521  -6.379  1.00 0.00  ? 159 ALA A H    1 
ATOM   1492 N N    . ASP A 1 159 ? 5.623   9.507   -8.210  1.00 22.99 ? 160 ASP A N    1 
ATOM   1493 C CA   . ASP A 1 159 ? 6.637   8.689   -8.812  1.00 21.43 ? 160 ASP A CA   1 
ATOM   1494 C C    . ASP A 1 159 ? 6.901   7.598   -7.811  1.00 22.61 ? 160 ASP A C    1 
ATOM   1495 O O    . ASP A 1 159 ? 6.537   7.712   -6.637  1.00 22.92 ? 160 ASP A O    1 
ATOM   1496 C CB   . ASP A 1 159 ? 7.874   9.536   -9.053  1.00 25.41 ? 160 ASP A CB   1 
ATOM   1497 C CG   . ASP A 1 159 ? 8.914   8.932   -9.989  1.00 30.20 ? 160 ASP A CG   1 
ATOM   1498 O OD1  . ASP A 1 159 ? 8.664   7.888   -10.615 1.00 31.63 ? 160 ASP A OD1  1 
ATOM   1499 O OD2  . ASP A 1 159 ? 9.986   9.532   -10.146 1.00 33.36 ? 160 ASP A OD2  1 
ATOM   1500 H H    . ASP A 1 159 ? 5.547   9.532   -7.230  1.00 0.00  ? 160 ASP A H    1 
ATOM   1501 N N    . CYS A 1 160 ? 7.523   6.520   -8.242  1.00 21.75 ? 161 CYS A N    1 
ATOM   1502 C CA   . CYS A 1 160 ? 7.755   5.366   -7.415  1.00 21.68 ? 161 CYS A CA   1 
ATOM   1503 C C    . CYS A 1 160 ? 8.739   4.489   -8.156  1.00 22.03 ? 161 CYS A C    1 
ATOM   1504 O O    . CYS A 1 160 ? 8.849   4.557   -9.390  1.00 23.27 ? 161 CYS A O    1 
ATOM   1505 C CB   . CYS A 1 160 ? 6.431   4.612   -7.175  1.00 24.01 ? 161 CYS A CB   1 
ATOM   1506 S SG   . CYS A 1 160 ? 5.495   4.051   -8.635  1.00 26.71 ? 161 CYS A SG   1 
ATOM   1507 H H    . CYS A 1 160 ? 7.937   6.534   -9.135  1.00 0.00  ? 161 CYS A H    1 
ATOM   1508 N N    . GLY A 1 161 ? 9.493   3.654   -7.459  1.00 21.34 ? 162 GLY A N    1 
ATOM   1509 C CA   . GLY A 1 161 ? 10.477  2.796   -8.099  1.00 21.31 ? 162 GLY A CA   1 
ATOM   1510 C C    . GLY A 1 161 ? 11.281  2.130   -7.001  1.00 25.74 ? 162 GLY A C    1 
ATOM   1511 O O    . GLY A 1 161 ? 10.912  2.256   -5.830  1.00 25.79 ? 162 GLY A O    1 
ATOM   1512 H H    . GLY A 1 161 ? 9.406   3.614   -6.481  1.00 0.00  ? 162 GLY A H    1 
ATOM   1513 N N    . GLN A 1 162 ? 12.386  1.468   -7.308  1.00 28.57 ? 163 GLN A N    1 
ATOM   1514 C CA   . GLN A 1 162 ? 13.129  0.723   -6.300  1.00 32.67 ? 163 GLN A CA   1 
ATOM   1515 C C    . GLN A 1 162 ? 14.363  1.511   -5.873  1.00 38.36 ? 163 GLN A C    1 
ATOM   1516 O O    . GLN A 1 162 ? 14.818  2.347   -6.649  1.00 42.49 ? 163 GLN A O    1 
ATOM   1517 C CB   . GLN A 1 162 ? 13.488  -0.624  -6.917  1.00 30.36 ? 163 GLN A CB   1 
ATOM   1518 C CG   . GLN A 1 162 ? 13.907  -1.687  -5.916  1.00 29.53 ? 163 GLN A CG   1 
ATOM   1519 C CD   . GLN A 1 162 ? 14.041  -3.093  -6.485  1.00 31.17 ? 163 GLN A CD   1 
ATOM   1520 O OE1  . GLN A 1 162 ? 13.457  -3.425  -7.526  1.00 33.16 ? 163 GLN A OE1  1 
ATOM   1521 N NE2  . GLN A 1 162 ? 14.779  -4.022  -5.888  1.00 32.18 ? 163 GLN A NE2  1 
ATOM   1522 H H    . GLN A 1 162 ? 12.820  1.621   -8.170  1.00 0.00  ? 163 GLN A H    1 
ATOM   1523 H HE21 . GLN A 1 162 ? 14.854  -4.902  -6.293  1.00 0.00  ? 163 GLN A HE21 1 
ATOM   1524 H HE22 . GLN A 1 162 ? 15.272  -3.777  -5.066  1.00 0.00  ? 163 GLN A HE22 1 
ATOM   1525 N N    . LEU A 1 163 ? 14.908  1.278   -4.678  1.00 44.10 ? 164 LEU A N    1 
ATOM   1526 C CA   . LEU A 1 163 ? 16.100  1.918   -4.118  1.00 50.59 ? 164 LEU A CA   1 
ATOM   1527 C C    . LEU A 1 163 ? 17.201  0.928   -3.673  1.00 57.43 ? 164 LEU A C    1 
ATOM   1528 O O    . LEU A 1 163 ? 18.376  1.313   -3.677  1.00 60.54 ? 164 LEU A O    1 
ATOM   1529 C CB   . LEU A 1 163 ? 15.795  2.743   -2.874  1.00 48.12 ? 164 LEU A CB   1 
ATOM   1530 C CG   . LEU A 1 163 ? 14.880  3.936   -2.877  1.00 47.60 ? 164 LEU A CG   1 
ATOM   1531 C CD1  . LEU A 1 163 ? 14.770  4.518   -1.476  1.00 46.06 ? 164 LEU A CD1  1 
ATOM   1532 C CD2  . LEU A 1 163 ? 15.444  4.983   -3.803  1.00 47.30 ? 164 LEU A CD2  1 
ATOM   1533 H H    . LEU A 1 163 ? 14.498  0.563   -4.162  1.00 0.00  ? 164 LEU A H    1 
ATOM   1534 N N    . GLU A 1 164 ? 16.856  -0.295  -3.235  1.00 63.72 ? 165 GLU A N    1 
ATOM   1535 C CA   . GLU A 1 164 ? 17.722  -1.387  -2.746  1.00 68.02 ? 165 GLU A CA   1 
ATOM   1536 C C    . GLU A 1 164 ? 17.025  -2.672  -3.262  1.00 68.17 ? 165 GLU A C    1 
ATOM   1537 O O    . GLU A 1 164 ? 17.625  -3.748  -3.346  1.00 67.88 ? 165 GLU A O    1 
ATOM   1538 C CB   . GLU A 1 164 ? 17.773  -1.375  -1.178  1.00 73.59 ? 165 GLU A CB   1 
ATOM   1539 C CG   . GLU A 1 164 ? 18.356  -2.583  -0.342  1.00 80.36 ? 165 GLU A CG   1 
ATOM   1540 C CD   . GLU A 1 164 ? 17.986  -2.706  1.158   1.00 83.85 ? 165 GLU A CD   1 
ATOM   1541 O OE1  . GLU A 1 164 ? 17.555  -1.733  1.781   1.00 86.67 ? 165 GLU A OE1  1 
ATOM   1542 O OE2  . GLU A 1 164 ? 18.121  -3.792  1.753   1.00 84.95 ? 165 GLU A OE2  1 
ATOM   1543 O OXT  . GLU A 1 164 ? 15.840  -2.601  -3.595  1.00 68.01 ? 165 GLU A OXT  1 
ATOM   1544 H H    . GLU A 1 164 ? 15.920  -0.565  -3.327  1.00 0.00  ? 165 GLU A H    1 
HETATM 1545 N N    . GLY B 2 .   ? -11.439 -4.217  1.685   1.00 37.14 ? 201 GLY A N    1 
HETATM 1546 C CA   . GLY B 2 .   ? -11.337 -3.744  3.037   1.00 32.38 ? 201 GLY A CA   1 
HETATM 1547 C C    . GLY B 2 .   ? -9.855  -3.662  3.307   1.00 32.56 ? 201 GLY A C    1 
HETATM 1548 O O    . GLY B 2 .   ? -9.074  -4.294  2.572   1.00 30.95 ? 201 GLY A O    1 
HETATM 1549 H H1   . GLY B 2 .   ? -10.845 -3.558  1.139   1.00 0.00  ? 201 GLY A H1   1 
HETATM 1550 H H2   . GLY B 2 .   ? -11.027 -5.172  1.625   1.00 0.00  ? 201 GLY A H2   1 
HETATM 1551 H H3   . GLY B 2 .   ? -12.408 -4.195  1.344   1.00 0.00  ? 201 GLY A H3   1 
HETATM 1552 N N    . PRO C 3 .   ? -9.425  -3.005  4.369   1.00 33.49 ? 202 PRO A N    1 
HETATM 1553 C CA   . PRO C 3 .   ? -10.268 -2.414  5.416   1.00 34.03 ? 202 PRO A CA   1 
HETATM 1554 C C    . PRO C 3 .   ? -11.002 -1.108  5.093   1.00 35.40 ? 202 PRO A C    1 
HETATM 1555 O O    . PRO C 3 .   ? -10.989 -0.699  3.933   1.00 35.53 ? 202 PRO A O    1 
HETATM 1556 C CB   . PRO C 3 .   ? -9.320  -2.284  6.579   1.00 33.61 ? 202 PRO A CB   1 
HETATM 1557 C CG   . PRO C 3 .   ? -8.045  -2.967  6.159   1.00 32.99 ? 202 PRO A CG   1 
HETATM 1558 C CD   . PRO C 3 .   ? -8.025  -2.823  4.675   1.00 33.23 ? 202 PRO A CD   1 
HETATM 1559 O OXT  . PRO C 3 .   ? -11.646 -0.539  5.979   1.00 35.28 ? 202 PRO A OXT  1 
HETATM 1560 O O    . HOH D 4 .   ? -1.881  -11.038 9.211   1.00 23.91 ? 203 HOH A O    1 
HETATM 1561 H H1   . HOH D 4 .   ? -2.062  -10.611 8.365   1.00 0.00  ? 203 HOH A H1   1 
HETATM 1562 H H2   . HOH D 4 .   ? -0.915  -10.925 9.218   1.00 0.00  ? 203 HOH A H2   1 
HETATM 1563 O O    . HOH D 4 .   ? 2.977   -12.508 6.472   1.00 23.76 ? 204 HOH A O    1 
HETATM 1564 H H1   . HOH D 4 .   ? 3.155   -13.187 5.809   1.00 0.00  ? 204 HOH A H1   1 
HETATM 1565 H H2   . HOH D 4 .   ? 2.679   -11.755 5.936   1.00 0.00  ? 204 HOH A H2   1 
HETATM 1566 O O    . HOH D 4 .   ? -7.297  -12.096 0.164   1.00 19.49 ? 205 HOH A O    1 
HETATM 1567 H H1   . HOH D 4 .   ? -6.425  -12.329 0.503   1.00 0.00  ? 205 HOH A H1   1 
HETATM 1568 H H2   . HOH D 4 .   ? -7.848  -12.284 0.933   1.00 0.00  ? 205 HOH A H2   1 
HETATM 1569 O O    . HOH D 4 .   ? 1.417   -7.083  -3.247  1.00 27.38 ? 206 HOH A O    1 
HETATM 1570 H H1   . HOH D 4 .   ? 0.947   -6.515  -2.624  1.00 0.00  ? 206 HOH A H1   1 
HETATM 1571 H H2   . HOH D 4 .   ? 2.166   -7.419  -2.743  1.00 0.00  ? 206 HOH A H2   1 
HETATM 1572 O O    . HOH D 4 .   ? -7.245  10.809  -3.322  1.00 28.62 ? 207 HOH A O    1 
HETATM 1573 H H1   . HOH D 4 .   ? -6.844  10.015  -2.945  1.00 0.00  ? 207 HOH A H1   1 
HETATM 1574 H H2   . HOH D 4 .   ? -7.793  11.102  -2.574  1.00 0.00  ? 207 HOH A H2   1 
HETATM 1575 O O    . HOH D 4 .   ? -0.858  -12.917 -0.518  1.00 26.11 ? 208 HOH A O    1 
HETATM 1576 H H1   . HOH D 4 .   ? -1.462  -12.191 -0.658  1.00 0.00  ? 208 HOH A H1   1 
HETATM 1577 H H2   . HOH D 4 .   ? -0.932  -13.434 -1.331  1.00 0.00  ? 208 HOH A H2   1 
HETATM 1578 O O    . HOH D 4 .   ? -5.708  -6.138  -3.074  1.00 27.90 ? 209 HOH A O    1 
HETATM 1579 H H1   . HOH D 4 .   ? -6.294  -6.585  -2.448  1.00 0.00  ? 209 HOH A H1   1 
HETATM 1580 H H2   . HOH D 4 .   ? -5.042  -5.805  -2.452  1.00 0.00  ? 209 HOH A H2   1 
HETATM 1581 O O    . HOH D 4 .   ? 0.482   -11.663 7.351   1.00 24.51 ? 210 HOH A O    1 
HETATM 1582 H H1   . HOH D 4 .   ? -0.138  -12.401 7.350   1.00 0.00  ? 210 HOH A H1   1 
HETATM 1583 H H2   . HOH D 4 .   ? 1.085   -11.885 8.071   1.00 0.00  ? 210 HOH A H2   1 
HETATM 1584 O O    . HOH D 4 .   ? -11.633 -2.647  10.356  1.00 23.88 ? 211 HOH A O    1 
HETATM 1585 H H1   . HOH D 4 .   ? -11.692 -3.594  10.576  1.00 0.00  ? 211 HOH A H1   1 
HETATM 1586 H H2   . HOH D 4 .   ? -12.121 -2.227  11.081  1.00 0.00  ? 211 HOH A H2   1 
HETATM 1587 O O    . HOH D 4 .   ? 4.571   -3.719  -13.349 1.00 25.71 ? 212 HOH A O    1 
HETATM 1588 H H1   . HOH D 4 .   ? 4.335   -2.784  -13.347 1.00 0.00  ? 212 HOH A H1   1 
HETATM 1589 H H2   . HOH D 4 .   ? 4.391   -3.933  -12.433 1.00 0.00  ? 212 HOH A H2   1 
HETATM 1590 O O    . HOH D 4 .   ? -11.031 -18.722 -0.849  1.00 33.25 ? 213 HOH A O    1 
HETATM 1591 H H1   . HOH D 4 .   ? -11.757 -19.360 -0.789  1.00 0.00  ? 213 HOH A H1   1 
HETATM 1592 H H2   . HOH D 4 .   ? -11.439 -17.979 -1.313  1.00 0.00  ? 213 HOH A H2   1 
HETATM 1593 O O    . HOH D 4 .   ? -0.593  -2.342  12.383  1.00 29.70 ? 214 HOH A O    1 
HETATM 1594 H H1   . HOH D 4 .   ? -1.393  -1.930  12.020  1.00 0.00  ? 214 HOH A H1   1 
HETATM 1595 H H2   . HOH D 4 .   ? 0.006   -1.590  12.447  1.00 0.00  ? 214 HOH A H2   1 
HETATM 1596 O O    . HOH D 4 .   ? -8.880  -13.160 4.259   1.00 55.21 ? 215 HOH A O    1 
HETATM 1597 H H1   . HOH D 4 .   ? -8.714  -13.675 5.052   1.00 0.00  ? 215 HOH A H1   1 
HETATM 1598 H H2   . HOH D 4 .   ? -7.996  -13.109 3.865   1.00 0.00  ? 215 HOH A H2   1 
HETATM 1599 O O    . HOH D 4 .   ? -7.384  -16.211 6.625   1.00 53.19 ? 216 HOH A O    1 
HETATM 1600 H H1   . HOH D 4 .   ? -7.653  -16.132 5.696   1.00 0.00  ? 216 HOH A H1   1 
HETATM 1601 H H2   . HOH D 4 .   ? -7.906  -15.499 7.025   1.00 0.00  ? 216 HOH A H2   1 
HETATM 1602 O O    . HOH D 4 .   ? -1.781  -19.754 3.799   1.00 52.58 ? 217 HOH A O    1 
HETATM 1603 H H1   . HOH D 4 .   ? -1.859  -18.993 3.202   1.00 0.00  ? 217 HOH A H1   1 
HETATM 1604 H H2   . HOH D 4 .   ? -2.732  -19.916 3.967   1.00 0.00  ? 217 HOH A H2   1 
HETATM 1605 O O    . HOH D 4 .   ? 4.536   2.100   -11.535 1.00 33.09 ? 218 HOH A O    1 
HETATM 1606 H H1   . HOH D 4 .   ? 4.997   1.429   -11.011 1.00 0.00  ? 218 HOH A H1   1 
HETATM 1607 H H2   . HOH D 4 .   ? 5.136   2.862   -11.444 1.00 0.00  ? 218 HOH A H2   1 
HETATM 1608 O O    . HOH D 4 .   ? -0.789  -7.561  16.116  1.00 33.82 ? 219 HOH A O    1 
HETATM 1609 H H1   . HOH D 4 .   ? -1.195  -8.418  15.894  1.00 0.00  ? 219 HOH A H1   1 
HETATM 1610 H H2   . HOH D 4 .   ? -1.246  -6.999  15.488  1.00 0.00  ? 219 HOH A H2   1 
HETATM 1611 O O    . HOH D 4 .   ? -4.416  -10.385 2.332   1.00 33.40 ? 220 HOH A O    1 
HETATM 1612 H H1   . HOH D 4 .   ? -4.627  -11.325 2.222   1.00 0.00  ? 220 HOH A H1   1 
HETATM 1613 H H2   . HOH D 4 .   ? -4.137  -10.227 1.428   1.00 0.00  ? 220 HOH A H2   1 
HETATM 1614 O O    . HOH D 4 .   ? 12.541  9.080   7.810   1.00 36.86 ? 221 HOH A O    1 
HETATM 1615 H H1   . HOH D 4 .   ? 13.106  8.384   7.443   1.00 0.00  ? 221 HOH A H1   1 
HETATM 1616 H H2   . HOH D 4 .   ? 12.924  9.157   8.704   1.00 0.00  ? 221 HOH A H2   1 
HETATM 1617 O O    . HOH D 4 .   ? -11.078 8.949   11.908  1.00 39.15 ? 222 HOH A O    1 
HETATM 1618 H H1   . HOH D 4 .   ? -10.323 9.059   12.496  1.00 0.00  ? 222 HOH A H1   1 
HETATM 1619 H H2   . HOH D 4 .   ? -10.839 8.146   11.440  1.00 0.00  ? 222 HOH A H2   1 
HETATM 1620 O O    . HOH D 4 .   ? -1.884  14.975  -6.215  1.00 36.13 ? 223 HOH A O    1 
HETATM 1621 H H1   . HOH D 4 .   ? -1.476  14.360  -6.838  1.00 0.00  ? 223 HOH A H1   1 
HETATM 1622 H H2   . HOH D 4 .   ? -2.051  14.465  -5.412  1.00 0.00  ? 223 HOH A H2   1 
HETATM 1623 O O    . HOH D 4 .   ? -14.557 -0.407  -17.247 1.00 28.04 ? 224 HOH A O    1 
HETATM 1624 H H1   . HOH D 4 .   ? -15.507 -0.294  -17.383 1.00 0.00  ? 224 HOH A H1   1 
HETATM 1625 H H2   . HOH D 4 .   ? -14.260 -0.297  -18.165 1.00 0.00  ? 224 HOH A H2   1 
HETATM 1626 O O    . HOH D 4 .   ? -6.340  3.730   -5.387  1.00 26.15 ? 225 HOH A O    1 
HETATM 1627 H H1   . HOH D 4 .   ? -6.453  3.504   -6.328  1.00 0.00  ? 225 HOH A H1   1 
HETATM 1628 H H2   . HOH D 4 .   ? -5.631  4.384   -5.407  1.00 0.00  ? 225 HOH A H2   1 
HETATM 1629 O O    . HOH D 4 .   ? 7.411   4.074   -11.787 1.00 41.52 ? 226 HOH A O    1 
HETATM 1630 H H1   . HOH D 4 .   ? 7.810   4.451   -10.982 1.00 0.00  ? 226 HOH A H1   1 
HETATM 1631 H H2   . HOH D 4 .   ? 7.872   3.226   -11.850 1.00 0.00  ? 226 HOH A H2   1 
HETATM 1632 O O    . HOH D 4 .   ? 0.704   -21.218 4.108   1.00 42.98 ? 227 HOH A O    1 
HETATM 1633 H H1   . HOH D 4 .   ? -0.197  -20.815 4.028   1.00 0.00  ? 227 HOH A H1   1 
HETATM 1634 H H2   . HOH D 4 .   ? 1.060   -20.654 4.805   1.00 0.00  ? 227 HOH A H2   1 
HETATM 1635 O O    . HOH D 4 .   ? 6.896   -14.832 -8.160  1.00 54.82 ? 228 HOH A O    1 
HETATM 1636 H H1   . HOH D 4 .   ? 7.674   -14.286 -8.344  1.00 0.00  ? 228 HOH A H1   1 
HETATM 1637 H H2   . HOH D 4 .   ? 6.313   -14.136 -7.794  1.00 0.00  ? 228 HOH A H2   1 
HETATM 1638 O O    . HOH D 4 .   ? -5.310  -19.138 -8.942  1.00 48.87 ? 229 HOH A O    1 
HETATM 1639 H H1   . HOH D 4 .   ? -5.854  -19.870 -9.304  1.00 0.00  ? 229 HOH A H1   1 
HETATM 1640 H H2   . HOH D 4 .   ? -4.421  -19.515 -8.996  1.00 0.00  ? 229 HOH A H2   1 
HETATM 1641 O O    . HOH D 4 .   ? 11.625  11.807  7.489   1.00 38.84 ? 230 HOH A O    1 
HETATM 1642 H H1   . HOH D 4 .   ? 11.584  11.017  8.039   1.00 0.00  ? 230 HOH A H1   1 
HETATM 1643 H H2   . HOH D 4 .   ? 10.818  12.280  7.734   1.00 0.00  ? 230 HOH A H2   1 
HETATM 1644 O O    . HOH D 4 .   ? 5.418   -1.160  14.203  1.00 45.93 ? 231 HOH A O    1 
HETATM 1645 H H1   . HOH D 4 .   ? 5.800   -2.035  14.283  1.00 0.00  ? 231 HOH A H1   1 
HETATM 1646 H H2   . HOH D 4 .   ? 5.865   -0.759  13.450  1.00 0.00  ? 231 HOH A H2   1 
HETATM 1647 O O    . HOH D 4 .   ? 15.167  9.300   -1.200  1.00 48.13 ? 232 HOH A O    1 
HETATM 1648 H H1   . HOH D 4 .   ? 14.911  8.775   -0.426  1.00 0.00  ? 232 HOH A H1   1 
HETATM 1649 H H2   . HOH D 4 .   ? 15.407  10.153  -0.788  1.00 0.00  ? 232 HOH A H2   1 
HETATM 1650 O O    . HOH D 4 .   ? -1.503  -19.613 6.673   1.00 41.67 ? 233 HOH A O    1 
HETATM 1651 H H1   . HOH D 4 .   ? -1.914  -20.372 7.096   1.00 0.00  ? 233 HOH A H1   1 
HETATM 1652 H H2   . HOH D 4 .   ? -2.180  -19.356 6.029   1.00 0.00  ? 233 HOH A H2   1 
HETATM 1653 O O    . HOH D 4 .   ? -6.467  -3.691  -16.810 1.00 55.84 ? 234 HOH A O    1 
HETATM 1654 H H1   . HOH D 4 .   ? -6.321  -3.468  -17.737 1.00 0.00  ? 234 HOH A H1   1 
HETATM 1655 H H2   . HOH D 4 .   ? -7.196  -3.093  -16.581 1.00 0.00  ? 234 HOH A H2   1 
HETATM 1656 O O    . HOH D 4 .   ? -0.747  1.290   -15.160 1.00 41.49 ? 235 HOH A O    1 
HETATM 1657 H H1   . HOH D 4 .   ? -0.288  2.026   -14.731 1.00 0.00  ? 235 HOH A H1   1 
HETATM 1658 H H2   . HOH D 4 .   ? -0.380  1.322   -16.068 1.00 0.00  ? 235 HOH A H2   1 
HETATM 1659 O O    . HOH D 4 .   ? 3.710   2.037   -14.120 1.00 46.99 ? 236 HOH A O    1 
HETATM 1660 H H1   . HOH D 4 .   ? 4.589   2.149   -14.476 1.00 0.00  ? 236 HOH A H1   1 
HETATM 1661 H H2   . HOH D 4 .   ? 3.900   2.010   -13.161 1.00 0.00  ? 236 HOH A H2   1 
HETATM 1662 O O    . HOH D 4 .   ? -11.168 -10.454 4.416   1.00 38.66 ? 237 HOH A O    1 
HETATM 1663 H H1   . HOH D 4 .   ? -11.324 -11.351 4.103   1.00 0.00  ? 237 HOH A H1   1 
HETATM 1664 H H2   . HOH D 4 .   ? -10.231 -10.352 4.188   1.00 0.00  ? 237 HOH A H2   1 
HETATM 1665 O O    . HOH D 4 .   ? -11.232 9.439   -1.570  1.00 35.91 ? 238 HOH A O    1 
HETATM 1666 H H1   . HOH D 4 .   ? -11.370 8.511   -1.354  1.00 0.00  ? 238 HOH A H1   1 
HETATM 1667 H H2   . HOH D 4 .   ? -10.284 9.536   -1.420  1.00 0.00  ? 238 HOH A H2   1 
HETATM 1668 O O    . HOH D 4 .   ? 0.329   1.868   -17.923 1.00 50.61 ? 239 HOH A O    1 
HETATM 1669 H H1   . HOH D 4 .   ? 0.571   2.690   -18.386 1.00 0.00  ? 239 HOH A H1   1 
HETATM 1670 H H2   . HOH D 4 .   ? 0.987   1.240   -18.254 1.00 0.00  ? 239 HOH A H2   1 
HETATM 1671 O O    . HOH D 4 .   ? -2.317  4.112   -5.321  1.00 36.67 ? 240 HOH A O    1 
HETATM 1672 H H1   . HOH D 4 .   ? -2.762  4.936   -5.085  1.00 0.00  ? 240 HOH A H1   1 
HETATM 1673 H H2   . HOH D 4 .   ? -1.450  4.222   -4.915  1.00 0.00  ? 240 HOH A H2   1 
HETATM 1674 O O    . HOH D 4 .   ? 19.302  3.406   -5.321  1.00 51.04 ? 241 HOH A O    1 
HETATM 1675 H H1   . HOH D 4 .   ? 20.176  3.085   -5.108  1.00 0.00  ? 241 HOH A H1   1 
HETATM 1676 H H2   . HOH D 4 .   ? 18.747  2.783   -4.842  1.00 0.00  ? 241 HOH A H2   1 
HETATM 1677 O O    . HOH D 4 .   ? 9.910   9.527   -13.103 1.00 57.89 ? 242 HOH A O    1 
HETATM 1678 H H1   . HOH D 4 .   ? 10.381  10.372  -13.103 1.00 0.00  ? 242 HOH A H1   1 
HETATM 1679 H H2   . HOH D 4 .   ? 10.079  9.277   -12.158 1.00 0.00  ? 242 HOH A H2   1 
HETATM 1680 O O    . HOH D 4 .   ? -11.821 -7.362  3.463   1.00 47.86 ? 243 HOH A O    1 
HETATM 1681 H H1   . HOH D 4 .   ? -11.360 -8.178  3.173   1.00 0.00  ? 243 HOH A H1   1 
HETATM 1682 H H2   . HOH D 4 .   ? -12.745 -7.557  3.279   1.00 0.00  ? 243 HOH A H2   1 
HETATM 1683 O O    . HOH D 4 .   ? -9.048  16.342  5.592   1.00 53.86 ? 244 HOH A O    1 
HETATM 1684 H H1   . HOH D 4 .   ? -8.556  16.145  6.404   1.00 0.00  ? 244 HOH A H1   1 
HETATM 1685 H H2   . HOH D 4 .   ? -9.465  17.188  5.783   1.00 0.00  ? 244 HOH A H2   1 
HETATM 1686 O O    . HOH D 4 .   ? -12.238 -5.132  9.659   1.00 38.95 ? 245 HOH A O    1 
HETATM 1687 H H1   . HOH D 4 .   ? -12.124 -4.606  8.854   1.00 0.00  ? 245 HOH A H1   1 
HETATM 1688 H H2   . HOH D 4 .   ? -13.142 -4.888  9.925   1.00 0.00  ? 245 HOH A H2   1 
HETATM 1689 O O    . HOH D 4 .   ? -15.598 3.068   5.453   1.00 30.65 ? 246 HOH A O    1 
HETATM 1690 H H1   . HOH D 4 .   ? -16.556 3.186   5.429   1.00 0.00  ? 246 HOH A H1   1 
HETATM 1691 H H2   . HOH D 4 .   ? -15.490 3.194   6.429   1.00 0.00  ? 246 HOH A H2   1 
HETATM 1692 O O    . HOH D 4 .   ? -6.749  -5.033  -6.313  1.00 32.03 ? 247 HOH A O    1 
HETATM 1693 H H1   . HOH D 4 .   ? -7.283  -5.638  -6.847  1.00 0.00  ? 247 HOH A H1   1 
HETATM 1694 H H2   . HOH D 4 .   ? -7.421  -4.462  -5.913  1.00 0.00  ? 247 HOH A H2   1 
HETATM 1695 O O    . HOH D 4 .   ? -10.498 -2.294  0.061   1.00 53.03 ? 248 HOH A O    1 
HETATM 1696 H H1   . HOH D 4 .   ? -9.570  -2.010  0.155   1.00 0.00  ? 248 HOH A H1   1 
HETATM 1697 H H2   . HOH D 4 .   ? -10.656 -2.197  -0.895  1.00 0.00  ? 248 HOH A H2   1 
HETATM 1698 O O    . HOH D 4 .   ? -12.942 -1.184  8.342   1.00 33.11 ? 249 HOH A O    1 
HETATM 1699 H H1   . HOH D 4 .   ? -12.383 -1.711  8.947   1.00 0.00  ? 249 HOH A H1   1 
HETATM 1700 H H2   . HOH D 4 .   ? -12.265 -0.680  7.870   1.00 0.00  ? 249 HOH A H2   1 
HETATM 1701 O O    . HOH D 4 .   ? -13.327 1.621   10.025  1.00 34.91 ? 250 HOH A O    1 
HETATM 1702 H H1   . HOH D 4 .   ? -13.938 1.715   10.774  1.00 0.00  ? 250 HOH A H1   1 
HETATM 1703 H H2   . HOH D 4 .   ? -13.603 0.759   9.685   1.00 0.00  ? 250 HOH A H2   1 
# 
